data_6QQP
#
_entry.id   6QQP
#
_cell.length_a   209.530
_cell.length_b   136.948
_cell.length_c   131.552
_cell.angle_alpha   90.00
_cell.angle_beta   102.74
_cell.angle_gamma   90.00
#
_symmetry.space_group_name_H-M   'C 1 2 1'
#
loop_
_entity.id
_entity.type
_entity.pdbx_description
1 polymer 'Soluble acetylcholine receptor'
2 non-polymer 2-[5-[(1~{R},2~{R},4~{S})-7-azabicyclo[2.2.1]heptan-2-yl]-2-fluoranyl-pyridin-3-yl]pyridine-4-carboxamide
3 non-polymer 1,2-ETHANEDIOL
4 non-polymer 2-acetamido-2-deoxy-beta-D-glucopyranose
5 water water
#
_entity_poly.entity_id   1
_entity_poly.type   'polypeptide(L)'
_entity_poly.pdbx_seq_one_letter_code
;MLVSVYLALLVACVGQAHSQANLMRLKSDLFNRSPMYPGPTKDDPLTVTLGFTLQDIVKVDSSTNEVDLVYYEQQRWKLN
SLMWDPNEYGNITDFRTSAADIWTPDITAYSSTRPVQVLSPQIAVVTHDGSVMFIPAQRLSFMCDPTGVDSEEGVTCAVK
FGSWVYSGFEIDLKTDTDQVDLSSYYASSKYEILSATQTRQVQHYSCCPEPYIDVNLVVKFRERRAGNGFFRNLFDENLY
FQGHHHHHH
;
_entity_poly.pdbx_strand_id   A,B,C,D,E,F,G,H,I,J
#
loop_
_chem_comp.id
_chem_comp.type
_chem_comp.name
_chem_comp.formula
EDO non-polymer 1,2-ETHANEDIOL 'C2 H6 O2'
JCW non-polymer 2-[5-[(1~{R},2~{R},4~{S})-7-azabicyclo[2.2.1]heptan-2-yl]-2-fluoranyl-pyridin-3-yl]pyridine-4-carboxamide 'C17 H17 F N4 O'
NAG D-saccharide, beta linking 2-acetamido-2-deoxy-beta-D-glucopyranose 'C8 H15 N O6'
#
# COMPACT_ATOMS: atom_id res chain seq x y z
N GLN A 20 -18.41 -5.21 -20.49
CA GLN A 20 -17.80 -4.69 -19.24
C GLN A 20 -16.30 -4.89 -19.25
N ALA A 21 -15.85 -6.12 -19.56
CA ALA A 21 -14.43 -6.52 -19.45
C ALA A 21 -13.50 -5.59 -20.25
N ASN A 22 -13.84 -5.39 -21.51
CA ASN A 22 -13.05 -4.52 -22.37
C ASN A 22 -13.02 -3.06 -21.90
N LEU A 23 -14.16 -2.54 -21.45
CA LEU A 23 -14.22 -1.18 -20.92
C LEU A 23 -13.43 -1.03 -19.61
N MET A 24 -13.58 -2.00 -18.69
CA MET A 24 -12.79 -1.99 -17.45
C MET A 24 -11.29 -1.97 -17.73
N ARG A 25 -10.88 -2.72 -18.73
CA ARG A 25 -9.50 -2.82 -19.15
C ARG A 25 -9.03 -1.50 -19.78
N LEU A 26 -9.84 -0.93 -20.67
CA LEU A 26 -9.57 0.40 -21.23
C LEU A 26 -9.43 1.50 -20.16
N LYS A 27 -10.34 1.52 -19.21
CA LYS A 27 -10.30 2.55 -18.18
C LYS A 27 -9.10 2.38 -17.27
N SER A 28 -8.81 1.13 -16.91
CA SER A 28 -7.60 0.82 -16.17
C SER A 28 -6.32 1.26 -16.93
N ASP A 29 -6.27 0.99 -18.23
CA ASP A 29 -5.12 1.46 -19.02
C ASP A 29 -4.99 2.99 -19.13
N LEU A 30 -6.11 3.71 -19.27
CA LEU A 30 -6.04 5.17 -19.34
C LEU A 30 -5.74 5.84 -18.01
N PHE A 31 -6.26 5.33 -16.90
CA PHE A 31 -6.24 6.09 -15.63
C PHE A 31 -5.35 5.54 -14.51
N ASN A 32 -5.11 4.23 -14.45
CA ASN A 32 -4.27 3.65 -13.40
C ASN A 32 -2.79 3.62 -13.75
N ARG A 33 -2.43 3.75 -15.02
CA ARG A 33 -1.05 3.54 -15.47
C ARG A 33 -0.17 4.78 -15.56
N SER A 34 -0.74 5.97 -15.48
CA SER A 34 0.03 7.21 -15.58
C SER A 34 -0.38 8.17 -14.46
N PRO A 35 0.45 9.20 -14.16
CA PRO A 35 -0.08 10.32 -13.35
C PRO A 35 -1.11 11.11 -14.17
N MET A 36 -2.04 11.80 -13.49
CA MET A 36 -3.11 12.53 -14.19
C MET A 36 -2.49 13.58 -15.13
N TYR A 37 -3.19 13.86 -16.23
CA TYR A 37 -2.83 14.95 -17.12
C TYR A 37 -2.72 16.26 -16.28
N PRO A 38 -1.60 16.99 -16.38
CA PRO A 38 -1.37 18.17 -15.55
C PRO A 38 -1.95 19.48 -16.12
N GLY A 39 -2.74 19.39 -17.17
CA GLY A 39 -3.34 20.55 -17.81
C GLY A 39 -2.45 21.07 -18.94
N PRO A 40 -2.99 22.02 -19.71
CA PRO A 40 -2.27 22.55 -20.85
C PRO A 40 -1.15 23.49 -20.46
N THR A 41 -0.25 23.74 -21.41
CA THR A 41 0.93 24.60 -21.21
C THR A 41 1.16 25.44 -22.47
N LYS A 42 2.15 26.34 -22.41
CA LYS A 42 2.55 27.12 -23.59
C LYS A 42 2.98 26.24 -24.77
N ASP A 43 3.62 25.10 -24.48
CA ASP A 43 4.08 24.17 -25.52
C ASP A 43 3.00 23.22 -26.02
N ASP A 44 2.04 22.86 -25.17
CA ASP A 44 0.89 22.03 -25.55
C ASP A 44 -0.43 22.74 -25.24
N PRO A 45 -0.74 23.82 -25.98
CA PRO A 45 -1.97 24.55 -25.73
C PRO A 45 -3.22 23.78 -26.15
N LEU A 46 -4.36 24.30 -25.77
CA LEU A 46 -5.62 23.60 -25.88
C LEU A 46 -6.70 24.60 -26.30
N THR A 47 -7.59 24.18 -27.19
CA THR A 47 -8.74 24.95 -27.57
C THR A 47 -10.01 24.29 -27.03
N VAL A 48 -10.78 25.04 -26.24
CA VAL A 48 -12.05 24.59 -25.71
C VAL A 48 -13.18 25.23 -26.50
N THR A 49 -14.10 24.42 -27.01
CA THR A 49 -15.26 24.94 -27.70
C THR A 49 -16.40 25.03 -26.70
N LEU A 50 -17.05 26.21 -26.64
CA LEU A 50 -18.17 26.47 -25.74
C LEU A 50 -19.44 26.76 -26.53
N GLY A 51 -20.56 26.30 -26.01
CA GLY A 51 -21.88 26.68 -26.52
C GLY A 51 -22.92 26.66 -25.42
N PHE A 52 -23.82 27.65 -25.43
CA PHE A 52 -24.83 27.75 -24.38
C PHE A 52 -26.20 27.40 -24.91
N THR A 53 -26.97 26.73 -24.06
CA THR A 53 -28.37 26.46 -24.27
C THR A 53 -29.13 27.07 -23.09
N LEU A 54 -29.88 28.13 -23.35
CA LEU A 54 -30.53 28.89 -22.30
C LEU A 54 -31.92 28.29 -22.05
N GLN A 55 -32.18 27.87 -20.82
CA GLN A 55 -33.46 27.25 -20.44
CA GLN A 55 -33.46 27.25 -20.44
C GLN A 55 -34.44 28.24 -19.81
N ASP A 56 -33.95 29.14 -18.96
CA ASP A 56 -34.85 30.03 -18.26
C ASP A 56 -34.13 31.20 -17.63
N ILE A 57 -34.75 32.37 -17.71
CA ILE A 57 -34.40 33.48 -16.83
C ILE A 57 -35.40 33.34 -15.69
N VAL A 58 -34.93 32.94 -14.52
CA VAL A 58 -35.81 32.53 -13.45
C VAL A 58 -36.28 33.74 -12.67
N LYS A 59 -35.35 34.61 -12.27
CA LYS A 59 -35.73 35.86 -11.64
C LYS A 59 -34.73 36.98 -11.80
N VAL A 60 -35.25 38.19 -11.58
CA VAL A 60 -34.44 39.40 -11.54
C VAL A 60 -34.65 40.01 -10.17
N ASP A 61 -33.62 40.61 -9.61
CA ASP A 61 -33.75 41.32 -8.34
C ASP A 61 -33.34 42.76 -8.62
N SER A 62 -34.32 43.64 -8.70
CA SER A 62 -34.05 45.05 -9.02
C SER A 62 -33.53 45.83 -7.81
N SER A 63 -33.59 45.28 -6.61
CA SER A 63 -32.97 45.98 -5.48
C SER A 63 -31.45 45.67 -5.34
N THR A 64 -30.95 44.58 -5.94
CA THR A 64 -29.52 44.25 -5.90
C THR A 64 -28.83 44.19 -7.27
N ASN A 65 -29.59 44.32 -8.36
CA ASN A 65 -29.09 44.14 -9.72
C ASN A 65 -28.41 42.79 -9.95
N GLU A 66 -29.14 41.72 -9.62
CA GLU A 66 -28.74 40.35 -9.86
C GLU A 66 -29.81 39.69 -10.72
N VAL A 67 -29.39 38.92 -11.72
CA VAL A 67 -30.31 38.09 -12.50
C VAL A 67 -29.88 36.63 -12.42
N ASP A 68 -30.85 35.72 -12.41
CA ASP A 68 -30.63 34.27 -12.28
C ASP A 68 -30.99 33.54 -13.58
N LEU A 69 -30.01 32.84 -14.18
CA LEU A 69 -30.20 32.04 -15.39
C LEU A 69 -30.03 30.56 -15.09
N VAL A 70 -30.83 29.75 -15.76
CA VAL A 70 -30.63 28.32 -15.81
C VAL A 70 -30.28 27.98 -17.24
N TYR A 71 -29.17 27.29 -17.43
CA TYR A 71 -28.68 26.95 -18.77
C TYR A 71 -27.84 25.69 -18.71
N TYR A 72 -27.52 25.14 -19.87
CA TYR A 72 -26.40 24.24 -19.93
C TYR A 72 -25.36 24.63 -20.93
N GLU A 73 -24.14 24.26 -20.59
CA GLU A 73 -22.95 24.76 -21.22
C GLU A 73 -22.20 23.56 -21.83
N GLN A 74 -22.24 23.44 -23.15
CA GLN A 74 -21.49 22.41 -23.86
C GLN A 74 -20.00 22.79 -23.90
N GLN A 75 -19.14 21.91 -23.38
CA GLN A 75 -17.68 22.10 -23.42
C GLN A 75 -17.05 20.94 -24.20
N ARG A 76 -16.17 21.26 -25.14
CA ARG A 76 -15.46 20.25 -25.93
C ARG A 76 -13.98 20.58 -26.03
N TRP A 77 -13.15 19.57 -25.82
CA TRP A 77 -11.71 19.67 -26.01
C TRP A 77 -11.14 18.31 -26.38
N LYS A 78 -9.84 18.25 -26.68
CA LYS A 78 -9.18 17.06 -27.21
C LYS A 78 -7.77 16.91 -26.66
N LEU A 79 -7.49 15.75 -26.06
CA LEU A 79 -6.14 15.43 -25.53
C LEU A 79 -5.57 14.17 -26.20
N ASN A 80 -4.28 14.22 -26.56
CA ASN A 80 -3.56 13.03 -27.04
C ASN A 80 -3.54 11.89 -26.01
N SER A 81 -3.38 12.24 -24.73
CA SER A 81 -3.32 11.23 -23.67
C SER A 81 -4.62 10.46 -23.40
N LEU A 82 -5.72 10.80 -24.05
CA LEU A 82 -6.95 10.03 -23.94
C LEU A 82 -7.26 9.25 -25.20
N MET A 83 -6.31 9.20 -26.13
CA MET A 83 -6.48 8.39 -27.35
C MET A 83 -6.33 6.89 -27.07
N TRP A 84 -7.08 6.09 -27.80
CA TRP A 84 -6.86 4.65 -27.86
C TRP A 84 -7.30 4.13 -29.21
N ASP A 85 -6.81 2.93 -29.53
CA ASP A 85 -7.18 2.20 -30.74
C ASP A 85 -8.35 1.29 -30.39
N PRO A 86 -9.53 1.51 -31.02
CA PRO A 86 -10.68 0.65 -30.72
C PRO A 86 -10.48 -0.86 -30.90
N ASN A 87 -9.67 -1.28 -31.88
CA ASN A 87 -9.39 -2.72 -32.12
C ASN A 87 -8.83 -3.47 -30.93
N GLU A 88 -8.05 -2.77 -30.10
CA GLU A 88 -7.40 -3.34 -28.93
C GLU A 88 -8.30 -3.40 -27.71
N TYR A 89 -9.54 -2.89 -27.84
CA TYR A 89 -10.48 -2.83 -26.72
C TYR A 89 -11.91 -3.12 -27.16
N GLY A 90 -12.07 -4.17 -27.95
CA GLY A 90 -13.39 -4.66 -28.32
C GLY A 90 -14.23 -3.72 -29.16
N ASN A 91 -13.59 -2.86 -29.94
CA ASN A 91 -14.24 -1.80 -30.75
C ASN A 91 -15.02 -0.75 -29.95
N ILE A 92 -14.60 -0.48 -28.72
CA ILE A 92 -15.19 0.62 -27.94
C ILE A 92 -14.72 1.94 -28.57
N THR A 93 -15.68 2.76 -29.00
CA THR A 93 -15.39 4.06 -29.62
C THR A 93 -15.49 5.24 -28.65
N ASP A 94 -16.24 5.08 -27.57
CA ASP A 94 -16.34 6.07 -26.52
C ASP A 94 -16.83 5.49 -25.19
N PHE A 95 -16.72 6.27 -24.13
CA PHE A 95 -17.27 5.86 -22.86
C PHE A 95 -17.59 7.07 -21.96
N ARG A 96 -18.43 6.80 -20.98
CA ARG A 96 -18.82 7.77 -19.97
C ARG A 96 -17.94 7.59 -18.78
N THR A 97 -17.47 8.71 -18.22
CA THR A 97 -16.75 8.66 -16.97
C THR A 97 -17.01 9.91 -16.13
N SER A 98 -17.01 9.74 -14.83
CA SER A 98 -17.09 10.84 -13.88
C SER A 98 -16.07 11.96 -14.25
N ALA A 99 -16.54 13.21 -14.20
CA ALA A 99 -15.70 14.36 -14.44
C ALA A 99 -14.55 14.53 -13.42
N ALA A 100 -14.69 13.94 -12.24
CA ALA A 100 -13.57 13.84 -11.29
C ALA A 100 -12.36 12.98 -11.77
N ASP A 101 -12.57 12.04 -12.69
CA ASP A 101 -11.49 11.17 -13.21
C ASP A 101 -10.59 11.85 -14.24
N ILE A 102 -11.04 12.96 -14.83
CA ILE A 102 -10.28 13.62 -15.89
C ILE A 102 -10.07 15.09 -15.54
N TRP A 103 -9.13 15.71 -16.24
CA TRP A 103 -8.99 17.15 -16.20
C TRP A 103 -10.17 17.79 -16.93
N THR A 104 -10.65 18.90 -16.37
CA THR A 104 -11.67 19.72 -17.04
C THR A 104 -11.23 21.17 -17.00
N PRO A 105 -11.61 21.93 -18.02
CA PRO A 105 -11.21 23.33 -18.03
C PRO A 105 -11.93 24.14 -16.93
N ASP A 106 -11.22 25.12 -16.36
CA ASP A 106 -11.70 25.98 -15.26
C ASP A 106 -12.52 27.21 -15.78
N ILE A 107 -13.55 26.93 -16.57
CA ILE A 107 -14.36 27.96 -17.18
C ILE A 107 -15.22 28.60 -16.06
N THR A 108 -15.16 29.93 -15.96
CA THR A 108 -15.71 30.68 -14.85
C THR A 108 -16.50 31.85 -15.39
N ALA A 109 -17.65 32.14 -14.79
CA ALA A 109 -18.40 33.36 -15.09
C ALA A 109 -17.68 34.51 -14.41
N TYR A 110 -17.43 35.60 -15.13
CA TYR A 110 -16.61 36.71 -14.58
C TYR A 110 -17.38 37.75 -13.75
N SER A 111 -18.71 37.70 -13.72
CA SER A 111 -19.48 38.66 -12.95
C SER A 111 -20.56 37.97 -12.14
N SER A 112 -20.27 36.76 -11.66
CA SER A 112 -21.19 36.05 -10.79
C SER A 112 -21.23 36.71 -9.41
N THR A 113 -22.35 36.52 -8.72
CA THR A 113 -22.50 37.06 -7.36
C THR A 113 -22.73 35.96 -6.34
N ARG A 114 -22.82 34.72 -6.78
CA ARG A 114 -22.95 33.56 -5.89
C ARG A 114 -22.24 32.39 -6.53
N PRO A 115 -21.84 31.40 -5.75
CA PRO A 115 -21.36 30.16 -6.39
C PRO A 115 -22.42 29.57 -7.34
N VAL A 116 -21.95 29.07 -8.47
CA VAL A 116 -22.82 28.47 -9.48
C VAL A 116 -23.38 27.17 -8.88
N GLN A 117 -24.66 26.92 -9.08
CA GLN A 117 -25.27 25.67 -8.61
C GLN A 117 -25.30 24.65 -9.74
N VAL A 118 -24.94 23.41 -9.39
CA VAL A 118 -24.83 22.35 -10.36
C VAL A 118 -26.17 21.62 -10.41
N LEU A 119 -26.74 21.48 -11.60
CA LEU A 119 -28.08 20.91 -11.75
C LEU A 119 -28.10 19.60 -12.52
N SER A 120 -26.92 19.04 -12.82
CA SER A 120 -26.85 17.79 -13.54
C SER A 120 -25.67 16.95 -13.01
N PRO A 121 -25.66 15.66 -13.31
CA PRO A 121 -24.53 14.80 -12.98
C PRO A 121 -23.27 15.30 -13.68
N GLN A 122 -22.13 15.13 -13.03
CA GLN A 122 -20.85 15.60 -13.56
C GLN A 122 -20.14 14.43 -14.20
N ILE A 123 -20.57 14.13 -15.41
CA ILE A 123 -20.11 12.97 -16.15
C ILE A 123 -19.82 13.45 -17.55
N ALA A 124 -18.65 13.11 -18.06
CA ALA A 124 -18.25 13.45 -19.43
C ALA A 124 -18.21 12.21 -20.30
N VAL A 125 -18.18 12.43 -21.60
CA VAL A 125 -18.04 11.37 -22.58
C VAL A 125 -16.72 11.57 -23.32
N VAL A 126 -15.88 10.53 -23.29
CA VAL A 126 -14.57 10.53 -23.91
C VAL A 126 -14.64 9.65 -25.14
N THR A 127 -14.11 10.14 -26.25
CA THR A 127 -14.13 9.44 -27.53
C THR A 127 -12.69 9.02 -27.92
N HIS A 128 -12.57 7.95 -28.70
CA HIS A 128 -11.27 7.28 -29.01
C HIS A 128 -10.18 8.16 -29.61
N ASP A 129 -10.59 9.21 -30.31
CA ASP A 129 -9.63 10.23 -30.81
C ASP A 129 -9.11 11.19 -29.74
N GLY A 130 -9.51 11.01 -28.47
CA GLY A 130 -9.06 11.88 -27.41
C GLY A 130 -9.97 13.06 -27.13
N SER A 131 -11.10 13.14 -27.83
CA SER A 131 -12.00 14.27 -27.66
C SER A 131 -12.97 14.00 -26.48
N VAL A 132 -13.29 15.08 -25.77
CA VAL A 132 -14.15 15.03 -24.59
C VAL A 132 -15.33 15.97 -24.77
N MET A 133 -16.52 15.49 -24.45
CA MET A 133 -17.68 16.35 -24.35
C MET A 133 -18.20 16.35 -22.92
N PHE A 134 -18.49 17.54 -22.39
CA PHE A 134 -18.97 17.70 -21.03
C PHE A 134 -20.03 18.82 -21.01
N ILE A 135 -21.24 18.49 -20.56
CA ILE A 135 -22.39 19.41 -20.68
C ILE A 135 -23.10 19.58 -19.34
N PRO A 136 -22.50 20.34 -18.43
CA PRO A 136 -23.15 20.63 -17.16
C PRO A 136 -24.31 21.64 -17.24
N ALA A 137 -25.39 21.32 -16.54
CA ALA A 137 -26.48 22.26 -16.30
C ALA A 137 -26.17 23.09 -15.05
N GLN A 138 -26.45 24.39 -15.13
CA GLN A 138 -26.08 25.33 -14.10
C GLN A 138 -27.17 26.35 -13.83
N ARG A 139 -27.17 26.86 -12.60
CA ARG A 139 -27.89 28.07 -12.26
C ARG A 139 -26.87 29.10 -11.80
N LEU A 140 -26.92 30.27 -12.42
CA LEU A 140 -25.98 31.36 -12.19
C LEU A 140 -26.74 32.64 -11.77
N SER A 141 -26.31 33.26 -10.67
CA SER A 141 -26.67 34.64 -10.36
C SER A 141 -25.52 35.54 -10.81
N PHE A 142 -25.82 36.57 -11.60
CA PHE A 142 -24.79 37.49 -12.08
C PHE A 142 -25.30 38.94 -12.12
N MET A 143 -24.35 39.86 -12.32
CA MET A 143 -24.59 41.29 -12.25
C MET A 143 -25.31 41.78 -13.49
N CYS A 144 -26.49 42.34 -13.27
CA CYS A 144 -27.33 42.82 -14.35
C CYS A 144 -28.41 43.75 -13.80
N ASP A 145 -28.55 44.93 -14.42
CA ASP A 145 -29.56 45.89 -14.05
C ASP A 145 -30.83 45.61 -14.86
N PRO A 146 -31.90 45.11 -14.22
CA PRO A 146 -33.13 44.79 -14.92
C PRO A 146 -34.12 45.97 -15.07
N THR A 147 -33.75 47.18 -14.66
CA THR A 147 -34.60 48.37 -14.86
C THR A 147 -35.02 48.55 -16.33
N GLY A 148 -36.33 48.60 -16.56
CA GLY A 148 -36.87 48.70 -17.93
C GLY A 148 -37.28 47.36 -18.53
N VAL A 149 -37.15 46.29 -17.78
CA VAL A 149 -37.50 44.96 -18.28
C VAL A 149 -39.00 44.87 -18.61
N ASP A 150 -39.80 45.67 -17.93
CA ASP A 150 -41.25 45.72 -18.18
C ASP A 150 -41.69 46.63 -19.36
N SER A 151 -40.78 47.07 -20.20
CA SER A 151 -41.11 47.85 -21.38
C SER A 151 -40.98 47.02 -22.65
N GLU A 152 -41.34 47.61 -23.79
CA GLU A 152 -41.26 46.92 -25.07
C GLU A 152 -39.82 46.69 -25.54
N GLU A 153 -38.92 47.60 -25.22
CA GLU A 153 -37.51 47.48 -25.62
C GLU A 153 -36.74 46.48 -24.78
N GLY A 154 -37.16 46.25 -23.54
CA GLY A 154 -36.50 45.32 -22.65
C GLY A 154 -35.15 45.83 -22.15
N VAL A 155 -34.32 44.91 -21.71
CA VAL A 155 -32.98 45.22 -21.20
C VAL A 155 -31.98 44.23 -21.77
N THR A 156 -30.73 44.65 -21.77
CA THR A 156 -29.64 43.85 -22.24
C THR A 156 -28.70 43.60 -21.09
N CYS A 157 -28.29 42.35 -20.94
CA CYS A 157 -27.26 41.99 -19.98
CA CYS A 157 -27.26 42.00 -19.97
C CYS A 157 -26.23 41.07 -20.58
N ALA A 158 -25.07 41.04 -19.93
CA ALA A 158 -23.93 40.33 -20.47
C ALA A 158 -23.10 39.70 -19.36
N VAL A 159 -22.54 38.54 -19.65
CA VAL A 159 -21.62 37.90 -18.73
C VAL A 159 -20.53 37.16 -19.53
N LYS A 160 -19.29 37.32 -19.13
CA LYS A 160 -18.16 36.67 -19.76
C LYS A 160 -17.83 35.33 -19.11
N PHE A 161 -17.60 34.31 -19.93
CA PHE A 161 -17.14 33.02 -19.47
C PHE A 161 -15.75 32.77 -20.03
N GLY A 162 -14.80 32.46 -19.14
CA GLY A 162 -13.46 32.09 -19.57
C GLY A 162 -12.69 31.39 -18.47
N SER A 163 -11.50 30.92 -18.80
CA SER A 163 -10.60 30.38 -17.82
C SER A 163 -10.23 31.45 -16.81
N TRP A 164 -10.19 31.07 -15.55
CA TRP A 164 -9.76 31.97 -14.50
C TRP A 164 -8.25 32.11 -14.43
N VAL A 165 -7.52 31.02 -14.67
CA VAL A 165 -6.07 31.02 -14.43
C VAL A 165 -5.18 30.76 -15.64
N TYR A 166 -5.74 30.34 -16.77
CA TYR A 166 -4.98 30.11 -17.99
C TYR A 166 -5.21 31.24 -18.98
N SER A 167 -4.12 31.85 -19.43
CA SER A 167 -4.19 32.87 -20.48
C SER A 167 -4.41 32.24 -21.83
N GLY A 168 -4.55 33.11 -22.84
CA GLY A 168 -4.63 32.70 -24.24
C GLY A 168 -3.46 31.84 -24.76
N PHE A 169 -2.30 31.93 -24.13
CA PHE A 169 -1.16 31.07 -24.48
C PHE A 169 -1.35 29.60 -24.11
N GLU A 170 -2.24 29.27 -23.16
CA GLU A 170 -2.51 27.87 -22.80
C GLU A 170 -3.93 27.40 -23.18
N ILE A 171 -4.91 28.28 -23.04
CA ILE A 171 -6.31 27.94 -23.39
C ILE A 171 -6.88 29.01 -24.29
N ASP A 172 -7.26 28.61 -25.49
CA ASP A 172 -8.04 29.42 -26.39
C ASP A 172 -9.48 28.90 -26.38
N LEU A 173 -10.44 29.75 -26.71
CA LEU A 173 -11.85 29.37 -26.78
C LEU A 173 -12.39 29.65 -28.14
N LYS A 174 -13.41 28.92 -28.53
CA LYS A 174 -14.18 29.27 -29.71
C LYS A 174 -15.63 28.81 -29.53
N THR A 175 -16.48 29.31 -30.41
CA THR A 175 -17.85 28.84 -30.50
C THR A 175 -18.05 28.24 -31.90
N ASP A 176 -19.02 27.36 -32.05
CA ASP A 176 -19.43 26.88 -33.37
C ASP A 176 -20.40 27.82 -34.08
N THR A 177 -21.17 28.55 -33.29
CA THR A 177 -22.12 29.54 -33.81
C THR A 177 -22.15 30.69 -32.82
N ASP A 178 -22.53 31.87 -33.29
CA ASP A 178 -22.76 33.00 -32.39
C ASP A 178 -24.20 33.07 -31.84
N GLN A 179 -25.09 32.18 -32.28
CA GLN A 179 -26.45 32.11 -31.76
C GLN A 179 -26.53 31.15 -30.59
N VAL A 180 -27.00 31.65 -29.45
CA VAL A 180 -27.31 30.82 -28.30
C VAL A 180 -28.50 29.95 -28.68
N ASP A 181 -28.48 28.70 -28.25
CA ASP A 181 -29.59 27.80 -28.52
C ASP A 181 -30.78 28.14 -27.60
N LEU A 182 -31.89 28.53 -28.22
CA LEU A 182 -33.11 28.88 -27.50
C LEU A 182 -34.25 27.88 -27.72
N SER A 183 -33.95 26.73 -28.32
CA SER A 183 -35.01 25.79 -28.67
C SER A 183 -35.55 24.99 -27.47
N SER A 184 -34.88 25.03 -26.32
CA SER A 184 -35.42 24.49 -25.07
C SER A 184 -35.86 25.60 -24.08
N TYR A 185 -35.98 26.85 -24.52
CA TYR A 185 -36.29 27.93 -23.59
C TYR A 185 -37.70 27.72 -23.07
N TYR A 186 -37.86 27.81 -21.75
CA TYR A 186 -39.17 27.60 -21.12
C TYR A 186 -40.23 28.56 -21.66
N ALA A 187 -41.25 27.99 -22.30
CA ALA A 187 -42.30 28.78 -22.98
C ALA A 187 -43.18 29.61 -22.02
N SER A 188 -43.29 29.22 -20.75
CA SER A 188 -44.02 30.02 -19.77
C SER A 188 -43.14 30.76 -18.78
N SER A 189 -41.90 31.04 -19.16
CA SER A 189 -41.07 31.92 -18.36
C SER A 189 -41.75 33.27 -18.17
N LYS A 190 -41.44 33.94 -17.07
CA LYS A 190 -41.85 35.34 -16.92
C LYS A 190 -41.19 36.24 -17.95
N TYR A 191 -40.04 35.85 -18.51
CA TYR A 191 -39.31 36.69 -19.44
C TYR A 191 -39.20 36.02 -20.80
N GLU A 192 -39.39 36.80 -21.86
CA GLU A 192 -39.10 36.33 -23.21
C GLU A 192 -37.76 36.88 -23.69
N ILE A 193 -37.10 36.08 -24.51
CA ILE A 193 -35.80 36.41 -25.03
C ILE A 193 -36.01 37.09 -26.38
N LEU A 194 -35.43 38.25 -26.55
CA LEU A 194 -35.45 38.95 -27.83
C LEU A 194 -34.24 38.58 -28.66
N SER A 195 -33.10 38.43 -28.01
CA SER A 195 -31.92 37.86 -28.67
C SER A 195 -30.91 37.35 -27.65
N ALA A 196 -30.06 36.45 -28.12
CA ALA A 196 -29.06 35.84 -27.27
C ALA A 196 -27.89 35.39 -28.13
N THR A 197 -26.74 36.02 -27.90
CA THR A 197 -25.54 35.73 -28.65
C THR A 197 -24.39 35.30 -27.74
N GLN A 198 -23.43 34.60 -28.34
CA GLN A 198 -22.24 34.11 -27.67
C GLN A 198 -21.04 34.38 -28.58
N THR A 199 -20.10 35.21 -28.11
CA THR A 199 -19.07 35.75 -28.97
C THR A 199 -17.70 35.72 -28.28
N ARG A 200 -16.71 35.21 -29.00
CA ARG A 200 -15.32 35.19 -28.53
C ARG A 200 -14.77 36.62 -28.40
N GLN A 201 -14.07 36.91 -27.30
CA GLN A 201 -13.37 38.18 -27.10
C GLN A 201 -12.01 37.96 -26.47
N VAL A 202 -11.15 38.97 -26.61
CA VAL A 202 -9.85 39.00 -25.96
C VAL A 202 -9.84 40.13 -24.93
N GLN A 203 -9.34 39.88 -23.73
CA GLN A 203 -9.30 40.88 -22.65
C GLN A 203 -7.91 40.94 -22.04
N HIS A 204 -7.59 42.09 -21.45
CA HIS A 204 -6.39 42.27 -20.64
C HIS A 204 -6.80 42.70 -19.24
N TYR A 205 -6.12 42.19 -18.23
CA TYR A 205 -6.42 42.46 -16.83
C TYR A 205 -5.19 43.01 -16.12
N SER A 206 -5.41 43.69 -14.99
CA SER A 206 -4.34 44.36 -14.24
C SER A 206 -3.21 43.46 -13.74
N CYS A 207 -3.53 42.25 -13.29
CA CYS A 207 -2.50 41.34 -12.71
C CYS A 207 -1.38 40.92 -13.66
N CYS A 208 -1.65 40.92 -14.98
CA CYS A 208 -0.99 40.00 -15.90
C CYS A 208 -0.87 40.64 -17.28
N PRO A 209 0.30 40.56 -17.93
CA PRO A 209 0.41 41.13 -19.28
C PRO A 209 -0.25 40.29 -20.40
N GLU A 210 -0.52 39.01 -20.15
CA GLU A 210 -0.95 38.08 -21.20
C GLU A 210 -2.44 38.25 -21.51
N PRO A 211 -2.84 38.10 -22.78
CA PRO A 211 -4.26 38.16 -23.12
C PRO A 211 -5.06 36.95 -22.59
N TYR A 212 -6.28 37.21 -22.16
CA TYR A 212 -7.20 36.18 -21.70
C TYR A 212 -8.34 36.10 -22.72
N ILE A 213 -8.84 34.90 -22.95
CA ILE A 213 -9.92 34.73 -23.91
C ILE A 213 -11.19 34.43 -23.14
N ASP A 214 -12.31 35.01 -23.58
CA ASP A 214 -13.62 34.64 -23.04
C ASP A 214 -14.66 34.54 -24.13
N VAL A 215 -15.80 33.93 -23.78
CA VAL A 215 -17.00 33.98 -24.60
C VAL A 215 -18.00 34.87 -23.86
N ASN A 216 -18.46 35.91 -24.54
CA ASN A 216 -19.39 36.88 -23.96
C ASN A 216 -20.81 36.50 -24.32
N LEU A 217 -21.59 36.17 -23.30
CA LEU A 217 -23.00 35.80 -23.46
C LEU A 217 -23.83 37.08 -23.28
N VAL A 218 -24.47 37.53 -24.35
CA VAL A 218 -25.28 38.75 -24.33
C VAL A 218 -26.74 38.39 -24.54
N VAL A 219 -27.59 38.72 -23.57
CA VAL A 219 -29.01 38.36 -23.63
C VAL A 219 -29.86 39.62 -23.52
N LYS A 220 -30.78 39.77 -24.46
CA LYS A 220 -31.74 40.86 -24.46
C LYS A 220 -33.11 40.25 -24.17
N PHE A 221 -33.78 40.75 -23.15
CA PHE A 221 -35.04 40.17 -22.71
C PHE A 221 -36.01 41.19 -22.14
N ARG A 222 -37.26 40.79 -22.01
CA ARG A 222 -38.31 41.62 -21.42
C ARG A 222 -39.38 40.77 -20.81
N GLU A 223 -40.22 41.36 -19.97
CA GLU A 223 -41.35 40.64 -19.38
C GLU A 223 -42.31 40.12 -20.45
N ARG A 224 -42.76 38.88 -20.31
CA ARG A 224 -43.71 38.30 -21.27
C ARG A 224 -45.10 38.79 -20.97
N GLN B 20 3.62 17.63 -21.74
CA GLN B 20 3.02 16.93 -20.58
C GLN B 20 4.11 16.24 -19.78
N ALA B 21 4.98 15.47 -20.46
CA ALA B 21 5.97 14.60 -19.80
C ALA B 21 6.86 15.36 -18.82
N ASN B 22 7.44 16.46 -19.29
CA ASN B 22 8.31 17.27 -18.45
C ASN B 22 7.58 17.88 -17.26
N LEU B 23 6.36 18.38 -17.46
CA LEU B 23 5.55 18.92 -16.38
C LEU B 23 5.14 17.86 -15.37
N MET B 24 4.70 16.69 -15.83
CA MET B 24 4.39 15.56 -14.94
C MET B 24 5.57 15.19 -14.05
N ARG B 25 6.75 15.20 -14.66
CA ARG B 25 7.99 14.89 -13.98
C ARG B 25 8.35 15.96 -12.95
N LEU B 26 8.24 17.23 -13.35
CA LEU B 26 8.43 18.35 -12.42
C LEU B 26 7.48 18.30 -11.22
N LYS B 27 6.20 18.05 -11.48
CA LYS B 27 5.22 18.02 -10.40
C LYS B 27 5.46 16.84 -9.47
N SER B 28 5.77 15.70 -10.05
CA SER B 28 6.16 14.54 -9.25
C SER B 28 7.41 14.82 -8.39
N ASP B 29 8.41 15.49 -8.95
CA ASP B 29 9.59 15.86 -8.16
C ASP B 29 9.30 16.87 -7.04
N LEU B 30 8.44 17.86 -7.28
CA LEU B 30 8.12 18.83 -6.23
C LEU B 30 7.21 18.28 -5.13
N PHE B 31 6.25 17.43 -5.47
CA PHE B 31 5.17 17.07 -4.52
C PHE B 31 5.16 15.64 -3.98
N ASN B 32 5.66 14.66 -4.73
CA ASN B 32 5.66 13.27 -4.27
C ASN B 32 6.90 12.89 -3.46
N ARG B 33 7.98 13.68 -3.56
CA ARG B 33 9.27 13.30 -2.96
C ARG B 33 9.54 13.87 -1.57
N SER B 34 8.75 14.81 -1.09
CA SER B 34 8.98 15.42 0.21
C SER B 34 7.67 15.46 1.00
N PRO B 35 7.74 15.66 2.35
CA PRO B 35 6.51 16.07 3.07
C PRO B 35 6.13 17.49 2.67
N MET B 36 4.83 17.83 2.78
CA MET B 36 4.38 19.18 2.40
C MET B 36 5.11 20.24 3.26
N TYR B 37 5.32 21.41 2.68
CA TYR B 37 5.82 22.57 3.41
C TYR B 37 4.91 22.80 4.66
N PRO B 38 5.51 22.89 5.87
CA PRO B 38 4.74 22.99 7.10
C PRO B 38 4.34 24.43 7.49
N GLY B 39 4.56 25.39 6.61
CA GLY B 39 4.24 26.78 6.86
C GLY B 39 5.42 27.51 7.45
N PRO B 40 5.29 28.85 7.55
CA PRO B 40 6.37 29.68 8.03
C PRO B 40 6.55 29.59 9.54
N THR B 41 7.70 30.04 10.00
CA THR B 41 8.08 30.02 11.43
C THR B 41 8.83 31.31 11.78
N LYS B 42 9.15 31.48 13.07
CA LYS B 42 9.96 32.62 13.52
C LYS B 42 11.34 32.68 12.81
N ASP B 43 11.92 31.53 12.52
CA ASP B 43 13.24 31.44 11.86
C ASP B 43 13.16 31.57 10.34
N ASP B 44 12.05 31.13 9.74
CA ASP B 44 11.82 31.30 8.29
C ASP B 44 10.50 32.03 8.02
N PRO B 45 10.46 33.33 8.35
CA PRO B 45 9.23 34.10 8.15
C PRO B 45 8.94 34.35 6.66
N LEU B 46 7.76 34.85 6.39
CA LEU B 46 7.23 34.97 5.06
C LEU B 46 6.48 36.29 4.93
N THR B 47 6.62 36.96 3.80
CA THR B 47 5.87 38.14 3.48
C THR B 47 4.88 37.83 2.36
N VAL B 48 3.59 38.07 2.64
CA VAL B 48 2.54 37.91 1.65
C VAL B 48 2.13 39.28 1.13
N THR B 49 2.12 39.44 -0.19
CA THR B 49 1.65 40.69 -0.79
C THR B 49 0.18 40.51 -1.15
N LEU B 50 -0.65 41.47 -0.72
CA LEU B 50 -2.10 41.47 -0.97
C LEU B 50 -2.51 42.65 -1.81
N GLY B 51 -3.49 42.44 -2.69
CA GLY B 51 -4.13 43.53 -3.43
C GLY B 51 -5.57 43.17 -3.74
N PHE B 52 -6.49 44.13 -3.64
CA PHE B 52 -7.89 43.90 -3.88
C PHE B 52 -8.35 44.52 -5.17
N THR B 53 -9.24 43.82 -5.86
CA THR B 53 -9.95 44.32 -7.02
C THR B 53 -11.45 44.22 -6.69
N LEU B 54 -12.10 45.36 -6.50
CA LEU B 54 -13.48 45.40 -6.06
C LEU B 54 -14.40 45.36 -7.26
N GLN B 55 -15.28 44.37 -7.34
CA GLN B 55 -16.19 44.21 -8.48
CA GLN B 55 -16.19 44.21 -8.48
CA GLN B 55 -16.19 44.21 -8.48
C GLN B 55 -17.58 44.78 -8.23
N ASP B 56 -18.12 44.61 -7.03
CA ASP B 56 -19.47 45.05 -6.75
C ASP B 56 -19.78 45.11 -5.29
N ILE B 57 -20.50 46.15 -4.88
CA ILE B 57 -21.21 46.15 -3.61
C ILE B 57 -22.61 45.69 -3.99
N VAL B 58 -22.96 44.47 -3.60
CA VAL B 58 -24.15 43.82 -4.10
C VAL B 58 -25.37 44.27 -3.31
N LYS B 59 -25.28 44.22 -1.99
CA LYS B 59 -26.33 44.74 -1.16
C LYS B 59 -25.92 45.19 0.23
N VAL B 60 -26.77 46.01 0.83
CA VAL B 60 -26.65 46.45 2.20
C VAL B 60 -27.90 46.02 2.93
N ASP B 61 -27.77 45.65 4.20
CA ASP B 61 -28.93 45.32 5.03
C ASP B 61 -28.89 46.29 6.20
N SER B 62 -29.78 47.28 6.16
CA SER B 62 -29.80 48.29 7.22
C SER B 62 -30.48 47.82 8.49
N SER B 63 -31.17 46.70 8.47
CA SER B 63 -31.73 46.16 9.71
C SER B 63 -30.73 45.30 10.51
N THR B 64 -29.65 44.81 9.87
CA THR B 64 -28.62 44.02 10.56
C THR B 64 -27.21 44.61 10.52
N ASN B 65 -27.03 45.72 9.77
CA ASN B 65 -25.72 46.32 9.53
C ASN B 65 -24.70 45.32 8.94
N GLU B 66 -25.09 44.71 7.83
CA GLU B 66 -24.25 43.83 7.05
C GLU B 66 -24.19 44.36 5.61
N VAL B 67 -23.00 44.38 5.03
CA VAL B 67 -22.83 44.71 3.62
C VAL B 67 -22.15 43.55 2.89
N ASP B 68 -22.52 43.33 1.63
CA ASP B 68 -22.00 42.23 0.79
C ASP B 68 -21.14 42.76 -0.36
N LEU B 69 -19.87 42.34 -0.40
CA LEU B 69 -18.93 42.68 -1.47
C LEU B 69 -18.56 41.48 -2.30
N VAL B 70 -18.38 41.70 -3.59
CA VAL B 70 -17.78 40.73 -4.48
C VAL B 70 -16.46 41.35 -4.94
N TYR B 71 -15.37 40.61 -4.76
CA TYR B 71 -14.04 41.10 -5.09
C TYR B 71 -13.12 39.92 -5.42
N TYR B 72 -11.95 40.23 -5.97
CA TYR B 72 -10.90 39.26 -5.90
C TYR B 72 -9.63 39.79 -5.29
N GLU B 73 -8.91 38.87 -4.68
CA GLU B 73 -7.83 39.15 -3.77
C GLU B 73 -6.56 38.51 -4.33
N GLN B 74 -5.66 39.32 -4.87
CA GLN B 74 -4.36 38.86 -5.32
C GLN B 74 -3.44 38.57 -4.14
N GLN B 75 -2.94 37.34 -4.03
CA GLN B 75 -1.99 36.94 -3.00
C GLN B 75 -0.68 36.47 -3.65
N ARG B 76 0.46 36.96 -3.17
CA ARG B 76 1.77 36.57 -3.66
C ARG B 76 2.73 36.28 -2.51
N TRP B 77 3.45 35.17 -2.65
CA TRP B 77 4.51 34.83 -1.70
C TRP B 77 5.57 33.97 -2.42
N LYS B 78 6.65 33.62 -1.73
CA LYS B 78 7.81 32.96 -2.34
C LYS B 78 8.44 31.96 -1.36
N LEU B 79 8.55 30.69 -1.80
CA LEU B 79 9.20 29.64 -0.99
C LEU B 79 10.41 29.04 -1.72
N ASN B 80 11.51 28.83 -1.00
CA ASN B 80 12.67 28.10 -1.54
C ASN B 80 12.33 26.67 -1.99
N SER B 81 11.47 25.99 -1.24
CA SER B 81 11.09 24.62 -1.56
C SER B 81 10.27 24.42 -2.84
N LEU B 82 9.86 25.50 -3.52
CA LEU B 82 9.18 25.39 -4.80
C LEU B 82 10.08 25.83 -5.96
N MET B 83 11.36 26.06 -5.69
CA MET B 83 12.31 26.38 -6.76
C MET B 83 12.66 25.17 -7.63
N TRP B 84 12.88 25.42 -8.91
CA TRP B 84 13.49 24.44 -9.80
C TRP B 84 14.28 25.14 -10.89
N ASP B 85 15.17 24.38 -11.52
CA ASP B 85 15.97 24.83 -12.65
C ASP B 85 15.21 24.47 -13.93
N PRO B 86 14.79 25.48 -14.72
CA PRO B 86 14.06 25.17 -15.97
C PRO B 86 14.76 24.25 -16.96
N ASN B 87 16.10 24.32 -17.05
CA ASN B 87 16.87 23.44 -17.97
C ASN B 87 16.66 21.95 -17.76
N GLU B 88 16.41 21.55 -16.52
CA GLU B 88 16.22 20.16 -16.14
C GLU B 88 14.79 19.66 -16.37
N TYR B 89 13.91 20.56 -16.83
CA TYR B 89 12.49 20.23 -17.02
C TYR B 89 11.92 20.87 -18.27
N GLY B 90 12.67 20.79 -19.38
CA GLY B 90 12.17 21.22 -20.68
C GLY B 90 11.90 22.71 -20.81
N ASN B 91 12.62 23.53 -20.04
CA ASN B 91 12.43 24.99 -19.97
C ASN B 91 11.05 25.45 -19.46
N ILE B 92 10.41 24.67 -18.60
CA ILE B 92 9.17 25.08 -17.96
C ILE B 92 9.52 26.17 -16.92
N THR B 93 8.94 27.35 -17.10
CA THR B 93 9.17 28.49 -16.19
C THR B 93 8.10 28.66 -15.11
N ASP B 94 6.89 28.13 -15.37
CA ASP B 94 5.82 28.12 -14.38
C ASP B 94 4.78 27.07 -14.69
N PHE B 95 3.90 26.83 -13.73
CA PHE B 95 2.77 25.93 -13.96
C PHE B 95 1.60 26.24 -13.02
N ARG B 96 0.44 25.76 -13.43
CA ARG B 96 -0.79 25.87 -12.68
C ARG B 96 -0.95 24.62 -11.86
N THR B 97 -1.34 24.78 -10.60
CA THR B 97 -1.69 23.64 -9.77
C THR B 97 -2.81 24.00 -8.79
N SER B 98 -3.65 23.01 -8.51
CA SER B 98 -4.65 23.12 -7.47
C SER B 98 -4.06 23.69 -6.16
N ALA B 99 -4.78 24.64 -5.56
CA ALA B 99 -4.39 25.22 -4.27
C ALA B 99 -4.36 24.22 -3.11
N ALA B 100 -5.07 23.11 -3.25
CA ALA B 100 -4.93 21.99 -2.30
C ALA B 100 -3.53 21.31 -2.29
N ASP B 101 -2.77 21.38 -3.39
CA ASP B 101 -1.43 20.76 -3.48
C ASP B 101 -0.34 21.56 -2.76
N ILE B 102 -0.58 22.83 -2.46
CA ILE B 102 0.44 23.67 -1.84
C ILE B 102 -0.09 24.31 -0.57
N TRP B 103 0.83 24.82 0.23
CA TRP B 103 0.45 25.66 1.36
C TRP B 103 -0.06 27.01 0.83
N THR B 104 -1.10 27.54 1.46
CA THR B 104 -1.59 28.88 1.17
C THR B 104 -1.76 29.62 2.49
N PRO B 105 -1.57 30.94 2.47
CA PRO B 105 -1.74 31.68 3.70
C PRO B 105 -3.22 31.75 4.14
N ASP B 106 -3.45 31.73 5.45
CA ASP B 106 -4.78 31.70 6.07
C ASP B 106 -5.37 33.15 6.26
N ILE B 107 -5.43 33.90 5.17
CA ILE B 107 -5.87 35.27 5.21
C ILE B 107 -7.39 35.27 5.44
N THR B 108 -7.83 36.02 6.44
CA THR B 108 -9.19 35.96 6.96
C THR B 108 -9.72 37.38 7.13
N ALA B 109 -10.99 37.60 6.78
CA ALA B 109 -11.66 38.85 7.07
C ALA B 109 -11.99 38.86 8.55
N TYR B 110 -11.68 39.95 9.25
CA TYR B 110 -11.84 39.99 10.72
C TYR B 110 -13.22 40.42 11.23
N SER B 111 -14.12 40.85 10.35
CA SER B 111 -15.45 41.28 10.78
C SER B 111 -16.52 40.69 9.87
N SER B 112 -16.28 39.47 9.38
CA SER B 112 -17.27 38.78 8.55
C SER B 112 -18.43 38.33 9.43
N THR B 113 -19.60 38.17 8.81
CA THR B 113 -20.79 37.68 9.51
C THR B 113 -21.32 36.39 8.92
N ARG B 114 -20.71 35.90 7.84
CA ARG B 114 -21.05 34.62 7.22
C ARG B 114 -19.78 34.03 6.67
N PRO B 115 -19.74 32.71 6.47
CA PRO B 115 -18.59 32.18 5.71
C PRO B 115 -18.47 32.84 4.32
N VAL B 116 -17.25 33.10 3.91
CA VAL B 116 -16.95 33.67 2.62
C VAL B 116 -17.32 32.66 1.54
N GLN B 117 -17.95 33.11 0.48
CA GLN B 117 -18.28 32.24 -0.65
C GLN B 117 -17.22 32.33 -1.72
N VAL B 118 -16.82 31.18 -2.24
CA VAL B 118 -15.75 31.08 -3.23
C VAL B 118 -16.38 31.17 -4.61
N LEU B 119 -15.92 32.09 -5.44
CA LEU B 119 -16.53 32.33 -6.75
C LEU B 119 -15.61 31.99 -7.92
N SER B 120 -14.47 31.39 -7.65
CA SER B 120 -13.53 31.05 -8.71
C SER B 120 -12.84 29.72 -8.38
N PRO B 121 -12.23 29.08 -9.39
CA PRO B 121 -11.45 27.87 -9.16
C PRO B 121 -10.28 28.17 -8.23
N GLN B 122 -9.91 27.21 -7.40
CA GLN B 122 -8.85 27.40 -6.42
C GLN B 122 -7.58 26.79 -6.99
N ILE B 123 -6.95 27.56 -7.87
CA ILE B 123 -5.80 27.14 -8.62
C ILE B 123 -4.80 28.28 -8.56
N ALA B 124 -3.57 27.96 -8.20
CA ALA B 124 -2.48 28.93 -8.14
C ALA B 124 -1.48 28.69 -9.26
N VAL B 125 -0.63 29.68 -9.50
CA VAL B 125 0.44 29.60 -10.46
C VAL B 125 1.76 29.71 -9.73
N VAL B 126 2.61 28.70 -9.93
CA VAL B 126 3.91 28.61 -9.30
C VAL B 126 4.97 28.87 -10.35
N THR B 127 5.93 29.72 -10.02
CA THR B 127 7.01 30.12 -10.94
C THR B 127 8.35 29.55 -10.44
N HIS B 128 9.28 29.32 -11.37
CA HIS B 128 10.57 28.59 -11.11
C HIS B 128 11.45 29.15 -10.00
N ASP B 129 11.33 30.45 -9.74
CA ASP B 129 12.00 31.06 -8.58
C ASP B 129 11.32 30.78 -7.22
N GLY B 130 10.26 29.98 -7.20
CA GLY B 130 9.57 29.66 -5.97
C GLY B 130 8.43 30.61 -5.61
N SER B 131 8.11 31.54 -6.51
CA SER B 131 7.06 32.51 -6.23
C SER B 131 5.69 31.94 -6.64
N VAL B 132 4.67 32.29 -5.87
CA VAL B 132 3.32 31.81 -6.08
C VAL B 132 2.37 32.98 -6.23
N MET B 133 1.48 32.92 -7.21
CA MET B 133 0.39 33.84 -7.31
C MET B 133 -0.94 33.08 -7.19
N PHE B 134 -1.85 33.62 -6.37
CA PHE B 134 -3.15 33.00 -6.13
C PHE B 134 -4.22 34.10 -6.01
N ILE B 135 -5.24 34.06 -6.87
CA ILE B 135 -6.20 35.14 -6.99
C ILE B 135 -7.65 34.64 -6.90
N PRO B 136 -8.09 34.30 -5.69
CA PRO B 136 -9.47 33.86 -5.49
C PRO B 136 -10.51 35.02 -5.55
N ALA B 137 -11.61 34.75 -6.23
CA ALA B 137 -12.79 35.60 -6.20
C ALA B 137 -13.68 35.19 -5.03
N GLN B 138 -14.21 36.18 -4.32
CA GLN B 138 -14.97 35.96 -3.11
C GLN B 138 -16.19 36.85 -3.00
N ARG B 139 -17.19 36.36 -2.27
CA ARG B 139 -18.27 37.19 -1.78
C ARG B 139 -18.24 37.16 -0.27
N LEU B 140 -18.23 38.35 0.33
CA LEU B 140 -18.09 38.54 1.76
C LEU B 140 -19.27 39.37 2.31
N SER B 141 -19.92 38.89 3.36
CA SER B 141 -20.80 39.69 4.20
C SER B 141 -20.00 40.14 5.42
N PHE B 142 -19.98 41.44 5.70
CA PHE B 142 -19.25 41.96 6.85
C PHE B 142 -20.00 43.11 7.55
N MET B 143 -19.50 43.46 8.73
CA MET B 143 -20.13 44.43 9.61
C MET B 143 -19.92 45.84 9.11
N CYS B 144 -21.02 46.52 8.81
CA CYS B 144 -21.00 47.86 8.27
C CYS B 144 -22.37 48.50 8.43
N ASP B 145 -22.41 49.72 8.97
CA ASP B 145 -23.64 50.49 9.11
C ASP B 145 -23.88 51.31 7.84
N PRO B 146 -24.89 50.93 7.03
CA PRO B 146 -25.15 51.64 5.78
C PRO B 146 -26.10 52.85 5.92
N THR B 147 -26.50 53.23 7.13
CA THR B 147 -27.33 54.43 7.35
C THR B 147 -26.67 55.68 6.73
N GLY B 148 -27.41 56.35 5.86
CA GLY B 148 -26.88 57.52 5.13
C GLY B 148 -26.35 57.21 3.75
N VAL B 149 -26.43 55.96 3.32
CA VAL B 149 -25.93 55.57 2.01
C VAL B 149 -26.69 56.28 0.88
N ASP B 150 -27.95 56.63 1.16
CA ASP B 150 -28.76 57.38 0.19
C ASP B 150 -28.56 58.90 0.16
N SER B 151 -27.52 59.42 0.78
CA SER B 151 -27.19 60.84 0.75
C SER B 151 -26.01 61.10 -0.16
N GLU B 152 -25.68 62.36 -0.36
CA GLU B 152 -24.52 62.75 -1.21
C GLU B 152 -23.19 62.42 -0.57
N GLU B 153 -23.10 62.48 0.74
CA GLU B 153 -21.84 62.16 1.46
C GLU B 153 -21.53 60.66 1.51
N GLY B 154 -22.57 59.82 1.47
CA GLY B 154 -22.42 58.39 1.54
C GLY B 154 -21.99 57.88 2.90
N VAL B 155 -21.42 56.68 2.94
CA VAL B 155 -20.95 56.05 4.16
C VAL B 155 -19.60 55.43 3.94
N THR B 156 -18.88 55.23 5.01
CA THR B 156 -17.57 54.62 4.98
C THR B 156 -17.63 53.34 5.77
N CYS B 157 -17.07 52.28 5.21
CA CYS B 157 -16.94 51.02 5.92
CA CYS B 157 -16.95 51.02 5.92
C CYS B 157 -15.56 50.42 5.73
N ALA B 158 -15.20 49.53 6.63
CA ALA B 158 -13.87 48.99 6.70
C ALA B 158 -13.87 47.55 7.14
N VAL B 159 -12.95 46.77 6.58
CA VAL B 159 -12.75 45.40 7.01
C VAL B 159 -11.26 45.03 6.93
N LYS B 160 -10.76 44.41 7.99
CA LYS B 160 -9.37 43.99 8.06
C LYS B 160 -9.18 42.57 7.53
N PHE B 161 -8.15 42.37 6.71
CA PHE B 161 -7.75 41.06 6.25
C PHE B 161 -6.36 40.74 6.78
N GLY B 162 -6.23 39.62 7.48
CA GLY B 162 -4.92 39.13 7.87
C GLY B 162 -4.95 37.69 8.28
N SER B 163 -3.79 37.15 8.64
CA SER B 163 -3.68 35.80 9.11
C SER B 163 -4.46 35.67 10.42
N TRP B 164 -5.17 34.57 10.56
CA TRP B 164 -5.90 34.29 11.78
C TRP B 164 -4.97 33.75 12.88
N VAL B 165 -3.99 32.93 12.52
CA VAL B 165 -3.17 32.24 13.51
C VAL B 165 -1.69 32.53 13.54
N TYR B 166 -1.17 33.23 12.54
CA TYR B 166 0.24 33.61 12.50
C TYR B 166 0.41 35.08 12.82
N SER B 167 1.24 35.38 13.82
CA SER B 167 1.58 36.75 14.16
C SER B 167 2.54 37.34 13.14
N GLY B 168 2.86 38.63 13.34
CA GLY B 168 3.89 39.33 12.57
C GLY B 168 5.28 38.70 12.56
N PHE B 169 5.59 37.90 13.57
CA PHE B 169 6.86 37.16 13.58
C PHE B 169 6.96 36.03 12.55
N GLU B 170 5.83 35.53 12.04
CA GLU B 170 5.85 34.48 11.00
C GLU B 170 5.31 34.96 9.65
N ILE B 171 4.27 35.80 9.67
CA ILE B 171 3.69 36.34 8.43
C ILE B 171 3.58 37.84 8.53
N ASP B 172 4.28 38.52 7.63
CA ASP B 172 4.12 39.94 7.43
C ASP B 172 3.32 40.14 6.13
N LEU B 173 2.63 41.28 6.02
CA LEU B 173 1.88 41.60 4.82
C LEU B 173 2.37 42.91 4.26
N LYS B 174 2.19 43.08 2.96
CA LYS B 174 2.36 44.38 2.34
C LYS B 174 1.42 44.52 1.16
N THR B 175 1.28 45.74 0.69
CA THR B 175 0.58 46.04 -0.55
C THR B 175 1.59 46.68 -1.50
N ASP B 176 1.33 46.59 -2.80
CA ASP B 176 2.11 47.33 -3.80
C ASP B 176 1.63 48.78 -3.97
N THR B 177 0.35 49.00 -3.72
CA THR B 177 -0.26 50.32 -3.78
C THR B 177 -1.31 50.39 -2.69
N ASP B 178 -1.63 51.60 -2.26
CA ASP B 178 -2.75 51.81 -1.35
C ASP B 178 -4.09 52.02 -2.05
N GLN B 179 -4.11 52.09 -3.37
CA GLN B 179 -5.34 52.23 -4.15
C GLN B 179 -5.89 50.87 -4.53
N VAL B 180 -7.13 50.61 -4.14
CA VAL B 180 -7.84 49.42 -4.57
C VAL B 180 -8.10 49.55 -6.06
N ASP B 181 -7.99 48.46 -6.79
CA ASP B 181 -8.28 48.46 -8.22
C ASP B 181 -9.80 48.52 -8.44
N LEU B 182 -10.25 49.61 -9.08
CA LEU B 182 -11.67 49.82 -9.37
C LEU B 182 -11.99 49.73 -10.86
N SER B 183 -11.05 49.28 -11.68
CA SER B 183 -11.25 49.31 -13.12
C SER B 183 -12.18 48.20 -13.64
N SER B 184 -12.50 47.21 -12.82
CA SER B 184 -13.55 46.24 -13.13
C SER B 184 -14.83 46.44 -12.31
N TYR B 185 -15.00 47.59 -11.66
CA TYR B 185 -16.17 47.80 -10.81
C TYR B 185 -17.41 47.85 -11.70
N TYR B 186 -18.43 47.10 -11.33
CA TYR B 186 -19.67 47.04 -12.12
C TYR B 186 -20.31 48.41 -12.30
N ALA B 187 -20.37 48.88 -13.54
CA ALA B 187 -20.84 50.25 -13.85
C ALA B 187 -22.33 50.49 -13.52
N SER B 188 -23.15 49.42 -13.51
CA SER B 188 -24.56 49.57 -13.11
C SER B 188 -24.88 49.03 -11.74
N SER B 189 -23.89 48.97 -10.85
CA SER B 189 -24.16 48.66 -9.45
C SER B 189 -25.17 49.65 -8.89
N LYS B 190 -25.92 49.22 -7.89
CA LYS B 190 -26.72 50.15 -7.09
C LYS B 190 -25.87 51.17 -6.36
N TYR B 191 -24.61 50.86 -6.07
CA TYR B 191 -23.75 51.75 -5.29
C TYR B 191 -22.54 52.19 -6.11
N GLU B 192 -22.20 53.47 -6.02
CA GLU B 192 -20.97 53.97 -6.63
C GLU B 192 -19.91 54.16 -5.53
N ILE B 193 -18.66 53.95 -5.94
CA ILE B 193 -17.54 54.03 -5.05
C ILE B 193 -16.97 55.42 -5.13
N LEU B 194 -16.83 56.07 -3.99
CA LEU B 194 -16.22 57.38 -3.89
C LEU B 194 -14.72 57.23 -3.66
N SER B 195 -14.33 56.26 -2.83
CA SER B 195 -12.93 55.89 -2.69
C SER B 195 -12.77 54.50 -2.09
N ALA B 196 -11.60 53.91 -2.33
CA ALA B 196 -11.31 52.58 -1.85
C ALA B 196 -9.81 52.44 -1.69
N THR B 197 -9.39 52.26 -0.44
CA THR B 197 -8.00 52.10 -0.10
C THR B 197 -7.71 50.78 0.62
N GLN B 198 -6.45 50.37 0.57
CA GLN B 198 -5.96 49.15 1.19
C GLN B 198 -4.63 49.48 1.88
N THR B 199 -4.58 49.35 3.19
CA THR B 199 -3.47 49.87 3.99
C THR B 199 -3.02 48.88 5.04
N ARG B 200 -1.71 48.66 5.10
CA ARG B 200 -1.10 47.81 6.14
C ARG B 200 -1.27 48.43 7.52
N GLN B 201 -1.64 47.62 8.53
CA GLN B 201 -1.71 48.04 9.92
C GLN B 201 -1.15 46.95 10.83
N VAL B 202 -0.82 47.36 12.04
CA VAL B 202 -0.40 46.48 13.11
C VAL B 202 -1.47 46.52 14.21
N GLN B 203 -1.87 45.35 14.72
CA GLN B 203 -2.87 45.24 15.78
C GLN B 203 -2.38 44.39 16.91
N HIS B 204 -2.91 44.65 18.10
CA HIS B 204 -2.66 43.79 19.28
C HIS B 204 -4.01 43.30 19.78
N TYR B 205 -4.05 42.03 20.18
CA TYR B 205 -5.29 41.38 20.61
C TYR B 205 -5.11 40.83 22.03
N SER B 206 -6.22 40.60 22.72
CA SER B 206 -6.22 40.14 24.12
C SER B 206 -5.53 38.79 24.36
N CYS B 207 -5.71 37.84 23.45
CA CYS B 207 -5.14 36.49 23.62
C CYS B 207 -3.62 36.40 23.74
N CYS B 208 -2.91 37.38 23.18
CA CYS B 208 -1.55 37.14 22.65
C CYS B 208 -0.74 38.44 22.76
N PRO B 209 0.52 38.35 23.25
CA PRO B 209 1.36 39.58 23.28
C PRO B 209 1.91 40.01 21.91
N GLU B 210 1.94 39.12 20.92
CA GLU B 210 2.63 39.37 19.65
C GLU B 210 1.79 40.25 18.73
N PRO B 211 2.42 41.17 17.97
CA PRO B 211 1.68 41.95 17.00
C PRO B 211 1.16 41.11 15.81
N TYR B 212 -0.04 41.44 15.33
CA TYR B 212 -0.62 40.82 14.16
C TYR B 212 -0.68 41.87 13.06
N ILE B 213 -0.47 41.45 11.82
CA ILE B 213 -0.49 42.38 10.71
C ILE B 213 -1.77 42.16 9.91
N ASP B 214 -2.39 43.24 9.47
CA ASP B 214 -3.51 43.14 8.54
C ASP B 214 -3.43 44.20 7.45
N VAL B 215 -4.23 44.02 6.41
CA VAL B 215 -4.49 45.04 5.42
C VAL B 215 -5.94 45.49 5.62
N ASN B 216 -6.13 46.79 5.85
CA ASN B 216 -7.43 47.38 6.10
C ASN B 216 -8.00 47.91 4.81
N LEU B 217 -9.12 47.31 4.38
CA LEU B 217 -9.84 47.72 3.19
C LEU B 217 -10.91 48.74 3.61
N VAL B 218 -10.75 49.98 3.18
CA VAL B 218 -11.68 51.07 3.54
C VAL B 218 -12.41 51.51 2.27
N VAL B 219 -13.73 51.41 2.27
CA VAL B 219 -14.53 51.75 1.10
C VAL B 219 -15.57 52.82 1.48
N LYS B 220 -15.58 53.89 0.70
CA LYS B 220 -16.57 54.94 0.84
C LYS B 220 -17.50 54.89 -0.36
N PHE B 221 -18.80 54.78 -0.11
CA PHE B 221 -19.75 54.59 -1.18
C PHE B 221 -21.11 55.23 -0.89
N ARG B 222 -21.92 55.35 -1.94
CA ARG B 222 -23.29 55.86 -1.82
C ARG B 222 -24.15 55.29 -2.92
N GLU B 223 -25.47 55.43 -2.79
CA GLU B 223 -26.38 55.00 -3.85
C GLU B 223 -26.15 55.75 -5.15
N ARG B 224 -26.14 55.03 -6.27
CA ARG B 224 -26.06 55.63 -7.60
C ARG B 224 -27.45 56.19 -7.95
N GLN C 20 12.31 24.81 8.10
CA GLN C 20 11.33 23.85 7.50
C GLN C 20 11.70 22.43 7.92
N ALA C 21 12.97 22.05 7.73
CA ALA C 21 13.43 20.66 7.92
C ALA C 21 13.12 20.12 9.30
N ASN C 22 13.49 20.89 10.32
CA ASN C 22 13.24 20.50 11.70
C ASN C 22 11.74 20.39 12.03
N LEU C 23 10.93 21.33 11.54
CA LEU C 23 9.50 21.29 11.74
C LEU C 23 8.84 20.11 11.02
N MET C 24 9.22 19.87 9.77
CA MET C 24 8.74 18.69 9.02
C MET C 24 9.02 17.38 9.76
N ARG C 25 10.21 17.32 10.34
CA ARG C 25 10.65 16.16 11.10
C ARG C 25 9.85 16.02 12.40
N LEU C 26 9.68 17.13 13.12
CA LEU C 26 8.83 17.15 14.32
C LEU C 26 7.39 16.70 14.04
N LYS C 27 6.80 17.23 12.97
CA LYS C 27 5.41 16.89 12.65
C LYS C 27 5.28 15.43 12.23
N SER C 28 6.24 14.97 11.43
CA SER C 28 6.30 13.56 11.09
C SER C 28 6.45 12.66 12.34
N ASP C 29 7.30 13.05 13.29
CA ASP C 29 7.42 12.29 14.53
C ASP C 29 6.15 12.30 15.40
N LEU C 30 5.44 13.43 15.49
CA LEU C 30 4.22 13.46 16.29
C LEU C 30 3.04 12.76 15.65
N PHE C 31 2.89 12.83 14.33
CA PHE C 31 1.62 12.40 13.67
C PHE C 31 1.68 11.15 12.80
N ASN C 32 2.83 10.84 12.20
CA ASN C 32 2.94 9.64 11.35
C ASN C 32 3.31 8.38 12.10
N ARG C 33 3.85 8.50 13.32
CA ARG C 33 4.41 7.35 14.04
C ARG C 33 3.47 6.66 15.02
N SER C 34 2.33 7.26 15.33
CA SER C 34 1.40 6.66 16.30
C SER C 34 -0.02 6.68 15.74
N PRO C 35 -0.94 5.84 16.28
CA PRO C 35 -2.37 6.08 16.01
C PRO C 35 -2.82 7.37 16.73
N MET C 36 -3.87 8.01 16.19
CA MET C 36 -4.31 9.29 16.75
C MET C 36 -4.72 9.11 18.23
N TYR C 37 -4.52 10.17 19.02
CA TYR C 37 -5.03 10.23 20.38
C TYR C 37 -6.55 9.91 20.36
N PRO C 38 -7.01 8.95 21.18
CA PRO C 38 -8.40 8.50 21.15
C PRO C 38 -9.37 9.33 22.03
N GLY C 39 -8.88 10.45 22.57
CA GLY C 39 -9.69 11.30 23.43
C GLY C 39 -9.52 10.91 24.89
N PRO C 40 -10.05 11.74 25.79
CA PRO C 40 -9.90 11.53 27.22
C PRO C 40 -10.78 10.40 27.73
N THR C 41 -10.45 9.92 28.92
CA THR C 41 -11.14 8.81 29.59
C THR C 41 -11.28 9.10 31.09
N LYS C 42 -11.97 8.22 31.81
CA LYS C 42 -12.06 8.32 33.28
C LYS C 42 -10.68 8.28 33.95
N ASP C 43 -9.75 7.52 33.40
CA ASP C 43 -8.39 7.39 33.95
C ASP C 43 -7.45 8.52 33.53
N ASP C 44 -7.66 9.08 32.34
CA ASP C 44 -6.89 10.23 31.86
C ASP C 44 -7.80 11.40 31.48
N PRO C 45 -8.44 12.02 32.49
CA PRO C 45 -9.35 13.13 32.22
C PRO C 45 -8.62 14.38 31.74
N LEU C 46 -9.39 15.36 31.30
CA LEU C 46 -8.88 16.53 30.63
C LEU C 46 -9.68 17.74 31.08
N THR C 47 -9.00 18.86 31.30
CA THR C 47 -9.66 20.12 31.58
C THR C 47 -9.46 21.07 30.40
N VAL C 48 -10.58 21.55 29.85
CA VAL C 48 -10.56 22.51 28.76
C VAL C 48 -10.89 23.89 29.32
N THR C 49 -10.07 24.88 29.03
CA THR C 49 -10.34 26.24 29.42
C THR C 49 -11.03 26.94 28.27
N LEU C 50 -12.16 27.60 28.55
CA LEU C 50 -12.95 28.33 27.55
C LEU C 50 -13.01 29.80 27.88
N GLY C 51 -13.02 30.63 26.85
CA GLY C 51 -13.27 32.06 26.99
C GLY C 51 -13.89 32.63 25.73
N PHE C 52 -14.86 33.54 25.87
CA PHE C 52 -15.57 34.09 24.73
C PHE C 52 -15.17 35.53 24.50
N THR C 53 -15.08 35.90 23.23
CA THR C 53 -14.92 37.26 22.77
C THR C 53 -16.11 37.56 21.86
N LEU C 54 -17.00 38.42 22.30
CA LEU C 54 -18.23 38.70 21.58
C LEU C 54 -18.01 39.84 20.60
N GLN C 55 -18.23 39.59 19.31
CA GLN C 55 -18.02 40.59 18.25
CA GLN C 55 -18.02 40.59 18.25
C GLN C 55 -19.30 41.34 17.87
N ASP C 56 -20.43 40.64 17.79
CA ASP C 56 -21.65 41.27 17.31
C ASP C 56 -22.87 40.45 17.63
N ILE C 57 -23.95 41.13 18.03
CA ILE C 57 -25.29 40.57 17.98
C ILE C 57 -25.82 41.06 16.64
N VAL C 58 -25.95 40.16 15.69
CA VAL C 58 -26.20 40.53 14.31
C VAL C 58 -27.68 40.77 14.08
N LYS C 59 -28.51 39.84 14.52
CA LYS C 59 -29.95 40.04 14.49
C LYS C 59 -30.74 39.26 15.52
N VAL C 60 -31.96 39.74 15.74
CA VAL C 60 -32.95 39.05 16.55
C VAL C 60 -34.16 38.79 15.68
N ASP C 61 -34.82 37.67 15.87
CA ASP C 61 -36.05 37.36 15.15
C ASP C 61 -37.13 37.18 16.22
N SER C 62 -37.99 38.19 16.35
CA SER C 62 -39.04 38.16 17.37
C SER C 62 -40.22 37.27 16.99
N SER C 63 -40.32 36.84 15.75
CA SER C 63 -41.38 35.90 15.39
C SER C 63 -40.99 34.43 15.68
N THR C 64 -39.70 34.11 15.82
CA THR C 64 -39.25 32.74 16.13
C THR C 64 -38.46 32.61 17.44
N ASN C 65 -38.16 33.73 18.10
CA ASN C 65 -37.30 33.75 19.29
C ASN C 65 -35.93 33.11 19.06
N GLU C 66 -35.25 33.61 18.02
CA GLU C 66 -33.89 33.22 17.69
C GLU C 66 -33.03 34.49 17.67
N VAL C 67 -31.83 34.41 18.26
CA VAL C 67 -30.85 35.49 18.17
C VAL C 67 -29.56 34.97 17.57
N ASP C 68 -28.89 35.80 16.77
CA ASP C 68 -27.64 35.45 16.07
C ASP C 68 -26.44 36.22 16.63
N LEU C 69 -25.44 35.48 17.12
CA LEU C 69 -24.18 36.04 17.63
C LEU C 69 -23.01 35.67 16.75
N VAL C 70 -22.08 36.60 16.63
CA VAL C 70 -20.78 36.34 16.06
C VAL C 70 -19.78 36.52 17.19
N TYR C 71 -18.95 35.51 17.41
CA TYR C 71 -17.97 35.52 18.49
C TYR C 71 -16.79 34.65 18.13
N TYR C 72 -15.73 34.75 18.92
CA TYR C 72 -14.77 33.67 18.92
C TYR C 72 -14.51 33.12 20.28
N GLU C 73 -14.18 31.83 20.26
CA GLU C 73 -14.16 30.98 21.43
C GLU C 73 -12.74 30.45 21.61
N GLN C 74 -12.03 30.97 22.60
CA GLN C 74 -10.70 30.47 22.94
C GLN C 74 -10.81 29.14 23.68
N GLN C 75 -10.17 28.09 23.15
CA GLN C 75 -10.13 26.77 23.78
C GLN C 75 -8.68 26.39 24.08
N ARG C 76 -8.40 25.93 25.29
CA ARG C 76 -7.08 25.48 25.71
C ARG C 76 -7.13 24.17 26.45
N TRP C 77 -6.24 23.25 26.08
CA TRP C 77 -6.07 21.99 26.79
C TRP C 77 -4.62 21.51 26.64
N LYS C 78 -4.28 20.39 27.28
CA LYS C 78 -2.90 19.89 27.35
C LYS C 78 -2.85 18.37 27.31
N LEU C 79 -2.10 17.81 26.36
CA LEU C 79 -1.90 16.36 26.24
C LEU C 79 -0.42 15.97 26.37
N ASN C 80 -0.12 14.91 27.13
CA ASN C 80 1.24 14.35 27.19
C ASN C 80 1.75 13.88 25.83
N SER C 81 0.87 13.29 25.01
CA SER C 81 1.27 12.78 23.70
C SER C 81 1.64 13.85 22.65
N LEU C 82 1.51 15.14 22.97
CA LEU C 82 1.99 16.19 22.08
C LEU C 82 3.23 16.88 22.62
N MET C 83 3.84 16.34 23.66
CA MET C 83 5.09 16.87 24.20
C MET C 83 6.29 16.55 23.29
N TRP C 84 7.24 17.47 23.23
CA TRP C 84 8.55 17.20 22.66
C TRP C 84 9.61 18.05 23.34
N ASP C 85 10.86 17.64 23.16
CA ASP C 85 12.03 18.35 23.67
C ASP C 85 12.51 19.28 22.55
N PRO C 86 12.47 20.61 22.77
CA PRO C 86 12.94 21.54 21.73
C PRO C 86 14.36 21.34 21.21
N ASN C 87 15.28 20.90 22.07
CA ASN C 87 16.70 20.65 21.67
C ASN C 87 16.86 19.66 20.52
N GLU C 88 15.96 18.67 20.45
CA GLU C 88 16.00 17.64 19.45
C GLU C 88 15.37 18.04 18.14
N TYR C 89 14.82 19.26 18.07
CA TYR C 89 14.13 19.76 16.89
C TYR C 89 14.42 21.23 16.63
N GLY C 90 15.68 21.61 16.72
CA GLY C 90 16.12 22.94 16.32
C GLY C 90 15.58 24.08 17.19
N ASN C 91 15.28 23.80 18.44
CA ASN C 91 14.64 24.75 19.38
C ASN C 91 13.25 25.25 18.99
N ILE C 92 12.49 24.44 18.26
CA ILE C 92 11.09 24.76 17.97
C ILE C 92 10.28 24.62 19.28
N THR C 93 9.66 25.72 19.70
CA THR C 93 8.85 25.74 20.94
C THR C 93 7.35 25.56 20.69
N ASP C 94 6.89 25.87 19.48
CA ASP C 94 5.51 25.65 19.08
C ASP C 94 5.34 25.61 17.57
N PHE C 95 4.18 25.17 17.12
CA PHE C 95 3.86 25.21 15.71
C PHE C 95 2.36 25.24 15.45
N ARG C 96 2.01 25.67 14.25
CA ARG C 96 0.65 25.73 13.77
C ARG C 96 0.36 24.47 13.02
N THR C 97 -0.81 23.89 13.27
CA THR C 97 -1.26 22.76 12.47
C THR C 97 -2.78 22.78 12.32
N SER C 98 -3.25 22.30 11.17
CA SER C 98 -4.65 22.06 10.93
C SER C 98 -5.33 21.32 12.09
N ALA C 99 -6.49 21.81 12.50
CA ALA C 99 -7.29 21.16 13.54
C ALA C 99 -7.79 19.76 13.19
N ALA C 100 -7.82 19.44 11.90
CA ALA C 100 -8.05 18.05 11.46
C ALA C 100 -6.93 17.04 11.88
N ASP C 101 -5.69 17.51 12.08
CA ASP C 101 -4.55 16.64 12.46
C ASP C 101 -4.56 16.23 13.93
N ILE C 102 -5.32 16.92 14.78
CA ILE C 102 -5.32 16.64 16.21
C ILE C 102 -6.74 16.41 16.70
N TRP C 103 -6.86 15.84 17.89
CA TRP C 103 -8.13 15.78 18.59
C TRP C 103 -8.50 17.18 19.07
N THR C 104 -9.78 17.50 18.99
CA THR C 104 -10.32 18.73 19.57
C THR C 104 -11.56 18.41 20.37
N PRO C 105 -11.80 19.17 21.44
CA PRO C 105 -12.98 18.89 22.25
C PRO C 105 -14.29 19.21 21.49
N ASP C 106 -15.32 18.41 21.74
CA ASP C 106 -16.65 18.52 21.09
C ASP C 106 -17.60 19.53 21.79
N ILE C 107 -17.12 20.75 21.96
CA ILE C 107 -17.85 21.79 22.68
C ILE C 107 -19.02 22.23 21.79
N THR C 108 -20.22 22.21 22.37
CA THR C 108 -21.46 22.37 21.63
C THR C 108 -22.37 23.36 22.35
N ALA C 109 -23.04 24.24 21.61
CA ALA C 109 -24.05 25.11 22.19
C ALA C 109 -25.29 24.25 22.44
N TYR C 110 -25.88 24.35 23.62
CA TYR C 110 -27.00 23.48 24.01
C TYR C 110 -28.40 23.97 23.60
N SER C 111 -28.52 25.18 23.06
CA SER C 111 -29.83 25.68 22.65
C SER C 111 -29.75 26.33 21.26
N SER C 112 -28.89 25.78 20.41
CA SER C 112 -28.77 26.27 19.04
C SER C 112 -30.00 25.86 18.25
N THR C 113 -30.31 26.62 17.19
CA THR C 113 -31.43 26.29 16.30
C THR C 113 -30.98 26.05 14.88
N ARG C 114 -29.69 26.22 14.60
CA ARG C 114 -29.11 25.95 13.28
C ARG C 114 -27.70 25.44 13.50
N PRO C 115 -27.15 24.74 12.52
CA PRO C 115 -25.70 24.45 12.62
C PRO C 115 -24.88 25.75 12.78
N VAL C 116 -23.86 25.68 13.62
CA VAL C 116 -22.93 26.78 13.81
C VAL C 116 -22.15 26.99 12.53
N GLN C 117 -21.97 28.23 12.11
CA GLN C 117 -21.18 28.53 10.93
C GLN C 117 -19.76 28.90 11.36
N VAL C 118 -18.78 28.35 10.63
CA VAL C 118 -17.38 28.55 10.91
C VAL C 118 -16.90 29.77 10.12
N LEU C 119 -16.31 30.74 10.80
CA LEU C 119 -15.91 32.00 10.17
C LEU C 119 -14.41 32.23 10.14
N SER C 120 -13.63 31.23 10.52
CA SER C 120 -12.19 31.36 10.53
C SER C 120 -11.55 30.02 10.12
N PRO C 121 -10.26 30.04 9.74
CA PRO C 121 -9.53 28.81 9.46
C PRO C 121 -9.46 27.95 10.71
N GLN C 122 -9.47 26.64 10.53
CA GLN C 122 -9.48 25.69 11.66
C GLN C 122 -8.05 25.21 11.83
N ILE C 123 -7.27 26.04 12.53
CA ILE C 123 -5.86 25.83 12.73
C ILE C 123 -5.57 26.10 14.18
N ALA C 124 -4.90 25.18 14.84
CA ALA C 124 -4.50 25.32 16.24
C ALA C 124 -3.00 25.53 16.35
N VAL C 125 -2.57 25.97 17.53
CA VAL C 125 -1.18 26.13 17.87
C VAL C 125 -0.85 25.17 19.00
N VAL C 126 0.15 24.33 18.76
CA VAL C 126 0.61 23.33 19.71
C VAL C 126 1.96 23.77 20.25
N THR C 127 2.11 23.70 21.56
CA THR C 127 3.32 24.13 22.27
C THR C 127 4.05 22.90 22.86
N HIS C 128 5.37 23.01 23.02
CA HIS C 128 6.26 21.86 23.38
C HIS C 128 5.91 21.11 24.66
N ASP C 129 5.27 21.81 25.60
CA ASP C 129 4.72 21.16 26.81
C ASP C 129 3.44 20.35 26.58
N GLY C 130 2.96 20.26 25.34
CA GLY C 130 1.75 19.51 25.04
C GLY C 130 0.46 20.34 25.09
N SER C 131 0.59 21.65 25.30
CA SER C 131 -0.59 22.49 25.40
C SER C 131 -1.03 22.96 24.01
N VAL C 132 -2.35 23.08 23.84
CA VAL C 132 -2.96 23.44 22.57
C VAL C 132 -3.84 24.67 22.77
N MET C 133 -3.74 25.64 21.86
CA MET C 133 -4.69 26.72 21.79
C MET C 133 -5.41 26.70 20.46
N PHE C 134 -6.73 26.87 20.50
CA PHE C 134 -7.57 26.81 19.30
C PHE C 134 -8.69 27.85 19.44
N ILE C 135 -8.78 28.79 18.49
CA ILE C 135 -9.67 29.94 18.62
C ILE C 135 -10.53 30.12 17.39
N PRO C 136 -11.55 29.28 17.23
CA PRO C 136 -12.47 29.42 16.10
C PRO C 136 -13.47 30.59 16.25
N ALA C 137 -13.67 31.30 15.16
CA ALA C 137 -14.75 32.28 15.03
C ALA C 137 -16.01 31.58 14.54
N GLN C 138 -17.15 31.95 15.12
CA GLN C 138 -18.41 31.28 14.88
C GLN C 138 -19.57 32.26 14.77
N ARG C 139 -20.59 31.85 14.03
CA ARG C 139 -21.89 32.46 14.07
C ARG C 139 -22.89 31.43 14.54
N LEU C 140 -23.63 31.80 15.59
CA LEU C 140 -24.60 30.92 16.24
C LEU C 140 -26.00 31.56 16.24
N SER C 141 -27.00 30.81 15.81
CA SER C 141 -28.40 31.10 16.10
C SER C 141 -28.85 30.27 17.28
N PHE C 142 -29.41 30.90 18.31
CA PHE C 142 -29.87 30.19 19.49
C PHE C 142 -31.18 30.77 20.05
N MET C 143 -31.78 30.02 20.98
CA MET C 143 -33.08 30.32 21.53
C MET C 143 -33.02 31.48 22.51
N CYS C 144 -33.75 32.53 22.20
CA CYS C 144 -33.76 33.74 23.00
C CYS C 144 -34.97 34.61 22.62
N ASP C 145 -35.72 35.05 23.63
CA ASP C 145 -36.87 35.92 23.42
C ASP C 145 -36.40 37.37 23.48
N PRO C 146 -36.39 38.09 22.34
CA PRO C 146 -35.93 39.45 22.30
C PRO C 146 -37.01 40.53 22.63
N THR C 147 -38.22 40.12 23.01
CA THR C 147 -39.27 41.07 23.44
C THR C 147 -38.77 42.01 24.55
N GLY C 148 -38.87 43.32 24.29
CA GLY C 148 -38.38 44.33 25.24
C GLY C 148 -36.98 44.84 24.95
N VAL C 149 -36.37 44.36 23.87
CA VAL C 149 -35.01 44.77 23.50
C VAL C 149 -34.96 46.27 23.20
N ASP C 150 -36.07 46.83 22.74
CA ASP C 150 -36.17 48.26 22.45
C ASP C 150 -36.46 49.18 23.66
N SER C 151 -36.34 48.68 24.88
CA SER C 151 -36.52 49.48 26.08
C SER C 151 -35.18 49.79 26.74
N GLU C 152 -35.20 50.59 27.80
CA GLU C 152 -33.98 50.95 28.53
C GLU C 152 -33.39 49.75 29.32
N GLU C 153 -34.25 48.88 29.82
CA GLU C 153 -33.80 47.71 30.59
C GLU C 153 -33.21 46.61 29.72
N GLY C 154 -33.63 46.52 28.45
CA GLY C 154 -33.16 45.49 27.55
C GLY C 154 -33.68 44.11 27.89
N VAL C 155 -32.98 43.09 27.39
CA VAL C 155 -33.32 41.69 27.61
C VAL C 155 -32.08 40.91 27.95
N THR C 156 -32.30 39.77 28.59
CA THR C 156 -31.23 38.88 28.98
C THR C 156 -31.43 37.57 28.26
N CYS C 157 -30.36 37.04 27.69
CA CYS C 157 -30.38 35.72 27.11
CA CYS C 157 -30.40 35.72 27.10
C CYS C 157 -29.16 34.91 27.51
N ALA C 158 -29.29 33.61 27.37
CA ALA C 158 -28.29 32.70 27.87
C ALA C 158 -28.16 31.47 26.99
N VAL C 159 -26.94 30.98 26.85
CA VAL C 159 -26.69 29.75 26.14
C VAL C 159 -25.53 28.98 26.80
N LYS C 160 -25.73 27.68 27.00
CA LYS C 160 -24.73 26.82 27.60
C LYS C 160 -23.82 26.18 26.55
N PHE C 161 -22.52 26.20 26.80
CA PHE C 161 -21.55 25.51 25.97
C PHE C 161 -20.90 24.40 26.77
N GLY C 162 -20.93 23.18 26.26
CA GLY C 162 -20.19 22.08 26.87
C GLY C 162 -20.04 20.91 25.94
N SER C 163 -19.34 19.88 26.41
CA SER C 163 -19.20 18.66 25.64
C SER C 163 -20.56 18.02 25.46
N TRP C 164 -20.81 17.51 24.26
CA TRP C 164 -22.05 16.80 24.00
C TRP C 164 -22.00 15.36 24.53
N VAL C 165 -20.86 14.70 24.44
CA VAL C 165 -20.78 13.28 24.76
C VAL C 165 -19.88 12.86 25.92
N TYR C 166 -19.06 13.76 26.44
CA TYR C 166 -18.21 13.48 27.58
C TYR C 166 -18.75 14.13 28.83
N SER C 167 -18.95 13.33 29.87
CA SER C 167 -19.37 13.83 31.17
C SER C 167 -18.20 14.50 31.90
N GLY C 168 -18.50 15.05 33.06
CA GLY C 168 -17.50 15.59 33.98
C GLY C 168 -16.37 14.65 34.39
N PHE C 169 -16.60 13.35 34.33
CA PHE C 169 -15.55 12.36 34.59
C PHE C 169 -14.44 12.30 33.53
N GLU C 170 -14.71 12.77 32.30
CA GLU C 170 -13.69 12.81 31.24
C GLU C 170 -13.27 14.22 30.84
N ILE C 171 -14.22 15.16 30.81
CA ILE C 171 -13.93 16.54 30.45
C ILE C 171 -14.51 17.47 31.49
N ASP C 172 -13.64 18.23 32.13
CA ASP C 172 -14.03 19.34 32.99
C ASP C 172 -13.76 20.64 32.22
N LEU C 173 -14.48 21.70 32.55
CA LEU C 173 -14.26 23.01 31.94
C LEU C 173 -13.95 24.02 33.00
N LYS C 174 -13.26 25.07 32.61
CA LYS C 174 -13.09 26.24 33.47
C LYS C 174 -12.96 27.49 32.61
N THR C 175 -13.09 28.63 33.26
CA THR C 175 -12.79 29.92 32.64
C THR C 175 -11.66 30.57 33.42
N ASP C 176 -10.92 31.47 32.78
CA ASP C 176 -9.94 32.30 33.50
C ASP C 176 -10.57 33.52 34.17
N THR C 177 -11.66 34.00 33.60
CA THR C 177 -12.41 35.12 34.14
C THR C 177 -13.87 34.87 33.88
N ASP C 178 -14.74 35.49 34.68
CA ASP C 178 -16.17 35.45 34.40
C ASP C 178 -16.66 36.58 33.48
N GLN C 179 -15.78 37.51 33.10
CA GLN C 179 -16.13 38.58 32.17
C GLN C 179 -15.84 38.17 30.74
N VAL C 180 -16.87 38.23 29.89
CA VAL C 180 -16.71 38.05 28.47
C VAL C 180 -15.92 39.23 27.93
N ASP C 181 -15.01 38.97 27.00
CA ASP C 181 -14.24 40.04 26.39
C ASP C 181 -15.12 40.83 25.40
N LEU C 182 -15.32 42.11 25.70
CA LEU C 182 -16.12 43.00 24.85
C LEU C 182 -15.30 44.06 24.14
N SER C 183 -13.97 43.95 24.19
CA SER C 183 -13.13 45.02 23.66
C SER C 183 -13.06 45.04 22.12
N SER C 184 -13.51 43.99 21.45
CA SER C 184 -13.68 43.99 19.99
C SER C 184 -15.15 44.07 19.56
N TYR C 185 -16.07 44.42 20.46
CA TYR C 185 -17.48 44.43 20.10
C TYR C 185 -17.71 45.53 19.07
N TYR C 186 -18.41 45.19 17.99
CA TYR C 186 -18.66 46.15 16.89
C TYR C 186 -19.40 47.40 17.41
N ALA C 187 -18.74 48.55 17.30
CA ALA C 187 -19.24 49.82 17.84
C ALA C 187 -20.51 50.33 17.15
N SER C 188 -20.79 49.94 15.91
CA SER C 188 -22.05 50.31 15.25
C SER C 188 -23.05 49.17 15.11
N SER C 189 -22.97 48.18 15.99
CA SER C 189 -24.01 47.18 16.05
C SER C 189 -25.36 47.85 16.32
N LYS C 190 -26.43 47.21 15.86
CA LYS C 190 -27.77 47.61 16.27
C LYS C 190 -27.99 47.46 17.76
N TYR C 191 -27.25 46.56 18.43
CA TYR C 191 -27.46 46.29 19.85
C TYR C 191 -26.23 46.64 20.66
N GLU C 192 -26.42 47.25 21.82
CA GLU C 192 -25.34 47.45 22.77
C GLU C 192 -25.44 46.45 23.90
N ILE C 193 -24.27 46.08 24.43
CA ILE C 193 -24.15 45.10 25.46
C ILE C 193 -24.13 45.83 26.79
N LEU C 194 -25.01 45.44 27.70
CA LEU C 194 -25.02 45.99 29.04
C LEU C 194 -24.15 45.16 29.96
N SER C 195 -24.20 43.84 29.79
CA SER C 195 -23.26 42.96 30.47
C SER C 195 -23.16 41.60 29.77
N ALA C 196 -22.06 40.92 30.04
CA ALA C 196 -21.80 39.62 29.42
C ALA C 196 -20.87 38.84 30.30
N THR C 197 -21.38 37.72 30.82
CA THR C 197 -20.64 36.85 31.70
C THR C 197 -20.55 35.42 31.17
N GLN C 198 -19.55 34.72 31.66
CA GLN C 198 -19.28 33.31 31.30
C GLN C 198 -18.96 32.55 32.58
N THR C 199 -19.78 31.57 32.94
CA THR C 199 -19.72 30.94 34.24
C THR C 199 -19.84 29.43 34.14
N ARG C 200 -18.95 28.73 34.83
CA ARG C 200 -18.98 27.27 34.93
C ARG C 200 -20.24 26.80 35.69
N GLN C 201 -20.92 25.77 35.20
CA GLN C 201 -22.04 25.12 35.88
C GLN C 201 -21.97 23.62 35.74
N VAL C 202 -22.67 22.93 36.62
CA VAL C 202 -22.85 21.48 36.58
C VAL C 202 -24.32 21.19 36.30
N GLN C 203 -24.60 20.26 35.36
CA GLN C 203 -25.98 19.90 35.00
C GLN C 203 -26.15 18.39 35.03
N HIS C 204 -27.40 17.95 35.22
CA HIS C 204 -27.78 16.55 35.06
C HIS C 204 -28.87 16.45 33.99
N TYR C 205 -28.80 15.41 33.18
CA TYR C 205 -29.73 15.21 32.07
C TYR C 205 -30.40 13.83 32.19
N SER C 206 -31.55 13.67 31.54
CA SER C 206 -32.37 12.46 31.65
C SER C 206 -31.71 11.17 31.23
N CYS C 207 -30.92 11.20 30.16
CA CYS C 207 -30.28 9.98 29.62
C CYS C 207 -29.32 9.26 30.57
N CYS C 208 -28.73 9.99 31.51
CA CYS C 208 -27.39 9.66 32.03
C CYS C 208 -27.27 10.09 33.48
N PRO C 209 -26.75 9.23 34.37
CA PRO C 209 -26.60 9.66 35.77
C PRO C 209 -25.41 10.61 36.04
N GLU C 210 -24.45 10.68 35.13
CA GLU C 210 -23.20 11.42 35.38
C GLU C 210 -23.38 12.93 35.19
N PRO C 211 -22.70 13.74 36.01
CA PRO C 211 -22.78 15.19 35.82
C PRO C 211 -22.06 15.67 34.53
N TYR C 212 -22.64 16.66 33.87
CA TYR C 212 -22.06 17.28 32.69
C TYR C 212 -21.65 18.70 33.08
N ILE C 213 -20.55 19.19 32.54
CA ILE C 213 -20.09 20.53 32.85
C ILE C 213 -20.35 21.42 31.65
N ASP C 214 -20.78 22.66 31.89
CA ASP C 214 -20.87 23.66 30.83
C ASP C 214 -20.38 25.02 31.30
N VAL C 215 -20.15 25.91 30.32
CA VAL C 215 -19.96 27.32 30.59
C VAL C 215 -21.20 28.05 30.06
N ASN C 216 -21.86 28.79 30.95
CA ASN C 216 -23.09 29.51 30.63
C ASN C 216 -22.75 30.94 30.24
N LEU C 217 -23.04 31.27 28.98
CA LEU C 217 -22.82 32.61 28.45
C LEU C 217 -24.12 33.39 28.62
N VAL C 218 -24.09 34.42 29.48
CA VAL C 218 -25.28 35.23 29.76
C VAL C 218 -25.03 36.64 29.24
N VAL C 219 -25.87 37.11 28.32
CA VAL C 219 -25.70 38.42 27.70
C VAL C 219 -26.96 39.27 27.92
N LYS C 220 -26.76 40.47 28.42
CA LYS C 220 -27.82 41.44 28.59
C LYS C 220 -27.59 42.56 27.59
N PHE C 221 -28.59 42.84 26.77
CA PHE C 221 -28.43 43.80 25.68
C PHE C 221 -29.72 44.56 25.37
N ARG C 222 -29.57 45.64 24.62
CA ARG C 222 -30.69 46.45 24.16
C ARG C 222 -30.37 47.15 22.87
N GLU C 223 -31.39 47.66 22.19
CA GLU C 223 -31.18 48.44 20.96
C GLU C 223 -30.34 49.69 21.23
N ARG C 224 -29.38 49.97 20.36
CA ARG C 224 -28.58 51.19 20.44
C ARG C 224 -29.39 52.38 19.95
N GLN D 20 -4.46 5.85 27.55
CA GLN D 20 -4.45 5.99 26.07
C GLN D 20 -4.11 4.66 25.43
N ALA D 21 -3.01 4.04 25.90
CA ALA D 21 -2.46 2.83 25.25
C ALA D 21 -3.48 1.70 25.15
N ASN D 22 -4.15 1.40 26.26
CA ASN D 22 -5.17 0.37 26.27
C ASN D 22 -6.36 0.67 25.37
N LEU D 23 -6.82 1.93 25.36
CA LEU D 23 -7.91 2.33 24.48
C LEU D 23 -7.52 2.28 23.00
N MET D 24 -6.32 2.78 22.67
CA MET D 24 -5.81 2.67 21.29
C MET D 24 -5.77 1.24 20.79
N ARG D 25 -5.36 0.35 21.68
CA ARG D 25 -5.26 -1.07 21.40
C ARG D 25 -6.64 -1.69 21.23
N LEU D 26 -7.58 -1.35 22.12
CA LEU D 26 -8.98 -1.79 21.98
C LEU D 26 -9.61 -1.33 20.66
N LYS D 27 -9.42 -0.06 20.31
CA LYS D 27 -10.02 0.46 19.10
C LYS D 27 -9.40 -0.16 17.86
N SER D 28 -8.09 -0.32 17.88
CA SER D 28 -7.40 -1.04 16.81
C SER D 28 -7.91 -2.49 16.68
N ASP D 29 -8.12 -3.19 17.80
CA ASP D 29 -8.67 -4.54 17.72
C ASP D 29 -10.12 -4.60 17.21
N LEU D 30 -10.97 -3.64 17.59
CA LEU D 30 -12.35 -3.65 17.10
C LEU D 30 -12.49 -3.22 15.64
N PHE D 31 -11.69 -2.27 15.17
CA PHE D 31 -11.95 -1.63 13.87
C PHE D 31 -10.97 -1.91 12.73
N ASN D 32 -9.69 -2.17 13.05
CA ASN D 32 -8.68 -2.43 12.00
C ASN D 32 -8.57 -3.88 11.59
N ARG D 33 -9.08 -4.81 12.41
CA ARG D 33 -8.84 -6.25 12.17
C ARG D 33 -9.89 -6.99 11.37
N SER D 34 -11.06 -6.39 11.14
CA SER D 34 -12.13 -7.04 10.39
C SER D 34 -12.67 -6.07 9.34
N PRO D 35 -13.43 -6.58 8.32
CA PRO D 35 -14.25 -5.66 7.52
C PRO D 35 -15.40 -5.11 8.37
N MET D 36 -15.92 -3.92 8.02
CA MET D 36 -16.94 -3.27 8.84
C MET D 36 -18.18 -4.18 8.94
N TYR D 37 -18.89 -4.09 10.07
CA TYR D 37 -20.18 -4.73 10.24
C TYR D 37 -21.10 -4.33 9.05
N PRO D 38 -21.69 -5.32 8.35
CA PRO D 38 -22.49 -5.04 7.15
C PRO D 38 -23.97 -4.71 7.41
N GLY D 39 -24.33 -4.52 8.68
CA GLY D 39 -25.69 -4.23 9.07
C GLY D 39 -26.47 -5.50 9.37
N PRO D 40 -27.68 -5.34 9.91
CA PRO D 40 -28.49 -6.48 10.31
C PRO D 40 -29.09 -7.23 9.15
N THR D 41 -29.52 -8.45 9.42
CA THR D 41 -30.12 -9.36 8.41
C THR D 41 -31.31 -10.10 9.04
N LYS D 42 -32.02 -10.88 8.23
CA LYS D 42 -33.10 -11.76 8.74
C LYS D 42 -32.59 -12.75 9.80
N ASP D 43 -31.35 -13.23 9.65
CA ASP D 43 -30.76 -14.18 10.61
C ASP D 43 -30.16 -13.53 11.84
N ASP D 44 -29.66 -12.30 11.71
CA ASP D 44 -29.15 -11.51 12.84
C ASP D 44 -29.86 -10.16 12.97
N PRO D 45 -31.16 -10.19 13.35
CA PRO D 45 -31.92 -8.95 13.46
C PRO D 45 -31.48 -8.10 14.65
N LEU D 46 -32.01 -6.89 14.70
CA LEU D 46 -31.58 -5.89 15.65
C LEU D 46 -32.78 -5.10 16.13
N THR D 47 -32.81 -4.76 17.40
CA THR D 47 -33.82 -3.87 17.96
C THR D 47 -33.18 -2.55 18.36
N VAL D 48 -33.69 -1.46 17.79
CA VAL D 48 -33.24 -0.11 18.14
C VAL D 48 -34.26 0.53 19.06
N THR D 49 -33.81 1.04 20.19
CA THR D 49 -34.67 1.76 21.11
C THR D 49 -34.56 3.25 20.79
N LEU D 50 -35.69 3.92 20.61
CA LEU D 50 -35.76 5.35 20.29
C LEU D 50 -36.47 6.11 21.38
N GLY D 51 -36.01 7.33 21.65
CA GLY D 51 -36.72 8.26 22.53
C GLY D 51 -36.43 9.69 22.12
N PHE D 52 -37.44 10.56 22.18
CA PHE D 52 -37.29 11.94 21.77
C PHE D 52 -37.32 12.86 22.96
N THR D 53 -36.48 13.91 22.89
CA THR D 53 -36.48 15.02 23.82
C THR D 53 -36.73 16.28 22.98
N LEU D 54 -37.89 16.89 23.15
CA LEU D 54 -38.31 18.01 22.34
C LEU D 54 -37.83 19.30 22.99
N GLN D 55 -37.02 20.09 22.28
CA GLN D 55 -36.45 21.34 22.80
CA GLN D 55 -36.45 21.34 22.80
C GLN D 55 -37.27 22.58 22.39
N ASP D 56 -37.75 22.62 21.14
CA ASP D 56 -38.43 23.80 20.67
C ASP D 56 -39.22 23.55 19.41
N ILE D 57 -40.42 24.12 19.34
CA ILE D 57 -41.10 24.31 18.06
C ILE D 57 -40.69 25.72 17.66
N VAL D 58 -39.85 25.84 16.64
CA VAL D 58 -39.19 27.10 16.33
C VAL D 58 -40.08 27.96 15.49
N LYS D 59 -40.65 27.40 14.43
CA LYS D 59 -41.64 28.10 13.64
C LYS D 59 -42.63 27.22 12.93
N VAL D 60 -43.74 27.87 12.56
CA VAL D 60 -44.75 27.27 11.69
C VAL D 60 -44.84 28.17 10.47
N ASP D 61 -45.07 27.57 9.30
CA ASP D 61 -45.30 28.35 8.09
C ASP D 61 -46.68 27.96 7.60
N SER D 62 -47.65 28.86 7.81
CA SER D 62 -49.03 28.59 7.43
C SER D 62 -49.27 28.77 5.93
N SER D 63 -48.35 29.36 5.19
CA SER D 63 -48.51 29.41 3.74
C SER D 63 -48.02 28.12 3.03
N THR D 64 -47.17 27.31 3.67
CA THR D 64 -46.71 26.04 3.08
C THR D 64 -47.05 24.78 3.88
N ASN D 65 -47.63 24.94 5.06
CA ASN D 65 -47.89 23.83 5.99
C ASN D 65 -46.64 23.03 6.33
N GLU D 66 -45.62 23.75 6.80
CA GLU D 66 -44.38 23.16 7.30
C GLU D 66 -44.18 23.64 8.74
N VAL D 67 -43.78 22.73 9.64
CA VAL D 67 -43.38 23.09 10.99
C VAL D 67 -41.95 22.66 11.25
N ASP D 68 -41.22 23.46 12.03
CA ASP D 68 -39.80 23.21 12.35
C ASP D 68 -39.61 22.87 13.83
N LEU D 69 -39.06 21.67 14.10
CA LEU D 69 -38.76 21.21 15.47
C LEU D 69 -37.27 21.10 15.67
N VAL D 70 -36.84 21.43 16.89
CA VAL D 70 -35.50 21.13 17.34
C VAL D 70 -35.65 20.12 18.47
N TYR D 71 -34.96 19.00 18.35
CA TYR D 71 -35.04 17.92 19.32
C TYR D 71 -33.76 17.12 19.34
N TYR D 72 -33.61 16.26 20.33
CA TYR D 72 -32.66 15.20 20.19
C TYR D 72 -33.25 13.83 20.39
N GLU D 73 -32.64 12.88 19.68
CA GLU D 73 -33.17 11.57 19.47
C GLU D 73 -32.19 10.55 20.04
N GLN D 74 -32.55 9.96 21.18
CA GLN D 74 -31.76 8.90 21.78
C GLN D 74 -31.93 7.60 21.00
N GLN D 75 -30.83 7.02 20.50
CA GLN D 75 -30.84 5.74 19.80
C GLN D 75 -29.95 4.74 20.55
N ARG D 76 -30.47 3.53 20.79
CA ARG D 76 -29.73 2.46 21.46
C ARG D 76 -29.88 1.15 20.72
N TRP D 77 -28.78 0.46 20.53
CA TRP D 77 -28.76 -0.88 19.98
C TRP D 77 -27.56 -1.67 20.49
N LYS D 78 -27.47 -2.94 20.14
CA LYS D 78 -26.46 -3.87 20.67
C LYS D 78 -25.95 -4.83 19.61
N LEU D 79 -24.63 -4.87 19.41
CA LEU D 79 -23.98 -5.82 18.49
C LEU D 79 -23.00 -6.74 19.20
N ASN D 80 -23.03 -8.04 18.89
CA ASN D 80 -22.00 -8.98 19.38
C ASN D 80 -20.58 -8.59 18.94
N SER D 81 -20.44 -8.12 17.71
CA SER D 81 -19.12 -7.73 17.19
C SER D 81 -18.47 -6.50 17.85
N LEU D 82 -19.14 -5.82 18.76
CA LEU D 82 -18.54 -4.74 19.52
C LEU D 82 -18.28 -5.12 20.98
N MET D 83 -18.44 -6.41 21.31
CA MET D 83 -18.14 -6.89 22.66
C MET D 83 -16.62 -6.98 22.89
N TRP D 84 -16.23 -6.71 24.13
CA TRP D 84 -14.88 -7.03 24.58
C TRP D 84 -14.90 -7.34 26.07
N ASP D 85 -13.83 -7.99 26.52
CA ASP D 85 -13.61 -8.30 27.93
C ASP D 85 -12.79 -7.16 28.52
N PRO D 86 -13.34 -6.42 29.50
CA PRO D 86 -12.57 -5.32 30.11
C PRO D 86 -11.20 -5.68 30.70
N ASN D 87 -11.06 -6.89 31.25
CA ASN D 87 -9.76 -7.34 31.83
C ASN D 87 -8.59 -7.32 30.87
N GLU D 88 -8.87 -7.57 29.58
CA GLU D 88 -7.88 -7.61 28.53
C GLU D 88 -7.51 -6.24 27.99
N TYR D 89 -8.17 -5.19 28.48
CA TYR D 89 -7.95 -3.83 28.01
C TYR D 89 -7.99 -2.82 29.14
N GLY D 90 -7.30 -3.12 30.23
CA GLY D 90 -7.11 -2.16 31.32
C GLY D 90 -8.37 -1.75 32.06
N ASN D 91 -9.36 -2.64 32.09
CA ASN D 91 -10.70 -2.37 32.67
C ASN D 91 -11.50 -1.25 32.01
N ILE D 92 -11.29 -1.01 30.72
CA ILE D 92 -12.12 -0.06 29.97
C ILE D 92 -13.51 -0.67 29.79
N THR D 93 -14.53 0.01 30.30
CA THR D 93 -15.93 -0.44 30.21
C THR D 93 -16.71 0.17 29.05
N ASP D 94 -16.26 1.35 28.58
CA ASP D 94 -16.85 1.99 27.43
C ASP D 94 -15.90 3.00 26.79
N PHE D 95 -16.25 3.46 25.61
CA PHE D 95 -15.50 4.54 24.97
C PHE D 95 -16.34 5.32 23.98
N ARG D 96 -15.86 6.53 23.68
CA ARG D 96 -16.45 7.41 22.70
C ARG D 96 -15.78 7.19 21.38
N THR D 97 -16.56 7.12 20.32
CA THR D 97 -16.00 7.08 18.98
C THR D 97 -16.91 7.79 17.98
N SER D 98 -16.29 8.40 16.99
CA SER D 98 -16.98 8.98 15.85
C SER D 98 -18.03 8.00 15.27
N ALA D 99 -19.22 8.51 15.01
CA ALA D 99 -20.28 7.73 14.37
C ALA D 99 -19.95 7.24 12.97
N ALA D 100 -19.00 7.88 12.30
CA ALA D 100 -18.45 7.36 11.03
C ALA D 100 -17.69 6.01 11.18
N ASP D 101 -17.13 5.70 12.35
CA ASP D 101 -16.40 4.44 12.58
C ASP D 101 -17.28 3.21 12.75
N ILE D 102 -18.57 3.40 13.03
CA ILE D 102 -19.47 2.29 13.31
C ILE D 102 -20.68 2.35 12.40
N TRP D 103 -21.39 1.24 12.31
CA TRP D 103 -22.69 1.23 11.68
C TRP D 103 -23.69 1.98 12.59
N THR D 104 -24.58 2.73 11.97
CA THR D 104 -25.69 3.36 12.68
C THR D 104 -26.97 3.10 11.93
N PRO D 105 -28.09 2.99 12.65
CA PRO D 105 -29.34 2.74 11.97
C PRO D 105 -29.78 3.97 11.13
N ASP D 106 -30.41 3.69 9.99
CA ASP D 106 -30.88 4.69 9.01
C ASP D 106 -32.30 5.25 9.35
N ILE D 107 -32.45 5.76 10.57
CA ILE D 107 -33.73 6.22 11.04
C ILE D 107 -34.05 7.54 10.32
N THR D 108 -35.23 7.62 9.73
CA THR D 108 -35.60 8.68 8.79
C THR D 108 -36.98 9.20 9.15
N ALA D 109 -37.18 10.51 9.10
CA ALA D 109 -38.52 11.09 9.23
C ALA D 109 -39.25 10.85 7.92
N TYR D 110 -40.47 10.36 7.98
CA TYR D 110 -41.21 9.96 6.76
C TYR D 110 -42.00 11.12 6.09
N SER D 111 -42.10 12.30 6.71
CA SER D 111 -42.81 13.40 6.11
C SER D 111 -42.03 14.70 6.18
N SER D 112 -40.71 14.59 6.09
CA SER D 112 -39.84 15.76 6.08
C SER D 112 -40.00 16.50 4.76
N THR D 113 -39.71 17.80 4.78
CA THR D 113 -39.74 18.62 3.56
C THR D 113 -38.38 19.23 3.25
N ARG D 114 -37.39 19.02 4.10
CA ARG D 114 -36.02 19.49 3.88
C ARG D 114 -35.09 18.47 4.49
N PRO D 115 -33.83 18.44 4.04
CA PRO D 115 -32.86 17.62 4.79
C PRO D 115 -32.79 18.03 6.26
N VAL D 116 -32.67 17.05 7.13
CA VAL D 116 -32.52 17.29 8.56
C VAL D 116 -31.18 17.96 8.81
N GLN D 117 -31.14 18.97 9.65
CA GLN D 117 -29.89 19.62 10.01
C GLN D 117 -29.34 19.02 11.30
N VAL D 118 -28.05 18.77 11.31
CA VAL D 118 -27.38 18.17 12.43
C VAL D 118 -26.87 19.27 13.34
N LEU D 119 -27.23 19.23 14.61
CA LEU D 119 -26.90 20.30 15.56
C LEU D 119 -25.95 19.86 16.67
N SER D 120 -25.41 18.66 16.58
CA SER D 120 -24.49 18.17 17.58
C SER D 120 -23.39 17.32 16.92
N PRO D 121 -22.27 17.09 17.64
CA PRO D 121 -21.23 16.21 17.14
C PRO D 121 -21.77 14.81 16.94
N GLN D 122 -21.25 14.10 15.94
CA GLN D 122 -21.75 12.77 15.61
C GLN D 122 -20.78 11.76 16.23
N ILE D 123 -20.97 11.53 17.52
CA ILE D 123 -20.11 10.71 18.32
C ILE D 123 -21.01 9.84 19.16
N ALA D 124 -20.74 8.54 19.16
CA ALA D 124 -21.48 7.57 19.94
C ALA D 124 -20.63 7.03 21.08
N VAL D 125 -21.28 6.38 22.03
CA VAL D 125 -20.62 5.72 23.14
C VAL D 125 -20.90 4.23 23.04
N VAL D 126 -19.83 3.44 23.01
CA VAL D 126 -19.89 2.00 22.90
C VAL D 126 -19.50 1.41 24.24
N THR D 127 -20.28 0.45 24.71
CA THR D 127 -20.07 -0.20 26.00
C THR D 127 -19.66 -1.67 25.79
N HIS D 128 -18.90 -2.23 26.76
CA HIS D 128 -18.24 -3.56 26.63
C HIS D 128 -19.14 -4.74 26.31
N ASP D 129 -20.40 -4.65 26.68
CA ASP D 129 -21.41 -5.64 26.26
C ASP D 129 -21.88 -5.52 24.80
N GLY D 130 -21.32 -4.58 24.04
CA GLY D 130 -21.69 -4.41 22.65
C GLY D 130 -22.81 -3.40 22.43
N SER D 131 -23.26 -2.74 23.49
CA SER D 131 -24.35 -1.79 23.37
C SER D 131 -23.82 -0.41 22.96
N VAL D 132 -24.60 0.29 22.16
CA VAL D 132 -24.26 1.59 21.63
C VAL D 132 -25.33 2.61 21.99
N MET D 133 -24.93 3.78 22.45
CA MET D 133 -25.83 4.91 22.60
C MET D 133 -25.38 6.05 21.69
N PHE D 134 -26.34 6.63 20.98
CA PHE D 134 -26.08 7.72 20.04
C PHE D 134 -27.23 8.72 20.11
N ILE D 135 -26.93 9.98 20.43
CA ILE D 135 -27.96 10.99 20.72
C ILE D 135 -27.73 12.26 19.91
N PRO D 136 -28.06 12.22 18.63
CA PRO D 136 -27.95 13.42 17.79
C PRO D 136 -29.06 14.46 18.02
N ALA D 137 -28.65 15.72 18.06
CA ALA D 137 -29.55 16.85 18.03
C ALA D 137 -29.86 17.22 16.57
N GLN D 138 -31.12 17.51 16.29
CA GLN D 138 -31.59 17.73 14.95
C GLN D 138 -32.59 18.89 14.85
N ARG D 139 -32.61 19.50 13.68
CA ARG D 139 -33.70 20.37 13.29
C ARG D 139 -34.39 19.79 12.08
N LEU D 140 -35.70 19.62 12.18
CA LEU D 140 -36.53 18.99 11.15
C LEU D 140 -37.65 19.94 10.70
N SER D 141 -37.80 20.13 9.40
CA SER D 141 -39.02 20.69 8.81
C SER D 141 -39.87 19.54 8.30
N PHE D 142 -41.14 19.49 8.71
CA PHE D 142 -42.05 18.44 8.27
C PHE D 142 -43.48 18.96 8.01
N MET D 143 -44.27 18.11 7.39
CA MET D 143 -45.60 18.46 6.91
C MET D 143 -46.59 18.53 8.08
N CYS D 144 -47.17 19.72 8.26
CA CYS D 144 -48.08 19.96 9.35
C CYS D 144 -48.89 21.24 9.08
N ASP D 145 -50.22 21.15 9.22
CA ASP D 145 -51.10 22.29 9.04
C ASP D 145 -51.27 22.99 10.39
N PRO D 146 -50.70 24.19 10.57
CA PRO D 146 -50.79 24.91 11.82
C PRO D 146 -52.06 25.79 11.99
N THR D 147 -53.00 25.76 11.05
CA THR D 147 -54.27 26.49 11.18
C THR D 147 -55.00 26.15 12.48
N GLY D 148 -55.28 27.19 13.28
CA GLY D 148 -55.91 27.00 14.59
C GLY D 148 -54.94 26.98 15.76
N VAL D 149 -53.65 27.15 15.47
CA VAL D 149 -52.64 27.13 16.52
C VAL D 149 -52.84 28.27 17.51
N ASP D 150 -53.43 29.37 17.05
CA ASP D 150 -53.74 30.52 17.92
C ASP D 150 -55.03 30.41 18.74
N SER D 151 -55.64 29.24 18.84
CA SER D 151 -56.81 29.02 19.67
C SER D 151 -56.47 28.26 20.94
N GLU D 152 -57.44 28.07 21.82
CA GLU D 152 -57.23 27.34 23.09
C GLU D 152 -57.02 25.84 22.86
N GLU D 153 -57.67 25.27 21.85
CA GLU D 153 -57.53 23.85 21.55
C GLU D 153 -56.19 23.49 20.88
N GLY D 154 -55.61 24.44 20.15
CA GLY D 154 -54.37 24.20 19.44
C GLY D 154 -54.52 23.29 18.23
N VAL D 155 -53.41 22.71 17.80
CA VAL D 155 -53.37 21.80 16.68
C VAL D 155 -52.54 20.58 17.01
N THR D 156 -52.79 19.52 16.27
CA THR D 156 -52.07 18.27 16.44
C THR D 156 -51.33 18.00 15.16
N CYS D 157 -50.06 17.63 15.30
CA CYS D 157 -49.28 17.17 14.17
CA CYS D 157 -49.27 17.17 14.16
C CYS D 157 -48.50 15.91 14.51
N ALA D 158 -48.11 15.20 13.46
CA ALA D 158 -47.51 13.90 13.60
C ALA D 158 -46.44 13.65 12.56
N VAL D 159 -45.40 12.93 12.94
CA VAL D 159 -44.38 12.50 12.01
C VAL D 159 -43.84 11.13 12.41
N LYS D 160 -43.71 10.23 11.44
CA LYS D 160 -43.18 8.89 11.68
C LYS D 160 -41.67 8.83 11.49
N PHE D 161 -40.99 8.17 12.41
CA PHE D 161 -39.57 7.89 12.29
C PHE D 161 -39.36 6.40 12.19
N GLY D 162 -38.65 5.95 11.17
CA GLY D 162 -38.31 4.55 11.01
C GLY D 162 -37.16 4.35 10.06
N SER D 163 -36.70 3.12 9.94
CA SER D 163 -35.72 2.76 8.94
C SER D 163 -36.31 2.97 7.57
N TRP D 164 -35.52 3.52 6.67
CA TRP D 164 -35.93 3.69 5.29
C TRP D 164 -35.83 2.39 4.49
N VAL D 165 -34.81 1.58 4.74
CA VAL D 165 -34.54 0.41 3.90
C VAL D 165 -34.61 -0.96 4.55
N TYR D 166 -34.70 -1.02 5.88
CA TYR D 166 -34.81 -2.28 6.59
C TYR D 166 -36.23 -2.49 7.09
N SER D 167 -36.81 -3.63 6.74
CA SER D 167 -38.13 -4.00 7.25
C SER D 167 -38.05 -4.47 8.70
N GLY D 168 -39.21 -4.76 9.27
CA GLY D 168 -39.33 -5.38 10.60
C GLY D 168 -38.59 -6.69 10.80
N PHE D 169 -38.31 -7.42 9.74
CA PHE D 169 -37.48 -8.65 9.84
C PHE D 169 -36.01 -8.40 10.12
N GLU D 170 -35.49 -7.20 9.87
CA GLU D 170 -34.08 -6.86 10.20
C GLU D 170 -33.96 -5.83 11.30
N ILE D 171 -34.85 -4.84 11.34
CA ILE D 171 -34.82 -3.82 12.39
C ILE D 171 -36.19 -3.67 12.99
N ASP D 172 -36.29 -3.94 14.28
CA ASP D 172 -37.46 -3.63 15.07
C ASP D 172 -37.16 -2.38 15.91
N LEU D 173 -38.20 -1.63 16.26
CA LEU D 173 -38.04 -0.45 17.10
C LEU D 173 -38.87 -0.62 18.35
N LYS D 174 -38.43 0.02 19.42
CA LYS D 174 -39.26 0.16 20.60
C LYS D 174 -38.95 1.47 21.31
N THR D 175 -39.82 1.85 22.22
CA THR D 175 -39.62 2.97 23.10
C THR D 175 -39.57 2.44 24.53
N ASP D 176 -38.93 3.17 25.44
CA ASP D 176 -39.01 2.86 26.87
C ASP D 176 -40.24 3.46 27.53
N THR D 177 -40.72 4.57 26.97
CA THR D 177 -41.93 5.22 27.45
C THR D 177 -42.66 5.78 26.25
N ASP D 178 -43.96 5.98 26.37
CA ASP D 178 -44.73 6.66 25.34
C ASP D 178 -44.77 8.20 25.52
N GLN D 179 -44.21 8.72 26.61
CA GLN D 179 -44.14 10.15 26.86
C GLN D 179 -42.83 10.71 26.30
N VAL D 180 -42.95 11.71 25.42
CA VAL D 180 -41.82 12.47 24.95
C VAL D 180 -41.29 13.28 26.13
N ASP D 181 -39.97 13.38 26.24
CA ASP D 181 -39.37 14.15 27.31
C ASP D 181 -39.50 15.65 27.00
N LEU D 182 -40.22 16.37 27.88
CA LEU D 182 -40.43 17.80 27.74
C LEU D 182 -39.71 18.62 28.80
N SER D 183 -38.83 18.00 29.57
CA SER D 183 -38.21 18.70 30.70
C SER D 183 -37.10 19.69 30.27
N SER D 184 -36.64 19.63 29.02
CA SER D 184 -35.77 20.67 28.46
C SER D 184 -36.49 21.59 27.45
N TYR D 185 -37.81 21.59 27.42
CA TYR D 185 -38.52 22.37 26.41
C TYR D 185 -38.30 23.85 26.73
N TYR D 186 -37.93 24.63 25.71
CA TYR D 186 -37.65 26.05 25.88
C TYR D 186 -38.88 26.81 26.47
N ALA D 187 -38.70 27.35 27.66
CA ALA D 187 -39.79 28.00 28.41
C ALA D 187 -40.34 29.27 27.75
N SER D 188 -39.54 29.95 26.93
CA SER D 188 -40.06 31.12 26.19
C SER D 188 -40.29 30.87 24.71
N SER D 189 -40.53 29.63 24.31
CA SER D 189 -40.96 29.34 22.97
C SER D 189 -42.24 30.12 22.66
N LYS D 190 -42.44 30.42 21.38
CA LYS D 190 -43.73 30.94 20.92
C LYS D 190 -44.85 29.93 21.12
N TYR D 191 -44.55 28.63 21.18
CA TYR D 191 -45.57 27.59 21.29
C TYR D 191 -45.41 26.81 22.58
N GLU D 192 -46.52 26.51 23.24
CA GLU D 192 -46.51 25.59 24.37
C GLU D 192 -47.04 24.24 23.94
N ILE D 193 -46.52 23.20 24.58
CA ILE D 193 -46.86 21.82 24.26
C ILE D 193 -47.96 21.41 25.21
N LEU D 194 -49.06 20.91 24.65
CA LEU D 194 -50.15 20.38 25.45
C LEU D 194 -49.95 18.89 25.69
N SER D 195 -49.46 18.18 24.68
CA SER D 195 -49.01 16.80 24.86
C SER D 195 -48.08 16.37 23.75
N ALA D 196 -47.32 15.33 24.04
CA ALA D 196 -46.32 14.81 23.11
C ALA D 196 -46.07 13.36 23.41
N THR D 197 -46.43 12.51 22.47
CA THR D 197 -46.29 11.07 22.61
C THR D 197 -45.43 10.47 21.49
N GLN D 198 -44.88 9.30 21.78
CA GLN D 198 -44.05 8.54 20.86
C GLN D 198 -44.48 7.08 20.93
N THR D 199 -44.98 6.54 19.82
CA THR D 199 -45.66 5.25 19.85
C THR D 199 -45.22 4.38 18.66
N ARG D 200 -44.88 3.14 18.96
CA ARG D 200 -44.53 2.14 17.94
C ARG D 200 -45.73 1.81 17.06
N GLN D 201 -45.54 1.73 15.75
CA GLN D 201 -46.56 1.29 14.78
C GLN D 201 -45.95 0.36 13.74
N VAL D 202 -46.81 -0.40 13.09
CA VAL D 202 -46.46 -1.27 11.97
C VAL D 202 -47.14 -0.74 10.72
N GLN D 203 -46.43 -0.68 9.59
CA GLN D 203 -46.98 -0.15 8.32
C GLN D 203 -46.67 -1.17 7.21
N HIS D 204 -47.47 -1.13 6.15
CA HIS D 204 -47.16 -1.77 4.89
C HIS D 204 -47.09 -0.73 3.77
N TYR D 205 -46.14 -0.92 2.87
CA TYR D 205 -45.94 0.00 1.75
C TYR D 205 -46.02 -0.77 0.43
N SER D 206 -46.37 -0.08 -0.65
CA SER D 206 -46.61 -0.70 -1.97
C SER D 206 -45.39 -1.43 -2.55
N CYS D 207 -44.20 -0.88 -2.38
CA CYS D 207 -42.96 -1.46 -2.93
C CYS D 207 -42.60 -2.87 -2.50
N CYS D 208 -43.08 -3.29 -1.33
CA CYS D 208 -42.39 -4.29 -0.51
C CYS D 208 -43.42 -5.10 0.29
N PRO D 209 -43.32 -6.43 0.31
CA PRO D 209 -44.35 -7.21 1.05
C PRO D 209 -44.17 -7.21 2.58
N GLU D 210 -42.97 -6.88 3.06
CA GLU D 210 -42.62 -7.05 4.48
C GLU D 210 -43.13 -5.85 5.29
N PRO D 211 -43.54 -6.08 6.54
CA PRO D 211 -43.92 -4.97 7.41
C PRO D 211 -42.73 -4.07 7.82
N TYR D 212 -42.99 -2.77 7.93
CA TYR D 212 -42.02 -1.79 8.36
C TYR D 212 -42.45 -1.26 9.72
N ILE D 213 -41.48 -0.97 10.59
CA ILE D 213 -41.79 -0.47 11.92
C ILE D 213 -41.42 1.01 11.97
N ASP D 214 -42.25 1.82 12.62
CA ASP D 214 -41.88 3.21 12.92
C ASP D 214 -42.29 3.61 14.34
N VAL D 215 -41.76 4.72 14.80
CA VAL D 215 -42.23 5.39 16.00
C VAL D 215 -42.91 6.68 15.55
N ASN D 216 -44.17 6.84 15.93
CA ASN D 216 -45.00 7.99 15.53
C ASN D 216 -44.93 9.04 16.64
N LEU D 217 -44.37 10.20 16.30
CA LEU D 217 -44.24 11.32 17.21
C LEU D 217 -45.46 12.23 16.99
N VAL D 218 -46.33 12.32 17.99
CA VAL D 218 -47.56 13.12 17.91
C VAL D 218 -47.46 14.26 18.89
N VAL D 219 -47.53 15.49 18.39
CA VAL D 219 -47.38 16.69 19.24
C VAL D 219 -48.61 17.58 19.10
N LYS D 220 -49.20 17.94 20.24
CA LYS D 220 -50.30 18.86 20.30
C LYS D 220 -49.82 20.14 20.92
N PHE D 221 -50.00 21.26 20.23
CA PHE D 221 -49.44 22.53 20.68
C PHE D 221 -50.31 23.72 20.30
N ARG D 222 -50.03 24.85 20.93
CA ARG D 222 -50.72 26.10 20.65
C ARG D 222 -49.83 27.28 20.96
N GLU D 223 -50.19 28.46 20.46
CA GLU D 223 -49.45 29.69 20.77
C GLU D 223 -49.45 29.98 22.26
N ARG D 224 -48.31 30.36 22.81
CA ARG D 224 -48.20 30.79 24.21
C ARG D 224 -48.74 32.21 24.36
N GLN E 20 -23.43 -12.51 9.96
CA GLN E 20 -22.46 -11.48 9.56
C GLN E 20 -21.41 -12.08 8.63
N ALA E 21 -20.83 -13.22 9.03
CA ALA E 21 -19.68 -13.82 8.33
C ALA E 21 -19.96 -14.07 6.85
N ASN E 22 -21.09 -14.72 6.57
CA ASN E 22 -21.45 -15.00 5.19
C ASN E 22 -21.69 -13.74 4.35
N LEU E 23 -22.36 -12.73 4.94
CA LEU E 23 -22.58 -11.46 4.26
C LEU E 23 -21.28 -10.70 4.01
N MET E 24 -20.41 -10.63 5.02
CA MET E 24 -19.08 -10.01 4.85
C MET E 24 -18.29 -10.64 3.71
N ARG E 25 -18.38 -11.95 3.63
CA ARG E 25 -17.70 -12.72 2.60
C ARG E 25 -18.32 -12.45 1.21
N LEU E 26 -19.65 -12.45 1.14
CA LEU E 26 -20.34 -12.07 -0.10
C LEU E 26 -19.98 -10.66 -0.58
N LYS E 27 -19.98 -9.70 0.33
CA LYS E 27 -19.68 -8.33 -0.06
C LYS E 27 -18.25 -8.17 -0.49
N SER E 28 -17.35 -8.81 0.24
CA SER E 28 -15.94 -8.87 -0.17
C SER E 28 -15.77 -9.51 -1.57
N ASP E 29 -16.48 -10.60 -1.84
CA ASP E 29 -16.41 -11.19 -3.18
C ASP E 29 -16.99 -10.32 -4.30
N LEU E 30 -18.09 -9.61 -4.03
CA LEU E 30 -18.67 -8.75 -5.07
C LEU E 30 -17.88 -7.46 -5.31
N PHE E 31 -17.30 -6.85 -4.27
CA PHE E 31 -16.76 -5.49 -4.39
C PHE E 31 -15.24 -5.33 -4.31
N ASN E 32 -14.54 -6.22 -3.59
CA ASN E 32 -13.08 -6.10 -3.47
C ASN E 32 -12.30 -6.81 -4.56
N ARG E 33 -12.94 -7.74 -5.28
CA ARG E 33 -12.20 -8.61 -6.23
C ARG E 33 -12.12 -8.15 -7.68
N SER E 34 -12.90 -7.14 -8.06
CA SER E 34 -12.90 -6.62 -9.43
C SER E 34 -12.82 -5.10 -9.39
N PRO E 35 -12.51 -4.43 -10.54
CA PRO E 35 -12.80 -2.99 -10.63
C PRO E 35 -14.31 -2.75 -10.65
N MET E 36 -14.76 -1.57 -10.22
CA MET E 36 -16.20 -1.27 -10.17
C MET E 36 -16.82 -1.40 -11.58
N TYR E 37 -18.08 -1.80 -11.63
CA TYR E 37 -18.84 -1.80 -12.86
C TYR E 37 -18.76 -0.40 -13.53
N PRO E 38 -18.35 -0.33 -14.80
CA PRO E 38 -18.13 0.96 -15.48
C PRO E 38 -19.39 1.58 -16.12
N GLY E 39 -20.56 1.01 -15.83
CA GLY E 39 -21.81 1.49 -16.40
C GLY E 39 -22.14 0.78 -17.69
N PRO E 40 -23.35 1.01 -18.20
CA PRO E 40 -23.82 0.33 -19.40
C PRO E 40 -23.18 0.88 -20.67
N THR E 41 -23.27 0.09 -21.74
CA THR E 41 -22.69 0.42 -23.04
C THR E 41 -23.67 0.01 -24.15
N LYS E 42 -23.32 0.33 -25.40
CA LYS E 42 -24.10 -0.13 -26.57
C LYS E 42 -24.22 -1.66 -26.64
N ASP E 43 -23.18 -2.37 -26.21
CA ASP E 43 -23.17 -3.85 -26.25
C ASP E 43 -23.86 -4.48 -25.03
N ASP E 44 -23.81 -3.81 -23.88
CA ASP E 44 -24.51 -4.26 -22.67
C ASP E 44 -25.46 -3.19 -22.13
N PRO E 45 -26.56 -2.93 -22.87
CA PRO E 45 -27.50 -1.90 -22.44
C PRO E 45 -28.30 -2.32 -21.22
N LEU E 46 -29.04 -1.38 -20.67
CA LEU E 46 -29.70 -1.52 -19.39
C LEU E 46 -31.06 -0.85 -19.45
N THR E 47 -32.05 -1.47 -18.84
CA THR E 47 -33.38 -0.87 -18.70
C THR E 47 -33.63 -0.56 -17.23
N VAL E 48 -33.92 0.71 -16.95
CA VAL E 48 -34.27 1.17 -15.61
C VAL E 48 -35.77 1.37 -15.52
N THR E 49 -36.39 0.76 -14.52
CA THR E 49 -37.81 0.97 -14.29
C THR E 49 -37.97 2.08 -13.26
N LEU E 50 -38.82 3.07 -13.59
CA LEU E 50 -39.09 4.22 -12.69
C LEU E 50 -40.54 4.23 -12.27
N GLY E 51 -40.79 4.62 -11.02
CA GLY E 51 -42.13 4.92 -10.56
C GLY E 51 -42.11 6.00 -9.49
N PHE E 52 -43.08 6.91 -9.51
CA PHE E 52 -43.12 8.01 -8.57
C PHE E 52 -44.22 7.85 -7.56
N THR E 53 -43.95 8.25 -6.34
CA THR E 53 -44.91 8.37 -5.27
C THR E 53 -44.88 9.83 -4.80
N LEU E 54 -45.94 10.58 -5.08
CA LEU E 54 -45.98 12.00 -4.80
C LEU E 54 -46.51 12.22 -3.38
N GLN E 55 -45.71 12.88 -2.53
CA GLN E 55 -46.07 13.12 -1.13
CA GLN E 55 -46.07 13.12 -1.13
C GLN E 55 -46.67 14.50 -0.89
N ASP E 56 -46.13 15.53 -1.54
CA ASP E 56 -46.60 16.89 -1.29
C ASP E 56 -46.16 17.86 -2.36
N ILE E 57 -47.06 18.77 -2.74
CA ILE E 57 -46.69 19.99 -3.43
C ILE E 57 -46.58 21.00 -2.30
N VAL E 58 -45.36 21.41 -1.99
CA VAL E 58 -45.09 22.19 -0.81
C VAL E 58 -45.37 23.67 -1.06
N LYS E 59 -44.85 24.20 -2.16
CA LYS E 59 -45.21 25.54 -2.56
C LYS E 59 -45.10 25.82 -4.04
N VAL E 60 -45.74 26.92 -4.42
CA VAL E 60 -45.65 27.49 -5.76
C VAL E 60 -45.12 28.91 -5.56
N ASP E 61 -44.30 29.38 -6.50
CA ASP E 61 -43.88 30.76 -6.52
C ASP E 61 -44.37 31.34 -7.85
N SER E 62 -45.43 32.15 -7.77
CA SER E 62 -46.02 32.74 -8.97
C SER E 62 -45.22 33.92 -9.53
N SER E 63 -44.27 34.45 -8.76
CA SER E 63 -43.42 35.50 -9.32
C SER E 63 -42.22 34.95 -10.12
N THR E 64 -41.84 33.68 -9.92
CA THR E 64 -40.73 33.05 -10.66
C THR E 64 -41.11 31.83 -11.49
N ASN E 65 -42.37 31.38 -11.38
CA ASN E 65 -42.84 30.15 -12.01
C ASN E 65 -42.00 28.91 -11.65
N GLU E 66 -41.87 28.70 -10.35
CA GLU E 66 -41.20 27.54 -9.77
C GLU E 66 -42.18 26.82 -8.84
N VAL E 67 -42.25 25.51 -8.91
CA VAL E 67 -43.03 24.69 -7.99
C VAL E 67 -42.14 23.67 -7.29
N ASP E 68 -42.43 23.41 -6.02
CA ASP E 68 -41.63 22.49 -5.17
C ASP E 68 -42.41 21.22 -4.83
N LEU E 69 -41.89 20.05 -5.21
CA LEU E 69 -42.46 18.75 -4.91
C LEU E 69 -41.61 17.95 -3.97
N VAL E 70 -42.24 17.19 -3.10
CA VAL E 70 -41.61 16.18 -2.31
C VAL E 70 -42.19 14.84 -2.77
N TYR E 71 -41.31 13.92 -3.15
CA TYR E 71 -41.72 12.63 -3.67
C TYR E 71 -40.65 11.59 -3.39
N TYR E 72 -41.00 10.33 -3.60
CA TYR E 72 -39.95 9.36 -3.79
C TYR E 72 -40.07 8.58 -5.07
N GLU E 73 -38.90 8.19 -5.56
CA GLU E 73 -38.71 7.72 -6.90
C GLU E 73 -38.13 6.30 -6.81
N GLN E 74 -38.97 5.31 -7.10
CA GLN E 74 -38.52 3.92 -7.16
C GLN E 74 -37.70 3.67 -8.43
N GLN E 75 -36.46 3.20 -8.28
CA GLN E 75 -35.59 2.86 -9.42
C GLN E 75 -35.22 1.38 -9.33
N ARG E 76 -35.37 0.65 -10.43
CA ARG E 76 -35.01 -0.77 -10.51
C ARG E 76 -34.21 -1.05 -11.76
N TRP E 77 -33.13 -1.81 -11.59
CA TRP E 77 -32.34 -2.30 -12.72
C TRP E 77 -31.67 -3.61 -12.34
N LYS E 78 -30.98 -4.24 -13.29
CA LYS E 78 -30.41 -5.59 -13.11
C LYS E 78 -29.05 -5.71 -13.80
N LEU E 79 -28.04 -6.13 -13.04
CA LEU E 79 -26.69 -6.38 -13.59
C LEU E 79 -26.25 -7.84 -13.38
N ASN E 80 -25.67 -8.45 -14.41
CA ASN E 80 -25.04 -9.78 -14.28
C ASN E 80 -23.93 -9.81 -13.24
N SER E 81 -23.12 -8.74 -13.16
CA SER E 81 -22.00 -8.68 -12.22
C SER E 81 -22.38 -8.60 -10.74
N LEU E 82 -23.67 -8.49 -10.41
CA LEU E 82 -24.12 -8.54 -9.02
C LEU E 82 -24.83 -9.85 -8.69
N MET E 83 -24.79 -10.82 -9.60
CA MET E 83 -25.37 -12.14 -9.34
C MET E 83 -24.52 -12.96 -8.38
N TRP E 84 -25.17 -13.76 -7.54
CA TRP E 84 -24.52 -14.79 -6.77
C TRP E 84 -25.47 -15.94 -6.54
N ASP E 85 -24.89 -17.09 -6.19
CA ASP E 85 -25.63 -18.30 -5.83
C ASP E 85 -25.82 -18.28 -4.31
N PRO E 86 -27.07 -18.21 -3.83
CA PRO E 86 -27.30 -18.20 -2.38
C PRO E 86 -26.70 -19.37 -1.58
N ASN E 87 -26.65 -20.57 -2.17
CA ASN E 87 -26.05 -21.76 -1.49
C ASN E 87 -24.63 -21.59 -1.03
N GLU E 88 -23.85 -20.80 -1.78
CA GLU E 88 -22.45 -20.54 -1.50
C GLU E 88 -22.23 -19.46 -0.47
N TYR E 89 -23.31 -18.83 0.02
CA TYR E 89 -23.24 -17.73 0.96
C TYR E 89 -24.33 -17.79 2.02
N GLY E 90 -24.55 -18.99 2.57
CA GLY E 90 -25.47 -19.16 3.70
C GLY E 90 -26.92 -18.86 3.42
N ASN E 91 -27.33 -19.06 2.17
CA ASN E 91 -28.70 -18.74 1.69
C ASN E 91 -29.11 -17.26 1.77
N ILE E 92 -28.14 -16.35 1.67
CA ILE E 92 -28.45 -14.92 1.59
C ILE E 92 -29.05 -14.63 0.22
N THR E 93 -30.28 -14.12 0.20
CA THR E 93 -30.99 -13.80 -1.05
C THR E 93 -30.90 -12.33 -1.45
N ASP E 94 -30.63 -11.45 -0.49
CA ASP E 94 -30.40 -10.03 -0.76
C ASP E 94 -29.64 -9.35 0.36
N PHE E 95 -29.19 -8.13 0.10
CA PHE E 95 -28.57 -7.32 1.15
C PHE E 95 -28.68 -5.83 0.84
N ARG E 96 -28.50 -5.04 1.90
CA ARG E 96 -28.51 -3.60 1.85
C ARG E 96 -27.08 -3.15 1.71
N THR E 97 -26.85 -2.18 0.82
CA THR E 97 -25.55 -1.55 0.74
C THR E 97 -25.68 -0.09 0.36
N SER E 98 -24.76 0.71 0.89
CA SER E 98 -24.62 2.10 0.50
C SER E 98 -24.62 2.27 -1.03
N ALA E 99 -25.38 3.25 -1.51
CA ALA E 99 -25.42 3.58 -2.94
C ALA E 99 -24.07 4.06 -3.50
N ALA E 100 -23.17 4.54 -2.65
CA ALA E 100 -21.78 4.80 -3.07
C ALA E 100 -20.98 3.53 -3.50
N ASP E 101 -21.33 2.34 -3.00
CA ASP E 101 -20.62 1.09 -3.33
C ASP E 101 -20.98 0.52 -4.71
N ILE E 102 -22.08 0.98 -5.31
CA ILE E 102 -22.54 0.42 -6.58
C ILE E 102 -22.74 1.56 -7.58
N TRP E 103 -22.83 1.19 -8.84
CA TRP E 103 -23.25 2.12 -9.87
C TRP E 103 -24.76 2.38 -9.70
N THR E 104 -25.17 3.62 -9.92
CA THR E 104 -26.56 4.00 -9.96
C THR E 104 -26.81 4.84 -11.19
N PRO E 105 -28.02 4.73 -11.76
CA PRO E 105 -28.29 5.51 -12.95
C PRO E 105 -28.38 7.03 -12.62
N ASP E 106 -27.93 7.85 -13.56
CA ASP E 106 -27.87 9.31 -13.46
C ASP E 106 -29.21 10.00 -13.87
N ILE E 107 -30.30 9.58 -13.25
CA ILE E 107 -31.62 10.07 -13.58
C ILE E 107 -31.73 11.51 -13.07
N THR E 108 -32.12 12.40 -13.96
CA THR E 108 -32.07 13.84 -13.73
C THR E 108 -33.39 14.47 -14.16
N ALA E 109 -33.89 15.43 -13.36
CA ALA E 109 -35.04 16.22 -13.78
C ALA E 109 -34.56 17.23 -14.82
N TYR E 110 -35.27 17.35 -15.93
CA TYR E 110 -34.81 18.18 -17.06
C TYR E 110 -35.21 19.67 -16.98
N SER E 111 -36.03 20.05 -16.02
CA SER E 111 -36.44 21.45 -15.89
C SER E 111 -36.34 21.92 -14.45
N SER E 112 -35.35 21.41 -13.73
CA SER E 112 -35.11 21.82 -12.35
C SER E 112 -34.53 23.23 -12.33
N THR E 113 -34.75 23.94 -11.23
CA THR E 113 -34.19 25.28 -11.05
C THR E 113 -33.28 25.36 -9.84
N ARG E 114 -33.14 24.28 -9.09
CA ARG E 114 -32.24 24.19 -7.95
C ARG E 114 -31.70 22.78 -7.89
N PRO E 115 -30.56 22.58 -7.22
CA PRO E 115 -30.18 21.17 -6.95
C PRO E 115 -31.28 20.43 -6.16
N VAL E 116 -31.50 19.18 -6.51
CA VAL E 116 -32.44 18.33 -5.82
C VAL E 116 -31.93 18.08 -4.41
N GLN E 117 -32.80 18.15 -3.42
CA GLN E 117 -32.42 17.85 -2.05
C GLN E 117 -32.76 16.40 -1.72
N VAL E 118 -31.83 15.73 -1.06
CA VAL E 118 -31.97 14.33 -0.72
C VAL E 118 -32.59 14.23 0.66
N LEU E 119 -33.69 13.50 0.78
CA LEU E 119 -34.44 13.44 2.05
C LEU E 119 -34.43 12.05 2.69
N SER E 120 -33.65 11.13 2.15
CA SER E 120 -33.57 9.78 2.68
C SER E 120 -32.14 9.26 2.57
N PRO E 121 -31.82 8.21 3.35
CA PRO E 121 -30.51 7.57 3.27
C PRO E 121 -30.29 7.00 1.87
N GLN E 122 -29.05 7.02 1.41
CA GLN E 122 -28.75 6.57 0.05
C GLN E 122 -28.21 5.15 0.16
N ILE E 123 -29.15 4.23 0.27
CA ILE E 123 -28.89 2.83 0.49
C ILE E 123 -29.82 2.07 -0.43
N ALA E 124 -29.25 1.13 -1.19
CA ALA E 124 -30.02 0.29 -2.09
C ALA E 124 -30.07 -1.15 -1.57
N VAL E 125 -30.97 -1.92 -2.15
CA VAL E 125 -31.07 -3.35 -1.86
C VAL E 125 -30.74 -4.11 -3.12
N VAL E 126 -29.76 -5.02 -3.01
CA VAL E 126 -29.31 -5.86 -4.11
C VAL E 126 -29.78 -7.28 -3.85
N THR E 127 -30.35 -7.90 -4.87
CA THR E 127 -30.91 -9.24 -4.81
C THR E 127 -30.06 -10.22 -5.65
N HIS E 128 -30.07 -11.50 -5.26
CA HIS E 128 -29.16 -12.54 -5.81
C HIS E 128 -29.18 -12.74 -7.32
N ASP E 129 -30.31 -12.42 -7.95
CA ASP E 129 -30.39 -12.38 -9.42
C ASP E 129 -29.73 -11.17 -10.08
N GLY E 130 -29.11 -10.29 -9.31
CA GLY E 130 -28.45 -9.12 -9.85
C GLY E 130 -29.34 -7.88 -9.92
N SER E 131 -30.56 -7.98 -9.40
CA SER E 131 -31.47 -6.85 -9.47
C SER E 131 -31.25 -5.91 -8.27
N VAL E 132 -31.43 -4.61 -8.55
CA VAL E 132 -31.24 -3.57 -7.56
C VAL E 132 -32.50 -2.74 -7.42
N MET E 133 -32.90 -2.45 -6.18
CA MET E 133 -33.94 -1.48 -5.93
C MET E 133 -33.36 -0.33 -5.11
N PHE E 134 -33.68 0.90 -5.55
CA PHE E 134 -33.20 2.11 -4.89
C PHE E 134 -34.32 3.16 -4.91
N ILE E 135 -34.71 3.64 -3.72
CA ILE E 135 -35.91 4.49 -3.59
C ILE E 135 -35.59 5.75 -2.81
N PRO E 136 -34.91 6.71 -3.45
CA PRO E 136 -34.63 7.98 -2.82
C PRO E 136 -35.84 8.93 -2.71
N ALA E 137 -35.97 9.55 -1.53
CA ALA E 137 -36.88 10.64 -1.32
C ALA E 137 -36.19 11.96 -1.69
N GLN E 138 -36.93 12.83 -2.38
CA GLN E 138 -36.37 14.04 -2.94
C GLN E 138 -37.30 15.22 -2.78
N ARG E 139 -36.70 16.41 -2.73
CA ARG E 139 -37.42 17.65 -2.95
C ARG E 139 -36.86 18.33 -4.19
N LEU E 140 -37.74 18.67 -5.10
CA LEU E 140 -37.39 19.26 -6.39
C LEU E 140 -38.11 20.61 -6.60
N SER E 141 -37.37 21.65 -6.97
CA SER E 141 -37.94 22.87 -7.55
C SER E 141 -37.82 22.78 -9.07
N PHE E 142 -38.92 22.97 -9.78
CA PHE E 142 -38.91 22.92 -11.23
C PHE E 142 -39.84 23.97 -11.87
N MET E 143 -39.68 24.13 -13.18
CA MET E 143 -40.36 25.16 -13.94
C MET E 143 -41.81 24.83 -14.17
N CYS E 144 -42.68 25.69 -13.67
CA CYS E 144 -44.12 25.49 -13.76
C CYS E 144 -44.85 26.81 -13.47
N ASP E 145 -45.78 27.16 -14.36
CA ASP E 145 -46.60 28.36 -14.20
C ASP E 145 -47.84 28.01 -13.40
N PRO E 146 -47.93 28.50 -12.15
CA PRO E 146 -49.09 28.19 -11.31
C PRO E 146 -50.30 29.14 -11.47
N THR E 147 -50.26 30.08 -12.41
CA THR E 147 -51.41 30.94 -12.73
C THR E 147 -52.71 30.13 -12.97
N GLY E 148 -53.74 30.42 -12.19
CA GLY E 148 -55.01 29.69 -12.26
C GLY E 148 -55.14 28.55 -11.25
N VAL E 149 -54.13 28.38 -10.39
CA VAL E 149 -54.15 27.30 -9.41
C VAL E 149 -55.29 27.49 -8.42
N ASP E 150 -55.72 28.73 -8.20
CA ASP E 150 -56.84 29.05 -7.32
C ASP E 150 -58.25 28.89 -7.94
N SER E 151 -58.38 28.26 -9.11
CA SER E 151 -59.67 28.03 -9.73
C SER E 151 -60.07 26.56 -9.61
N GLU E 152 -61.27 26.22 -10.06
CA GLU E 152 -61.77 24.86 -10.03
C GLU E 152 -61.03 23.92 -10.99
N GLU E 153 -60.60 24.44 -12.14
CA GLU E 153 -59.91 23.64 -13.15
C GLU E 153 -58.45 23.34 -12.74
N GLY E 154 -57.84 24.22 -11.95
CA GLY E 154 -56.45 24.09 -11.58
C GLY E 154 -55.47 24.33 -12.71
N VAL E 155 -54.26 23.81 -12.55
CA VAL E 155 -53.20 23.94 -13.54
C VAL E 155 -52.52 22.61 -13.75
N THR E 156 -51.87 22.50 -14.89
CA THR E 156 -51.14 21.30 -15.25
C THR E 156 -49.68 21.68 -15.37
N CYS E 157 -48.83 20.87 -14.77
CA CYS E 157 -47.39 21.01 -14.94
CA CYS E 157 -47.39 21.01 -14.94
C CYS E 157 -46.73 19.67 -15.21
N ALA E 158 -45.54 19.74 -15.81
CA ALA E 158 -44.83 18.59 -16.25
C ALA E 158 -43.34 18.72 -16.06
N VAL E 159 -42.70 17.59 -15.77
CA VAL E 159 -41.25 17.55 -15.70
C VAL E 159 -40.75 16.19 -16.20
N LYS E 160 -39.73 16.21 -17.05
CA LYS E 160 -39.13 15.00 -17.58
C LYS E 160 -37.98 14.50 -16.71
N PHE E 161 -37.96 13.20 -16.46
CA PHE E 161 -36.86 12.54 -15.77
C PHE E 161 -36.18 11.57 -16.74
N GLY E 162 -34.87 11.70 -16.88
CA GLY E 162 -34.10 10.75 -17.68
C GLY E 162 -32.63 10.84 -17.40
N SER E 163 -31.87 9.95 -18.03
CA SER E 163 -30.42 10.02 -17.94
C SER E 163 -29.94 11.30 -18.58
N TRP E 164 -28.97 11.94 -17.95
CA TRP E 164 -28.36 13.13 -18.50
C TRP E 164 -27.35 12.80 -19.61
N VAL E 165 -26.59 11.72 -19.45
CA VAL E 165 -25.48 11.44 -20.36
C VAL E 165 -25.54 10.16 -21.18
N TYR E 166 -26.48 9.27 -20.88
CA TYR E 166 -26.66 8.04 -21.63
C TYR E 166 -27.89 8.14 -22.53
N SER E 167 -27.68 7.89 -23.82
CA SER E 167 -28.79 7.83 -24.77
C SER E 167 -29.58 6.54 -24.64
N GLY E 168 -30.64 6.43 -25.42
CA GLY E 168 -31.43 5.21 -25.54
C GLY E 168 -30.67 3.94 -25.93
N PHE E 169 -29.52 4.09 -26.59
CA PHE E 169 -28.67 2.94 -26.90
C PHE E 169 -27.98 2.30 -25.69
N GLU E 170 -27.85 3.03 -24.57
CA GLU E 170 -27.27 2.45 -23.34
C GLU E 170 -28.26 2.32 -22.19
N ILE E 171 -29.18 3.28 -22.05
CA ILE E 171 -30.20 3.23 -20.99
C ILE E 171 -31.57 3.47 -21.60
N ASP E 172 -32.43 2.49 -21.44
CA ASP E 172 -33.84 2.62 -21.74
C ASP E 172 -34.59 2.74 -20.41
N LEU E 173 -35.76 3.34 -20.43
CA LEU E 173 -36.61 3.47 -19.24
C LEU E 173 -37.95 2.86 -19.50
N LYS E 174 -38.60 2.42 -18.45
CA LYS E 174 -40.01 2.05 -18.52
C LYS E 174 -40.68 2.32 -17.19
N THR E 175 -42.01 2.28 -17.21
CA THR E 175 -42.82 2.32 -16.01
C THR E 175 -43.60 1.02 -15.95
N ASP E 176 -44.03 0.62 -14.75
CA ASP E 176 -44.96 -0.50 -14.58
C ASP E 176 -46.41 -0.08 -14.77
N THR E 177 -46.71 1.17 -14.46
CA THR E 177 -48.03 1.74 -14.63
C THR E 177 -47.85 3.19 -15.04
N ASP E 178 -48.86 3.75 -15.69
CA ASP E 178 -48.87 5.18 -15.98
C ASP E 178 -49.50 6.04 -14.86
N GLN E 179 -50.03 5.42 -13.80
CA GLN E 179 -50.59 6.14 -12.67
C GLN E 179 -49.51 6.36 -11.61
N VAL E 180 -49.31 7.63 -11.26
CA VAL E 180 -48.46 7.99 -10.14
C VAL E 180 -49.15 7.52 -8.87
N ASP E 181 -48.40 7.02 -7.91
CA ASP E 181 -48.96 6.62 -6.62
C ASP E 181 -49.29 7.88 -5.78
N LEU E 182 -50.56 8.07 -5.51
CA LEU E 182 -51.05 9.19 -4.70
C LEU E 182 -51.59 8.80 -3.35
N SER E 183 -51.40 7.54 -2.96
CA SER E 183 -52.05 7.04 -1.74
C SER E 183 -51.37 7.50 -0.44
N SER E 184 -50.17 8.07 -0.53
CA SER E 184 -49.50 8.72 0.60
C SER E 184 -49.48 10.25 0.45
N TYR E 185 -50.29 10.84 -0.44
CA TYR E 185 -50.25 12.28 -0.62
C TYR E 185 -50.76 12.95 0.66
N TYR E 186 -50.03 13.94 1.13
CA TYR E 186 -50.39 14.66 2.37
C TYR E 186 -51.80 15.27 2.29
N ALA E 187 -52.68 14.78 3.14
CA ALA E 187 -54.10 15.16 3.13
C ALA E 187 -54.36 16.64 3.47
N SER E 188 -53.46 17.29 4.22
CA SER E 188 -53.61 18.72 4.51
C SER E 188 -52.64 19.61 3.74
N SER E 189 -52.17 19.15 2.59
CA SER E 189 -51.42 20.03 1.71
C SER E 189 -52.25 21.27 1.36
N LYS E 190 -51.57 22.36 1.04
CA LYS E 190 -52.23 23.51 0.42
C LYS E 190 -52.82 23.19 -0.94
N TYR E 191 -52.29 22.17 -1.63
CA TYR E 191 -52.76 21.83 -2.97
C TYR E 191 -53.33 20.43 -3.00
N GLU E 192 -54.41 20.22 -3.71
CA GLU E 192 -54.95 18.88 -3.99
C GLU E 192 -54.57 18.46 -5.42
N ILE E 193 -54.34 17.16 -5.58
CA ILE E 193 -53.98 16.59 -6.84
C ILE E 193 -55.25 16.10 -7.50
N LEU E 194 -55.49 16.54 -8.73
CA LEU E 194 -56.62 16.08 -9.50
C LEU E 194 -56.20 14.85 -10.32
N SER E 195 -54.98 14.86 -10.88
CA SER E 195 -54.45 13.68 -11.51
C SER E 195 -52.92 13.76 -11.64
N ALA E 196 -52.31 12.60 -11.84
CA ALA E 196 -50.89 12.48 -11.91
C ALA E 196 -50.50 11.25 -12.70
N THR E 197 -49.83 11.46 -13.82
CA THR E 197 -49.37 10.40 -14.69
C THR E 197 -47.86 10.41 -14.90
N GLN E 198 -47.35 9.25 -15.29
CA GLN E 198 -45.93 9.03 -15.57
C GLN E 198 -45.80 8.22 -16.85
N THR E 199 -45.21 8.79 -17.88
CA THR E 199 -45.26 8.22 -19.22
C THR E 199 -43.89 8.25 -19.90
N ARG E 200 -43.49 7.12 -20.48
CA ARG E 200 -42.27 7.04 -21.28
C ARG E 200 -42.37 7.88 -22.55
N GLN E 201 -41.31 8.62 -22.88
CA GLN E 201 -41.20 9.38 -24.14
C GLN E 201 -39.81 9.25 -24.72
N VAL E 202 -39.70 9.55 -26.01
CA VAL E 202 -38.43 9.64 -26.72
C VAL E 202 -38.20 11.08 -27.14
N GLN E 203 -37.00 11.62 -26.94
CA GLN E 203 -36.66 13.01 -27.29
C GLN E 203 -35.39 13.06 -28.09
N HIS E 204 -35.24 14.12 -28.89
CA HIS E 204 -33.98 14.45 -29.55
C HIS E 204 -33.54 15.83 -29.11
N TYR E 205 -32.23 16.00 -28.93
CA TYR E 205 -31.64 17.26 -28.46
C TYR E 205 -30.58 17.73 -29.46
N SER E 206 -30.27 19.03 -29.40
CA SER E 206 -29.32 19.67 -30.31
C SER E 206 -27.91 19.10 -30.31
N CYS E 207 -27.39 18.73 -29.14
CA CYS E 207 -26.00 18.23 -29.03
C CYS E 207 -25.67 16.96 -29.81
N CYS E 208 -26.69 16.12 -30.07
CA CYS E 208 -26.48 14.68 -30.19
C CYS E 208 -27.52 14.09 -31.15
N PRO E 209 -27.10 13.24 -32.10
CA PRO E 209 -28.10 12.62 -32.98
C PRO E 209 -28.93 11.48 -32.34
N GLU E 210 -28.45 10.91 -31.23
CA GLU E 210 -29.06 9.71 -30.64
C GLU E 210 -30.33 10.05 -29.84
N PRO E 211 -31.35 9.19 -29.88
CA PRO E 211 -32.54 9.42 -29.06
C PRO E 211 -32.28 9.25 -27.56
N TYR E 212 -32.92 10.10 -26.75
CA TYR E 212 -32.85 10.02 -25.30
C TYR E 212 -34.23 9.60 -24.80
N ILE E 213 -34.27 8.81 -23.74
CA ILE E 213 -35.53 8.35 -23.20
C ILE E 213 -35.78 9.09 -21.89
N ASP E 214 -37.03 9.49 -21.65
CA ASP E 214 -37.42 10.02 -20.36
C ASP E 214 -38.78 9.50 -19.92
N VAL E 215 -39.07 9.70 -18.63
CA VAL E 215 -40.41 9.53 -18.10
C VAL E 215 -40.94 10.91 -17.76
N ASN E 216 -42.10 11.25 -18.35
CA ASN E 216 -42.72 12.56 -18.18
C ASN E 216 -43.74 12.48 -17.07
N LEU E 217 -43.49 13.23 -15.99
CA LEU E 217 -44.38 13.29 -14.84
C LEU E 217 -45.30 14.50 -15.05
N VAL E 218 -46.59 14.24 -15.23
CA VAL E 218 -47.59 15.28 -15.49
C VAL E 218 -48.54 15.34 -14.30
N VAL E 219 -48.62 16.48 -13.65
CA VAL E 219 -49.46 16.64 -12.45
C VAL E 219 -50.45 17.79 -12.65
N LYS E 220 -51.71 17.50 -12.38
CA LYS E 220 -52.77 18.49 -12.44
C LYS E 220 -53.24 18.74 -11.01
N PHE E 221 -53.20 19.99 -10.58
CA PHE E 221 -53.49 20.34 -9.20
C PHE E 221 -54.15 21.70 -9.05
N ARG E 222 -54.72 21.94 -7.87
CA ARG E 222 -55.32 23.22 -7.53
C ARG E 222 -55.28 23.46 -6.05
N GLU E 223 -55.53 24.70 -5.62
CA GLU E 223 -55.58 25.03 -4.18
C GLU E 223 -56.68 24.25 -3.47
N ARG E 224 -56.41 23.75 -2.28
CA ARG E 224 -57.44 23.06 -1.49
C ARG E 224 -58.60 24.01 -1.20
N ARG E 225 -59.79 23.60 -1.63
CA ARG E 225 -61.06 24.29 -1.33
C ARG E 225 -62.13 23.31 -0.76
N ALA E 226 -63.27 23.88 -0.33
CA ALA E 226 -64.36 23.13 0.35
C ALA E 226 -65.31 22.34 -0.59
N GLY E 227 -65.22 22.52 -1.90
CA GLY E 227 -66.02 21.72 -2.85
C GLY E 227 -65.61 21.78 -4.32
N ASN E 228 -66.01 20.77 -5.08
CA ASN E 228 -65.71 20.65 -6.51
C ASN E 228 -66.95 21.11 -7.31
N GLN F 20 7.57 -3.27 -27.15
CA GLN F 20 7.66 -3.30 -25.66
C GLN F 20 6.29 -3.00 -25.07
N ALA F 21 5.66 -1.91 -25.51
CA ALA F 21 4.42 -1.38 -24.91
C ALA F 21 3.31 -2.43 -24.87
N ASN F 22 3.06 -3.05 -26.03
CA ASN F 22 2.02 -4.07 -26.14
C ASN F 22 2.31 -5.30 -25.27
N LEU F 23 3.58 -5.75 -25.24
CA LEU F 23 3.97 -6.87 -24.40
C LEU F 23 3.85 -6.56 -22.91
N MET F 24 4.32 -5.38 -22.50
CA MET F 24 4.16 -4.93 -21.10
C MET F 24 2.70 -4.93 -20.65
N ARG F 25 1.84 -4.49 -21.56
CA ARG F 25 0.41 -4.43 -21.33
C ARG F 25 -0.20 -5.84 -21.25
N LEU F 26 0.18 -6.72 -22.18
CA LEU F 26 -0.21 -8.13 -22.13
C LEU F 26 0.20 -8.82 -20.83
N LYS F 27 1.44 -8.63 -20.43
CA LYS F 27 1.94 -9.28 -19.21
C LYS F 27 1.24 -8.75 -17.98
N SER F 28 1.06 -7.43 -17.93
CA SER F 28 0.28 -6.83 -16.87
C SER F 28 -1.17 -7.36 -16.82
N ASP F 29 -1.81 -7.52 -17.97
CA ASP F 29 -3.16 -8.10 -18.00
C ASP F 29 -3.20 -9.58 -17.57
N LEU F 30 -2.22 -10.39 -17.95
CA LEU F 30 -2.23 -11.80 -17.53
C LEU F 30 -1.86 -12.01 -16.08
N PHE F 31 -0.94 -11.23 -15.52
CA PHE F 31 -0.34 -11.55 -14.20
C PHE F 31 -0.70 -10.63 -13.03
N ASN F 32 -0.97 -9.35 -13.29
CA ASN F 32 -1.31 -8.42 -12.20
C ASN F 32 -2.79 -8.38 -11.86
N ARG F 33 -3.66 -8.85 -12.75
CA ARG F 33 -5.11 -8.66 -12.58
C ARG F 33 -5.87 -9.80 -11.89
N SER F 34 -5.23 -10.96 -11.72
CA SER F 34 -5.90 -12.10 -11.09
C SER F 34 -4.97 -12.70 -10.03
N PRO F 35 -5.53 -13.51 -9.08
CA PRO F 35 -4.65 -14.39 -8.30
C PRO F 35 -4.04 -15.47 -9.18
N MET F 36 -2.87 -15.99 -8.80
CA MET F 36 -2.17 -16.97 -9.64
C MET F 36 -3.06 -18.22 -9.84
N TYR F 37 -2.91 -18.86 -10.99
CA TYR F 37 -3.54 -20.16 -11.25
C TYR F 37 -3.16 -21.13 -10.10
N PRO F 38 -4.18 -21.77 -9.47
CA PRO F 38 -3.93 -22.61 -8.29
C PRO F 38 -3.57 -24.08 -8.63
N GLY F 39 -3.31 -24.37 -9.90
CA GLY F 39 -2.97 -25.72 -10.33
C GLY F 39 -4.20 -26.50 -10.74
N PRO F 40 -3.99 -27.67 -11.34
CA PRO F 40 -5.09 -28.48 -11.84
C PRO F 40 -5.86 -29.17 -10.73
N THR F 41 -7.07 -29.63 -11.06
CA THR F 41 -7.98 -30.29 -10.13
C THR F 41 -8.67 -31.47 -10.82
N LYS F 42 -9.46 -32.23 -10.08
CA LYS F 42 -10.29 -33.31 -10.68
C LYS F 42 -11.25 -32.79 -11.73
N ASP F 43 -11.77 -31.58 -11.57
CA ASP F 43 -12.71 -30.98 -12.53
C ASP F 43 -12.02 -30.32 -13.72
N ASP F 44 -10.80 -29.79 -13.52
CA ASP F 44 -9.99 -29.22 -14.61
C ASP F 44 -8.63 -29.89 -14.69
N PRO F 45 -8.60 -31.16 -15.12
CA PRO F 45 -7.33 -31.88 -15.22
C PRO F 45 -6.45 -31.36 -16.35
N LEU F 46 -5.22 -31.84 -16.37
CA LEU F 46 -4.18 -31.30 -17.23
C LEU F 46 -3.32 -32.43 -17.74
N THR F 47 -2.94 -32.38 -19.00
CA THR F 47 -2.01 -33.34 -19.58
C THR F 47 -0.69 -32.63 -19.88
N VAL F 48 0.40 -33.16 -19.31
CA VAL F 48 1.74 -32.64 -19.56
C VAL F 48 2.45 -33.58 -20.52
N THR F 49 3.00 -33.04 -21.60
CA THR F 49 3.77 -33.83 -22.53
C THR F 49 5.24 -33.70 -22.15
N LEU F 50 5.94 -34.84 -21.99
CA LEU F 50 7.36 -34.89 -21.64
C LEU F 50 8.17 -35.51 -22.77
N GLY F 51 9.38 -34.99 -22.96
CA GLY F 51 10.36 -35.63 -23.82
C GLY F 51 11.78 -35.34 -23.35
N PHE F 52 12.66 -36.32 -23.43
CA PHE F 52 14.03 -36.18 -22.95
C PHE F 52 15.01 -36.11 -24.10
N THR F 53 16.02 -35.27 -23.93
CA THR F 53 17.18 -35.19 -24.82
C THR F 53 18.41 -35.46 -23.94
N LEU F 54 19.04 -36.60 -24.15
CA LEU F 54 20.14 -37.03 -23.31
C LEU F 54 21.45 -36.49 -23.87
N GLN F 55 22.19 -35.71 -23.08
CA GLN F 55 23.45 -35.10 -23.50
CA GLN F 55 23.45 -35.10 -23.50
C GLN F 55 24.68 -35.91 -23.08
N ASP F 56 24.67 -36.45 -21.87
CA ASP F 56 25.85 -37.13 -21.37
C ASP F 56 25.56 -37.98 -20.16
N ILE F 57 26.17 -39.18 -20.13
CA ILE F 57 26.32 -39.91 -18.88
C ILE F 57 27.70 -39.50 -18.39
N VAL F 58 27.74 -38.72 -17.32
CA VAL F 58 28.96 -38.06 -16.91
C VAL F 58 29.81 -38.97 -16.08
N LYS F 59 29.21 -39.60 -15.08
CA LYS F 59 29.91 -40.63 -14.32
C LYS F 59 29.03 -41.65 -13.68
N VAL F 60 29.67 -42.78 -13.33
CA VAL F 60 29.05 -43.84 -12.55
C VAL F 60 29.87 -44.01 -11.29
N ASP F 61 29.24 -44.32 -10.19
CA ASP F 61 29.95 -44.60 -8.94
C ASP F 61 29.56 -46.02 -8.55
N SER F 62 30.48 -46.96 -8.75
CA SER F 62 30.21 -48.37 -8.46
C SER F 62 30.31 -48.68 -6.96
N SER F 63 30.84 -47.79 -6.14
CA SER F 63 30.82 -48.04 -4.71
C SER F 63 29.49 -47.60 -4.03
N THR F 64 28.70 -46.74 -4.68
CA THR F 64 27.40 -46.31 -4.13
C THR F 64 26.19 -46.62 -5.02
N ASN F 65 26.42 -47.13 -6.22
CA ASN F 65 25.36 -47.37 -7.22
C ASN F 65 24.56 -46.11 -7.54
N GLU F 66 25.29 -45.07 -7.92
CA GLU F 66 24.73 -43.80 -8.37
C GLU F 66 25.28 -43.52 -9.78
N VAL F 67 24.41 -43.08 -10.69
CA VAL F 67 24.83 -42.62 -12.01
C VAL F 67 24.36 -41.17 -12.21
N ASP F 68 25.19 -40.39 -12.91
CA ASP F 68 24.92 -38.95 -13.18
C ASP F 68 24.63 -38.71 -14.67
N LEU F 69 23.44 -38.17 -14.97
CA LEU F 69 23.05 -37.79 -16.32
C LEU F 69 22.92 -36.29 -16.46
N VAL F 70 23.28 -35.80 -17.63
CA VAL F 70 22.98 -34.45 -18.03
C VAL F 70 22.02 -34.56 -19.20
N TYR F 71 20.88 -33.88 -19.09
CA TYR F 71 19.84 -33.95 -20.12
C TYR F 71 19.03 -32.67 -20.11
N TYR F 72 18.20 -32.49 -21.13
CA TYR F 72 17.12 -31.57 -20.98
C TYR F 72 15.77 -32.17 -21.27
N GLU F 73 14.79 -31.62 -20.57
CA GLU F 73 13.48 -32.20 -20.42
C GLU F 73 12.47 -31.21 -20.98
N GLN F 74 11.92 -31.51 -22.16
CA GLN F 74 10.86 -30.71 -22.75
C GLN F 74 9.53 -30.96 -22.04
N GLN F 75 8.92 -29.91 -21.49
CA GLN F 75 7.61 -29.98 -20.84
C GLN F 75 6.62 -29.09 -21.58
N ARG F 76 5.44 -29.61 -21.90
CA ARG F 76 4.38 -28.85 -22.57
C ARG F 76 3.04 -29.09 -21.92
N TRP F 77 2.31 -27.99 -21.69
CA TRP F 77 0.95 -28.05 -21.19
C TRP F 77 0.17 -26.84 -21.69
N LYS F 78 -1.13 -26.78 -21.38
CA LYS F 78 -2.04 -25.75 -21.91
C LYS F 78 -3.06 -25.32 -20.86
N LEU F 79 -3.14 -24.02 -20.59
CA LEU F 79 -4.13 -23.45 -19.66
C LEU F 79 -5.03 -22.43 -20.35
N ASN F 80 -6.34 -22.49 -20.09
CA ASN F 80 -7.28 -21.46 -20.56
C ASN F 80 -6.94 -20.06 -20.03
N SER F 81 -6.52 -19.98 -18.77
CA SER F 81 -6.19 -18.69 -18.16
C SER F 81 -4.95 -17.97 -18.72
N LEU F 82 -4.21 -18.57 -19.64
CA LEU F 82 -3.11 -17.90 -20.31
C LEU F 82 -3.44 -17.57 -21.76
N MET F 83 -4.70 -17.73 -22.17
CA MET F 83 -5.12 -17.35 -23.51
C MET F 83 -5.25 -15.82 -23.66
N TRP F 84 -4.93 -15.34 -24.86
CA TRP F 84 -5.25 -13.98 -25.24
C TRP F 84 -5.51 -13.93 -26.73
N ASP F 85 -6.16 -12.84 -27.16
CA ASP F 85 -6.42 -12.54 -28.55
C ASP F 85 -5.28 -11.67 -29.05
N PRO F 86 -4.49 -12.16 -30.04
CA PRO F 86 -3.38 -11.34 -30.56
C PRO F 86 -3.75 -9.95 -31.09
N ASN F 87 -4.94 -9.79 -31.68
CA ASN F 87 -5.40 -8.47 -32.21
C ASN F 87 -5.44 -7.35 -31.18
N GLU F 88 -5.70 -7.70 -29.92
CA GLU F 88 -5.81 -6.77 -28.83
C GLU F 88 -4.47 -6.40 -28.22
N TYR F 89 -3.38 -7.02 -28.70
CA TYR F 89 -2.05 -6.81 -28.16
C TYR F 89 -0.99 -6.76 -29.25
N GLY F 90 -1.27 -6.03 -30.32
CA GLY F 90 -0.28 -5.77 -31.36
C GLY F 90 0.18 -6.99 -32.15
N ASN F 91 -0.69 -7.99 -32.26
CA ASN F 91 -0.38 -9.29 -32.90
C ASN F 91 0.74 -10.11 -32.24
N ILE F 92 0.92 -9.97 -30.93
CA ILE F 92 1.87 -10.80 -30.21
C ILE F 92 1.27 -12.22 -30.11
N THR F 93 2.00 -13.20 -30.64
CA THR F 93 1.57 -14.60 -30.64
C THR F 93 2.16 -15.44 -29.51
N ASP F 94 3.30 -15.00 -28.97
CA ASP F 94 3.91 -15.63 -27.82
C ASP F 94 4.88 -14.71 -27.10
N PHE F 95 5.31 -15.12 -25.91
CA PHE F 95 6.34 -14.39 -25.20
C PHE F 95 7.10 -15.27 -24.20
N ARG F 96 8.27 -14.79 -23.83
CA ARG F 96 9.13 -15.43 -22.86
C ARG F 96 8.84 -14.83 -21.52
N THR F 97 8.74 -15.67 -20.49
CA THR F 97 8.64 -15.18 -19.14
C THR F 97 9.32 -16.14 -18.16
N SER F 98 9.87 -15.56 -17.10
CA SER F 98 10.41 -16.32 -15.98
C SER F 98 9.43 -17.42 -15.52
N ALA F 99 9.96 -18.62 -15.29
CA ALA F 99 9.17 -19.74 -14.77
C ALA F 99 8.59 -19.50 -13.37
N ALA F 100 9.19 -18.57 -12.61
CA ALA F 100 8.59 -18.12 -11.35
C ALA F 100 7.24 -17.37 -11.50
N ASP F 101 6.96 -16.75 -12.65
CA ASP F 101 5.71 -16.01 -12.90
C ASP F 101 4.50 -16.91 -13.18
N ILE F 102 4.73 -18.18 -13.53
CA ILE F 102 3.63 -19.08 -13.89
C ILE F 102 3.69 -20.34 -13.04
N TRP F 103 2.58 -21.07 -13.05
CA TRP F 103 2.57 -22.41 -12.49
C TRP F 103 3.36 -23.34 -13.42
N THR F 104 4.11 -24.26 -12.81
CA THR F 104 4.79 -25.31 -13.57
C THR F 104 4.52 -26.64 -12.89
N PRO F 105 4.48 -27.71 -13.69
CA PRO F 105 4.22 -29.01 -13.09
C PRO F 105 5.41 -29.48 -12.23
N ASP F 106 5.10 -30.18 -11.14
CA ASP F 106 6.06 -30.68 -10.14
C ASP F 106 6.66 -32.06 -10.54
N ILE F 107 7.22 -32.14 -11.74
CA ILE F 107 7.75 -33.37 -12.28
C ILE F 107 9.05 -33.68 -11.51
N THR F 108 9.13 -34.90 -10.98
CA THR F 108 10.16 -35.29 -10.04
C THR F 108 10.73 -36.64 -10.47
N ALA F 109 12.05 -36.80 -10.37
CA ALA F 109 12.66 -38.11 -10.55
C ALA F 109 12.40 -38.93 -9.30
N TYR F 110 11.94 -40.17 -9.45
CA TYR F 110 11.53 -40.98 -8.30
C TYR F 110 12.65 -41.76 -7.59
N SER F 111 13.85 -41.79 -8.15
CA SER F 111 14.96 -42.52 -7.53
C SER F 111 16.23 -41.67 -7.54
N SER F 112 16.07 -40.36 -7.38
CA SER F 112 17.21 -39.47 -7.28
C SER F 112 17.90 -39.67 -5.93
N THR F 113 19.19 -39.35 -5.87
CA THR F 113 19.94 -39.43 -4.62
C THR F 113 20.51 -38.09 -4.19
N ARG F 114 20.32 -37.06 -5.00
CA ARG F 114 20.75 -35.69 -4.68
C ARG F 114 19.75 -34.75 -5.30
N PRO F 115 19.67 -33.52 -4.77
CA PRO F 115 18.86 -32.52 -5.50
C PRO F 115 19.35 -32.35 -6.95
N VAL F 116 18.40 -32.21 -7.86
CA VAL F 116 18.70 -32.01 -9.27
C VAL F 116 19.35 -30.64 -9.42
N GLN F 117 20.41 -30.56 -10.22
CA GLN F 117 21.05 -29.28 -10.48
C GLN F 117 20.53 -28.68 -11.77
N VAL F 118 20.26 -27.37 -11.71
CA VAL F 118 19.68 -26.65 -12.83
C VAL F 118 20.81 -26.09 -13.67
N LEU F 119 20.82 -26.38 -14.96
CA LEU F 119 21.92 -25.99 -15.84
C LEU F 119 21.51 -24.98 -16.91
N SER F 120 20.30 -24.46 -16.84
CA SER F 120 19.83 -23.50 -17.81
C SER F 120 18.95 -22.46 -17.12
N PRO F 121 18.71 -21.31 -17.77
CA PRO F 121 17.77 -20.32 -17.26
C PRO F 121 16.38 -20.90 -17.15
N GLN F 122 15.63 -20.46 -16.15
CA GLN F 122 14.29 -21.01 -15.90
C GLN F 122 13.28 -20.03 -16.49
N ILE F 123 13.12 -20.15 -17.79
CA ILE F 123 12.31 -19.26 -18.56
C ILE F 123 11.48 -20.12 -19.50
N ALA F 124 10.18 -19.88 -19.52
CA ALA F 124 9.26 -20.59 -20.39
C ALA F 124 8.74 -19.68 -21.49
N VAL F 125 8.15 -20.30 -22.52
CA VAL F 125 7.53 -19.59 -23.60
C VAL F 125 6.04 -19.89 -23.58
N VAL F 126 5.23 -18.84 -23.51
CA VAL F 126 3.78 -18.93 -23.46
C VAL F 126 3.24 -18.47 -24.80
N THR F 127 2.31 -19.24 -25.36
CA THR F 127 1.72 -18.97 -26.67
C THR F 127 0.23 -18.58 -26.49
N HIS F 128 -0.29 -17.80 -27.44
CA HIS F 128 -1.64 -17.15 -27.33
C HIS F 128 -2.82 -18.10 -27.11
N ASP F 129 -2.68 -19.34 -27.56
CA ASP F 129 -3.67 -20.39 -27.24
C ASP F 129 -3.60 -20.93 -25.82
N GLY F 130 -2.72 -20.40 -24.97
CA GLY F 130 -2.58 -20.87 -23.59
C GLY F 130 -1.57 -21.98 -23.41
N SER F 131 -0.85 -22.35 -24.47
CA SER F 131 0.11 -23.43 -24.36
C SER F 131 1.46 -22.90 -23.88
N VAL F 132 2.14 -23.73 -23.08
CA VAL F 132 3.42 -23.38 -22.47
C VAL F 132 4.46 -24.42 -22.85
N MET F 133 5.64 -23.96 -23.24
CA MET F 133 6.79 -24.83 -23.41
C MET F 133 7.88 -24.42 -22.42
N PHE F 134 8.44 -25.40 -21.73
CA PHE F 134 9.49 -25.17 -20.74
C PHE F 134 10.52 -26.31 -20.83
N ILE F 135 11.79 -25.96 -21.09
CA ILE F 135 12.82 -26.93 -21.39
C ILE F 135 14.06 -26.72 -20.53
N PRO F 136 13.98 -27.13 -19.26
CA PRO F 136 15.15 -27.03 -18.38
C PRO F 136 16.22 -28.10 -18.64
N ALA F 137 17.47 -27.67 -18.61
CA ALA F 137 18.62 -28.56 -18.58
C ALA F 137 18.93 -28.92 -17.13
N GLN F 138 19.24 -30.20 -16.90
CA GLN F 138 19.40 -30.74 -15.58
C GLN F 138 20.58 -31.72 -15.49
N ARG F 139 21.15 -31.80 -14.29
CA ARG F 139 22.02 -32.89 -13.93
C ARG F 139 21.39 -33.64 -12.77
N LEU F 140 21.25 -34.95 -12.96
CA LEU F 140 20.59 -35.84 -12.01
C LEU F 140 21.54 -36.98 -11.58
N SER F 141 21.68 -37.19 -10.27
CA SER F 141 22.24 -38.41 -9.71
C SER F 141 21.08 -39.33 -9.31
N PHE F 142 21.08 -40.57 -9.79
CA PHE F 142 20.02 -41.52 -9.47
C PHE F 142 20.56 -42.94 -9.26
N MET F 143 19.68 -43.79 -8.73
CA MET F 143 20.02 -45.15 -8.32
C MET F 143 20.18 -46.06 -9.52
N CYS F 144 21.36 -46.62 -9.66
CA CYS F 144 21.70 -47.46 -10.80
C CYS F 144 22.98 -48.25 -10.51
N ASP F 145 22.92 -49.56 -10.72
CA ASP F 145 24.08 -50.44 -10.54
C ASP F 145 24.85 -50.51 -11.86
N PRO F 146 26.06 -49.89 -11.94
CA PRO F 146 26.82 -49.90 -13.17
C PRO F 146 27.75 -51.13 -13.35
N THR F 147 27.70 -52.12 -12.46
CA THR F 147 28.47 -53.36 -12.62
C THR F 147 28.23 -54.03 -13.97
N GLY F 148 29.31 -54.25 -14.72
CA GLY F 148 29.23 -54.81 -16.08
C GLY F 148 29.23 -53.79 -17.19
N VAL F 149 29.34 -52.51 -16.85
CA VAL F 149 29.35 -51.44 -17.84
C VAL F 149 30.54 -51.57 -18.78
N ASP F 150 31.63 -52.16 -18.30
CA ASP F 150 32.83 -52.39 -19.13
C ASP F 150 32.79 -53.66 -20.04
N SER F 151 31.63 -54.27 -20.23
CA SER F 151 31.48 -55.40 -21.11
C SER F 151 30.76 -55.01 -22.40
N GLU F 152 30.64 -55.95 -23.33
CA GLU F 152 29.97 -55.70 -24.61
C GLU F 152 28.45 -55.52 -24.45
N GLU F 153 27.86 -56.23 -23.50
CA GLU F 153 26.42 -56.14 -23.27
C GLU F 153 25.99 -54.85 -22.55
N GLY F 154 26.88 -54.30 -21.75
CA GLY F 154 26.59 -53.09 -20.98
C GLY F 154 25.64 -53.32 -19.83
N VAL F 155 25.01 -52.24 -19.38
CA VAL F 155 24.04 -52.29 -18.29
C VAL F 155 22.82 -51.47 -18.64
N THR F 156 21.73 -51.79 -17.96
CA THR F 156 20.48 -51.08 -18.17
C THR F 156 20.11 -50.41 -16.86
N CYS F 157 19.72 -49.16 -16.95
CA CYS F 157 19.18 -48.45 -15.81
CA CYS F 157 19.20 -48.43 -15.80
C CYS F 157 17.91 -47.69 -16.16
N ALA F 158 17.15 -47.37 -15.13
CA ALA F 158 15.84 -46.78 -15.31
C ALA F 158 15.54 -45.78 -14.20
N VAL F 159 14.83 -44.73 -14.59
CA VAL F 159 14.34 -43.77 -13.61
C VAL F 159 12.97 -43.23 -14.04
N LYS F 160 12.04 -43.19 -13.09
CA LYS F 160 10.69 -42.69 -13.35
C LYS F 160 10.58 -41.19 -13.08
N PHE F 161 9.94 -40.47 -14.00
CA PHE F 161 9.62 -39.06 -13.81
C PHE F 161 8.11 -38.90 -13.75
N GLY F 162 7.62 -38.26 -12.71
CA GLY F 162 6.21 -37.93 -12.61
C GLY F 162 5.94 -36.89 -11.57
N SER F 163 4.68 -36.46 -11.48
CA SER F 163 4.26 -35.55 -10.43
C SER F 163 4.44 -36.21 -9.08
N TRP F 164 4.94 -35.46 -8.12
CA TRP F 164 5.08 -35.95 -6.76
C TRP F 164 3.75 -35.93 -6.01
N VAL F 165 2.91 -34.92 -6.23
CA VAL F 165 1.71 -34.74 -5.41
C VAL F 165 0.38 -34.81 -6.12
N TYR F 166 0.36 -34.82 -7.45
CA TYR F 166 -0.87 -34.93 -8.21
C TYR F 166 -1.01 -36.32 -8.80
N SER F 167 -2.13 -36.97 -8.52
CA SER F 167 -2.45 -38.27 -9.10
C SER F 167 -2.88 -38.12 -10.56
N GLY F 168 -3.13 -39.26 -11.20
CA GLY F 168 -3.69 -39.32 -12.54
C GLY F 168 -5.02 -38.60 -12.74
N PHE F 169 -5.79 -38.39 -11.68
CA PHE F 169 -7.03 -37.60 -11.76
C PHE F 169 -6.82 -36.10 -12.00
N GLU F 170 -5.63 -35.57 -11.69
CA GLU F 170 -5.32 -34.14 -11.94
C GLU F 170 -4.26 -33.92 -13.01
N ILE F 171 -3.25 -34.79 -13.06
CA ILE F 171 -2.17 -34.68 -14.05
C ILE F 171 -1.97 -36.01 -14.73
N ASP F 172 -2.17 -36.02 -16.04
CA ASP F 172 -1.80 -37.14 -16.88
C ASP F 172 -0.53 -36.75 -17.65
N LEU F 173 0.25 -37.75 -18.06
CA LEU F 173 1.44 -37.50 -18.86
C LEU F 173 1.36 -38.24 -20.15
N LYS F 174 2.06 -37.74 -21.16
CA LYS F 174 2.26 -38.51 -22.38
C LYS F 174 3.60 -38.11 -23.00
N THR F 175 4.03 -38.92 -23.96
CA THR F 175 5.19 -38.62 -24.78
C THR F 175 4.71 -38.50 -26.22
N ASP F 176 5.47 -37.79 -27.06
CA ASP F 176 5.22 -37.79 -28.51
C ASP F 176 5.86 -38.97 -29.21
N THR F 177 6.95 -39.47 -28.67
CA THR F 177 7.65 -40.63 -29.19
C THR F 177 8.19 -41.41 -28.00
N ASP F 178 8.43 -42.70 -28.18
CA ASP F 178 9.11 -43.50 -27.18
C ASP F 178 10.64 -43.50 -27.30
N GLN F 179 11.18 -42.87 -28.34
CA GLN F 179 12.62 -42.74 -28.52
C GLN F 179 13.12 -41.46 -27.86
N VAL F 180 14.08 -41.62 -26.95
CA VAL F 180 14.79 -40.50 -26.38
C VAL F 180 15.63 -39.88 -27.48
N ASP F 181 15.71 -38.56 -27.52
CA ASP F 181 16.52 -37.87 -28.51
C ASP F 181 18.02 -38.00 -28.14
N LEU F 182 18.78 -38.66 -29.01
CA LEU F 182 20.21 -38.86 -28.81
C LEU F 182 21.08 -38.07 -29.79
N SER F 183 20.48 -37.16 -30.54
CA SER F 183 21.23 -36.47 -31.60
C SER F 183 22.17 -35.38 -31.09
N SER F 184 22.06 -34.99 -29.83
CA SER F 184 23.06 -34.12 -29.18
C SER F 184 23.92 -34.87 -28.16
N TYR F 185 23.93 -36.20 -28.18
CA TYR F 185 24.70 -36.94 -27.17
C TYR F 185 26.18 -36.68 -27.40
N TYR F 186 26.90 -36.36 -26.33
CA TYR F 186 28.32 -36.04 -26.42
C TYR F 186 29.13 -37.21 -27.02
N ALA F 187 29.72 -36.96 -28.19
CA ALA F 187 30.44 -37.99 -28.95
C ALA F 187 31.69 -38.54 -28.26
N SER F 188 32.31 -37.78 -27.36
CA SER F 188 33.46 -38.29 -26.60
C SER F 188 33.15 -38.60 -25.14
N SER F 189 31.90 -38.89 -24.83
CA SER F 189 31.56 -39.40 -23.52
C SER F 189 32.36 -40.67 -23.22
N LYS F 190 32.60 -40.93 -21.96
CA LYS F 190 33.12 -42.25 -21.55
C LYS F 190 32.16 -43.37 -21.87
N TYR F 191 30.86 -43.09 -21.97
CA TYR F 191 29.85 -44.13 -22.19
C TYR F 191 29.12 -43.90 -23.49
N GLU F 192 28.89 -44.99 -24.24
CA GLU F 192 28.02 -44.94 -25.40
C GLU F 192 26.66 -45.53 -25.08
N ILE F 193 25.64 -44.99 -25.73
CA ILE F 193 24.27 -45.38 -25.51
C ILE F 193 23.92 -46.43 -26.53
N LEU F 194 23.42 -47.56 -26.06
CA LEU F 194 22.95 -48.62 -26.94
C LEU F 194 21.47 -48.44 -27.23
N SER F 195 20.70 -48.01 -26.24
CA SER F 195 19.32 -47.59 -26.47
C SER F 195 18.81 -46.72 -25.33
N ALA F 196 17.77 -45.97 -25.64
CA ALA F 196 17.19 -45.04 -24.68
C ALA F 196 15.73 -44.81 -25.05
N THR F 197 14.85 -45.25 -24.16
CA THR F 197 13.42 -45.12 -24.36
C THR F 197 12.75 -44.35 -23.22
N GLN F 198 11.57 -43.81 -23.55
CA GLN F 198 10.75 -43.04 -22.61
C GLN F 198 9.31 -43.49 -22.76
N THR F 199 8.73 -44.06 -21.72
CA THR F 199 7.46 -44.75 -21.82
C THR F 199 6.53 -44.40 -20.66
N ARG F 200 5.28 -44.07 -20.99
CA ARG F 200 4.24 -43.83 -20.00
C ARG F 200 3.92 -45.10 -19.20
N GLN F 201 3.79 -44.98 -17.88
CA GLN F 201 3.33 -46.07 -17.00
C GLN F 201 2.36 -45.56 -15.96
N VAL F 202 1.61 -46.50 -15.38
CA VAL F 202 0.73 -46.23 -14.25
C VAL F 202 1.26 -46.97 -13.03
N GLN F 203 1.30 -46.31 -11.88
CA GLN F 203 1.80 -46.91 -10.63
C GLN F 203 0.82 -46.68 -9.51
N HIS F 204 0.88 -47.56 -8.50
CA HIS F 204 0.16 -47.38 -7.23
C HIS F 204 1.17 -47.38 -6.10
N TYR F 205 0.95 -46.52 -5.10
CA TYR F 205 1.85 -46.36 -3.97
C TYR F 205 1.09 -46.59 -2.67
N SER F 206 1.82 -46.90 -1.59
CA SER F 206 1.25 -47.25 -0.29
C SER F 206 0.37 -46.17 0.35
N CYS F 207 0.78 -44.90 0.24
CA CYS F 207 0.04 -43.79 0.87
C CYS F 207 -1.41 -43.59 0.42
N CYS F 208 -1.72 -44.02 -0.81
CA CYS F 208 -2.77 -43.37 -1.60
C CYS F 208 -3.44 -44.38 -2.53
N PRO F 209 -4.79 -44.41 -2.58
CA PRO F 209 -5.43 -45.36 -3.50
C PRO F 209 -5.40 -44.96 -4.99
N GLU F 210 -5.14 -43.70 -5.30
CA GLU F 210 -5.27 -43.19 -6.67
C GLU F 210 -4.06 -43.56 -7.53
N PRO F 211 -4.28 -43.84 -8.81
CA PRO F 211 -3.12 -44.11 -9.70
C PRO F 211 -2.27 -42.86 -9.98
N TYR F 212 -0.97 -43.06 -10.06
CA TYR F 212 -0.02 -42.01 -10.40
C TYR F 212 0.54 -42.34 -11.78
N ILE F 213 0.80 -41.33 -12.58
CA ILE F 213 1.35 -41.55 -13.91
C ILE F 213 2.81 -41.12 -13.90
N ASP F 214 3.66 -41.89 -14.57
CA ASP F 214 5.04 -41.46 -14.79
C ASP F 214 5.51 -41.78 -16.20
N VAL F 215 6.63 -41.18 -16.59
CA VAL F 215 7.35 -41.57 -17.78
C VAL F 215 8.65 -42.24 -17.31
N ASN F 216 8.85 -43.48 -17.76
CA ASN F 216 10.00 -44.29 -17.38
C ASN F 216 11.09 -44.14 -18.42
N LEU F 217 12.22 -43.57 -18.00
CA LEU F 217 13.38 -43.37 -18.86
C LEU F 217 14.29 -44.58 -18.65
N VAL F 218 14.45 -45.39 -19.69
CA VAL F 218 15.28 -46.61 -19.64
C VAL F 218 16.47 -46.43 -20.57
N VAL F 219 17.68 -46.49 -20.01
CA VAL F 219 18.90 -46.29 -20.79
C VAL F 219 19.82 -47.50 -20.68
N LYS F 220 20.24 -48.00 -21.82
CA LYS F 220 21.18 -49.10 -21.88
C LYS F 220 22.49 -48.54 -22.43
N PHE F 221 23.58 -48.74 -21.69
CA PHE F 221 24.86 -48.13 -22.05
C PHE F 221 26.05 -48.99 -21.65
N ARG F 222 27.21 -48.66 -22.22
CA ARG F 222 28.46 -49.33 -21.90
C ARG F 222 29.63 -48.40 -22.10
N GLU F 223 30.79 -48.76 -21.58
CA GLU F 223 32.01 -47.98 -21.79
C GLU F 223 32.38 -47.90 -23.25
N ARG F 224 32.76 -46.71 -23.72
CA ARG F 224 33.22 -46.53 -25.10
C ARG F 224 34.66 -47.01 -25.20
N GLN G 20 -11.30 -23.62 -11.49
CA GLN G 20 -10.31 -22.63 -11.02
C GLN G 20 -10.96 -21.63 -10.08
N ALA G 21 -12.09 -21.05 -10.51
CA ALA G 21 -12.74 -19.93 -9.79
C ALA G 21 -13.06 -20.27 -8.33
N ASN G 22 -13.69 -21.41 -8.12
CA ASN G 22 -14.03 -21.84 -6.77
C ASN G 22 -12.80 -22.10 -5.89
N LEU G 23 -11.77 -22.73 -6.47
CA LEU G 23 -10.53 -22.96 -5.74
C LEU G 23 -9.79 -21.67 -5.41
N MET G 24 -9.70 -20.75 -6.37
CA MET G 24 -9.10 -19.42 -6.13
C MET G 24 -9.80 -18.69 -4.99
N ARG G 25 -11.11 -18.80 -4.96
CA ARG G 25 -11.94 -18.19 -3.94
C ARG G 25 -11.72 -18.84 -2.58
N LEU G 26 -11.70 -20.18 -2.55
CA LEU G 26 -11.36 -20.93 -1.33
C LEU G 26 -9.99 -20.57 -0.77
N LYS G 27 -8.98 -20.51 -1.63
CA LYS G 27 -7.63 -20.21 -1.18
C LYS G 27 -7.52 -18.79 -0.67
N SER G 28 -8.15 -17.87 -1.39
CA SER G 28 -8.24 -16.49 -0.93
C SER G 28 -8.94 -16.38 0.44
N ASP G 29 -10.03 -17.11 0.64
CA ASP G 29 -10.69 -17.11 1.94
C ASP G 29 -9.87 -17.72 3.07
N LEU G 30 -9.12 -18.80 2.80
CA LEU G 30 -8.29 -19.40 3.85
C LEU G 30 -7.04 -18.59 4.18
N PHE G 31 -6.40 -17.97 3.19
CA PHE G 31 -5.04 -17.42 3.40
C PHE G 31 -4.92 -15.88 3.39
N ASN G 32 -5.78 -15.17 2.65
CA ASN G 32 -5.67 -13.70 2.57
C ASN G 32 -6.45 -12.98 3.66
N ARG G 33 -7.39 -13.65 4.32
CA ARG G 33 -8.32 -12.96 5.24
C ARG G 33 -7.93 -12.94 6.72
N SER G 34 -6.93 -13.73 7.11
CA SER G 34 -6.50 -13.79 8.50
C SER G 34 -4.98 -13.71 8.56
N PRO G 35 -4.39 -13.42 9.76
CA PRO G 35 -2.94 -13.69 9.93
C PRO G 35 -2.69 -15.19 9.91
N MET G 36 -1.48 -15.60 9.54
CA MET G 36 -1.16 -17.04 9.45
C MET G 36 -1.36 -17.70 10.82
N TYR G 37 -1.74 -18.98 10.79
CA TYR G 37 -1.78 -19.81 12.00
C TYR G 37 -0.41 -19.71 12.72
N PRO G 38 -0.41 -19.36 14.03
CA PRO G 38 0.84 -19.15 14.76
C PRO G 38 1.46 -20.43 15.38
N GLY G 39 0.94 -21.59 15.01
CA GLY G 39 1.43 -22.86 15.53
C GLY G 39 0.67 -23.27 16.78
N PRO G 40 0.91 -24.51 17.22
CA PRO G 40 0.20 -25.05 18.37
C PRO G 40 0.68 -24.46 19.69
N THR G 41 -0.14 -24.64 20.71
CA THR G 41 0.12 -24.11 22.07
C THR G 41 -0.30 -25.16 23.11
N LYS G 42 -0.04 -24.87 24.38
CA LYS G 42 -0.51 -25.73 25.49
C LYS G 42 -2.04 -25.89 25.49
N ASP G 43 -2.77 -24.84 25.11
CA ASP G 43 -4.25 -24.89 25.06
C ASP G 43 -4.81 -25.52 23.81
N ASP G 44 -4.10 -25.39 22.67
CA ASP G 44 -4.49 -26.05 21.41
C ASP G 44 -3.37 -26.94 20.87
N PRO G 45 -3.10 -28.06 21.57
CA PRO G 45 -2.03 -28.96 21.14
C PRO G 45 -2.38 -29.70 19.86
N LEU G 46 -1.39 -30.39 19.31
CA LEU G 46 -1.48 -30.97 17.99
C LEU G 46 -0.77 -32.31 18.00
N THR G 47 -1.34 -33.29 17.32
CA THR G 47 -0.71 -34.58 17.13
C THR G 47 -0.32 -34.76 15.67
N VAL G 48 0.97 -35.00 15.43
CA VAL G 48 1.49 -35.26 14.08
C VAL G 48 1.73 -36.75 13.93
N THR G 49 1.18 -37.35 12.89
CA THR G 49 1.43 -38.74 12.59
C THR G 49 2.60 -38.82 11.60
N LEU G 50 3.60 -39.65 11.92
CA LEU G 50 4.80 -39.84 11.08
C LEU G 50 4.90 -41.26 10.60
N GLY G 51 5.39 -41.42 9.39
CA GLY G 51 5.70 -42.74 8.82
C GLY G 51 6.81 -42.66 7.81
N PHE G 52 7.74 -43.61 7.81
CA PHE G 52 8.89 -43.57 6.92
C PHE G 52 8.77 -44.63 5.84
N THR G 53 9.22 -44.27 4.64
CA THR G 53 9.39 -45.18 3.53
C THR G 53 10.87 -45.10 3.12
N LEU G 54 11.61 -46.17 3.37
CA LEU G 54 13.05 -46.17 3.16
C LEU G 54 13.34 -46.62 1.74
N GLN G 55 14.02 -45.77 0.96
CA GLN G 55 14.34 -46.06 -0.45
CA GLN G 55 14.34 -46.06 -0.45
C GLN G 55 15.74 -46.64 -0.64
N ASP G 56 16.73 -46.13 0.10
CA ASP G 56 18.10 -46.56 -0.10
C ASP G 56 19.01 -46.17 1.02
N ILE G 57 19.91 -47.08 1.40
CA ILE G 57 21.10 -46.71 2.16
C ILE G 57 22.16 -46.51 1.09
N VAL G 58 22.55 -45.26 0.87
CA VAL G 58 23.35 -44.90 -0.29
C VAL G 58 24.82 -45.17 -0.02
N LYS G 59 25.30 -44.67 1.11
CA LYS G 59 26.65 -45.00 1.54
C LYS G 59 26.89 -44.94 3.03
N VAL G 60 27.98 -45.60 3.41
CA VAL G 60 28.48 -45.56 4.78
C VAL G 60 29.90 -45.03 4.71
N ASP G 61 30.31 -44.25 5.70
CA ASP G 61 31.69 -43.77 5.77
C ASP G 61 32.23 -44.28 7.09
N SER G 62 33.08 -45.31 7.01
CA SER G 62 33.63 -45.93 8.23
C SER G 62 34.76 -45.12 8.83
N SER G 63 35.30 -44.13 8.13
CA SER G 63 36.31 -43.26 8.74
C SER G 63 35.69 -42.11 9.57
N THR G 64 34.42 -41.76 9.34
CA THR G 64 33.74 -40.70 10.11
C THR G 64 32.50 -41.15 10.88
N ASN G 65 32.08 -42.41 10.70
CA ASN G 65 30.84 -42.94 11.27
C ASN G 65 29.61 -42.10 10.90
N GLU G 66 29.44 -41.93 9.58
CA GLU G 66 28.27 -41.27 9.00
C GLU G 66 27.63 -42.24 8.01
N VAL G 67 26.30 -42.34 8.03
CA VAL G 67 25.56 -43.10 7.04
C VAL G 67 24.56 -42.19 6.34
N ASP G 68 24.33 -42.43 5.04
CA ASP G 68 23.42 -41.63 4.21
C ASP G 68 22.19 -42.44 3.79
N LEU G 69 20.99 -41.95 4.16
CA LEU G 69 19.71 -42.55 3.77
C LEU G 69 18.95 -41.66 2.84
N VAL G 70 18.24 -42.29 1.90
CA VAL G 70 17.24 -41.62 1.10
C VAL G 70 15.91 -42.24 1.48
N TYR G 71 14.95 -41.40 1.85
CA TYR G 71 13.64 -41.86 2.30
C TYR G 71 12.60 -40.79 2.03
N TYR G 72 11.34 -41.15 2.18
CA TYR G 72 10.34 -40.14 2.36
C TYR G 72 9.51 -40.33 3.61
N GLU G 73 9.08 -39.19 4.13
CA GLU G 73 8.54 -39.08 5.46
C GLU G 73 7.11 -38.55 5.33
N GLN G 74 6.12 -39.41 5.55
CA GLN G 74 4.72 -39.02 5.58
C GLN G 74 4.39 -38.28 6.87
N GLN G 75 3.91 -37.04 6.77
CA GLN G 75 3.48 -36.24 7.92
C GLN G 75 1.99 -35.90 7.79
N ARG G 76 1.23 -36.12 8.86
CA ARG G 76 -0.20 -35.80 8.89
C ARG G 76 -0.57 -35.07 10.17
N TRP G 77 -1.35 -34.02 10.02
CA TRP G 77 -1.91 -33.29 11.15
C TRP G 77 -3.23 -32.63 10.74
N LYS G 78 -3.92 -32.00 11.70
CA LYS G 78 -5.27 -31.47 11.50
C LYS G 78 -5.45 -30.14 12.24
N LEU G 79 -5.86 -29.10 11.52
CA LEU G 79 -6.18 -27.79 12.12
C LEU G 79 -7.62 -27.37 11.87
N ASN G 80 -8.27 -26.84 12.89
CA ASN G 80 -9.62 -26.24 12.74
C ASN G 80 -9.62 -25.07 11.74
N SER G 81 -8.58 -24.25 11.77
CA SER G 81 -8.49 -23.09 10.88
C SER G 81 -8.33 -23.39 9.39
N LEU G 82 -8.18 -24.65 8.99
CA LEU G 82 -8.16 -25.04 7.58
C LEU G 82 -9.43 -25.75 7.16
N MET G 83 -10.45 -25.77 8.02
CA MET G 83 -11.74 -26.36 7.67
C MET G 83 -12.54 -25.47 6.71
N TRP G 84 -13.28 -26.10 5.82
CA TRP G 84 -14.29 -25.42 5.02
C TRP G 84 -15.43 -26.38 4.71
N ASP G 85 -16.55 -25.80 4.33
CA ASP G 85 -17.74 -26.53 3.89
C ASP G 85 -17.65 -26.66 2.37
N PRO G 86 -17.55 -27.90 1.85
CA PRO G 86 -17.47 -28.07 0.38
C PRO G 86 -18.63 -27.44 -0.44
N ASN G 87 -19.85 -27.43 0.11
CA ASN G 87 -21.00 -26.84 -0.59
C ASN G 87 -20.99 -25.47 0.06
N GLU G 88 -20.31 -24.69 -0.60
CA GLU G 88 -19.86 -23.23 -0.43
C GLU G 88 -18.70 -22.95 -1.40
N TYR G 89 -18.04 -23.99 -1.89
CA TYR G 89 -16.89 -23.86 -2.78
C TYR G 89 -16.90 -24.92 -3.87
N GLY G 90 -18.07 -25.13 -4.48
CA GLY G 90 -18.16 -25.99 -5.66
C GLY G 90 -17.89 -27.47 -5.42
N ASN G 91 -18.13 -27.93 -4.18
CA ASN G 91 -17.81 -29.31 -3.74
C ASN G 91 -16.33 -29.70 -3.79
N ILE G 92 -15.43 -28.73 -3.63
CA ILE G 92 -14.02 -29.03 -3.52
C ILE G 92 -13.77 -29.67 -2.14
N THR G 93 -13.24 -30.89 -2.15
CA THR G 93 -12.96 -31.64 -0.91
C THR G 93 -11.50 -31.54 -0.44
N ASP G 94 -10.58 -31.21 -1.36
CA ASP G 94 -9.19 -30.98 -1.01
C ASP G 94 -8.46 -30.16 -2.08
N PHE G 95 -7.27 -29.70 -1.74
CA PHE G 95 -6.44 -29.03 -2.72
C PHE G 95 -4.96 -29.12 -2.36
N ARG G 96 -4.14 -28.88 -3.38
CA ARG G 96 -2.70 -28.84 -3.26
C ARG G 96 -2.28 -27.43 -3.05
N THR G 97 -1.36 -27.21 -2.13
CA THR G 97 -0.76 -25.91 -1.97
C THR G 97 0.70 -26.01 -1.52
N SER G 98 1.50 -25.06 -1.97
CA SER G 98 2.87 -24.91 -1.51
C SER G 98 2.98 -24.98 0.02
N ALA G 99 3.95 -25.74 0.52
CA ALA G 99 4.20 -25.82 1.95
C ALA G 99 4.63 -24.50 2.60
N ALA G 100 5.13 -23.56 1.82
CA ALA G 100 5.34 -22.19 2.29
C ALA G 100 4.05 -21.42 2.69
N ASP G 101 2.89 -21.77 2.12
CA ASP G 101 1.62 -21.09 2.42
C ASP G 101 0.99 -21.51 3.76
N ILE G 102 1.44 -22.63 4.33
CA ILE G 102 0.84 -23.14 5.56
C ILE G 102 1.92 -23.35 6.62
N TRP G 103 1.48 -23.51 7.85
CA TRP G 103 2.36 -23.97 8.91
C TRP G 103 2.68 -25.45 8.69
N THR G 104 3.92 -25.82 8.95
CA THR G 104 4.33 -27.22 8.95
C THR G 104 5.11 -27.50 10.21
N PRO G 105 5.02 -28.74 10.71
CA PRO G 105 5.76 -29.05 11.92
C PRO G 105 7.29 -29.09 11.63
N ASP G 106 8.07 -28.67 12.63
CA ASP G 106 9.53 -28.56 12.57
C ASP G 106 10.23 -29.90 12.95
N ILE G 107 9.87 -30.96 12.26
CA ILE G 107 10.38 -32.29 12.56
C ILE G 107 11.84 -32.34 12.10
N THR G 108 12.72 -32.75 13.00
CA THR G 108 14.17 -32.65 12.83
C THR G 108 14.82 -33.98 13.21
N ALA G 109 15.81 -34.40 12.44
CA ALA G 109 16.63 -35.56 12.82
C ALA G 109 17.58 -35.10 13.92
N TYR G 110 17.67 -35.85 15.01
CA TYR G 110 18.45 -35.42 16.18
C TYR G 110 19.95 -35.75 16.16
N SER G 111 20.41 -36.54 15.18
CA SER G 111 21.82 -36.89 15.11
C SER G 111 22.34 -36.76 13.69
N SER G 112 21.82 -35.76 12.97
CA SER G 112 22.29 -35.46 11.63
C SER G 112 23.69 -34.85 11.70
N THR G 113 24.46 -35.00 10.63
CA THR G 113 25.78 -34.39 10.53
C THR G 113 25.90 -33.40 9.39
N ARG G 114 24.85 -33.26 8.59
CA ARG G 114 24.80 -32.31 7.50
C ARG G 114 23.37 -31.83 7.38
N PRO G 115 23.15 -30.66 6.75
CA PRO G 115 21.76 -30.31 6.44
C PRO G 115 21.09 -31.38 5.57
N VAL G 116 19.82 -31.64 5.86
CA VAL G 116 19.04 -32.58 5.09
C VAL G 116 18.83 -32.01 3.70
N GLN G 117 18.97 -32.84 2.68
CA GLN G 117 18.72 -32.39 1.31
C GLN G 117 17.30 -32.76 0.89
N VAL G 118 16.63 -31.81 0.25
CA VAL G 118 15.25 -31.97 -0.15
C VAL G 118 15.22 -32.52 -1.56
N LEU G 119 14.53 -33.63 -1.77
CA LEU G 119 14.53 -34.32 -3.06
C LEU G 119 13.17 -34.33 -3.75
N SER G 120 12.21 -33.58 -3.23
CA SER G 120 10.90 -33.51 -3.82
C SER G 120 10.33 -32.09 -3.68
N PRO G 121 9.31 -31.75 -4.47
CA PRO G 121 8.61 -30.49 -4.32
C PRO G 121 7.98 -30.39 -2.94
N GLN G 122 7.93 -29.18 -2.39
CA GLN G 122 7.40 -28.97 -1.04
C GLN G 122 5.97 -28.47 -1.19
N ILE G 123 5.08 -29.43 -1.39
CA ILE G 123 3.69 -29.18 -1.66
C ILE G 123 2.91 -30.14 -0.79
N ALA G 124 1.93 -29.62 -0.06
CA ALA G 124 1.05 -30.43 0.78
C ALA G 124 -0.36 -30.48 0.20
N VAL G 125 -1.14 -31.43 0.69
CA VAL G 125 -2.54 -31.56 0.33
C VAL G 125 -3.38 -31.31 1.58
N VAL G 126 -4.29 -30.36 1.47
CA VAL G 126 -5.18 -29.96 2.55
C VAL G 126 -6.58 -30.46 2.22
N THR G 127 -7.23 -31.07 3.19
CA THR G 127 -8.57 -31.66 3.03
C THR G 127 -9.58 -30.84 3.87
N HIS G 128 -10.86 -30.86 3.43
CA HIS G 128 -11.94 -29.99 3.97
C HIS G 128 -12.18 -30.08 5.47
N ASP G 129 -11.88 -31.23 6.07
CA ASP G 129 -11.91 -31.38 7.52
C ASP G 129 -10.74 -30.73 8.28
N GLY G 130 -9.83 -30.06 7.56
CA GLY G 130 -8.70 -29.41 8.18
C GLY G 130 -7.45 -30.28 8.26
N SER G 131 -7.49 -31.48 7.69
CA SER G 131 -6.36 -32.38 7.76
C SER G 131 -5.37 -32.09 6.62
N VAL G 132 -4.08 -32.25 6.93
CA VAL G 132 -3.00 -31.97 6.00
C VAL G 132 -2.13 -33.21 5.84
N MET G 133 -1.78 -33.55 4.61
CA MET G 133 -0.77 -34.54 4.35
C MET G 133 0.41 -33.91 3.61
N PHE G 134 1.62 -34.21 4.06
CA PHE G 134 2.85 -33.66 3.50
C PHE G 134 3.92 -34.76 3.49
N ILE G 135 4.46 -35.07 2.30
CA ILE G 135 5.36 -36.22 2.15
C ILE G 135 6.65 -35.85 1.42
N PRO G 136 7.54 -35.17 2.13
CA PRO G 136 8.84 -34.81 1.54
C PRO G 136 9.83 -35.99 1.43
N ALA G 137 10.50 -36.05 0.28
CA ALA G 137 11.64 -36.94 0.08
C ALA G 137 12.92 -36.25 0.55
N GLN G 138 13.78 -36.99 1.23
CA GLN G 138 14.96 -36.44 1.86
C GLN G 138 16.18 -37.35 1.72
N ARG G 139 17.34 -36.74 1.75
CA ARG G 139 18.59 -37.43 1.98
C ARG G 139 19.20 -36.90 3.26
N LEU G 140 19.53 -37.83 4.16
CA LEU G 140 20.05 -37.52 5.49
C LEU G 140 21.40 -38.23 5.71
N SER G 141 22.41 -37.47 6.16
CA SER G 141 23.61 -38.03 6.76
C SER G 141 23.47 -37.98 8.26
N PHE G 142 23.68 -39.10 8.94
CA PHE G 142 23.56 -39.16 10.40
C PHE G 142 24.61 -40.08 11.03
N MET G 143 24.71 -39.99 12.36
CA MET G 143 25.74 -40.67 13.14
C MET G 143 25.42 -42.13 13.27
N CYS G 144 26.34 -42.96 12.77
CA CYS G 144 26.16 -44.40 12.76
C CYS G 144 27.51 -45.09 12.50
N ASP G 145 27.85 -46.05 13.34
CA ASP G 145 29.06 -46.84 13.17
C ASP G 145 28.77 -48.05 12.29
N PRO G 146 29.28 -48.07 11.05
CA PRO G 146 29.02 -49.18 10.14
C PRO G 146 30.02 -50.37 10.26
N THR G 147 30.92 -50.36 11.23
CA THR G 147 31.82 -51.49 11.49
C THR G 147 31.05 -52.81 11.67
N GLY G 148 31.39 -53.80 10.85
CA GLY G 148 30.68 -55.10 10.86
C GLY G 148 29.58 -55.22 9.83
N VAL G 149 29.39 -54.19 9.00
CA VAL G 149 28.34 -54.21 8.00
C VAL G 149 28.59 -55.33 6.97
N ASP G 150 29.85 -55.69 6.77
CA ASP G 150 30.22 -56.78 5.85
C ASP G 150 30.12 -58.20 6.44
N SER G 151 29.48 -58.39 7.58
CA SER G 151 29.29 -59.70 8.17
C SER G 151 27.83 -60.14 8.01
N GLU G 152 27.52 -61.38 8.43
CA GLU G 152 26.18 -61.90 8.32
C GLU G 152 25.20 -61.24 9.31
N GLU G 153 25.69 -60.87 10.47
CA GLU G 153 24.86 -60.22 11.49
C GLU G 153 24.51 -58.75 11.16
N GLY G 154 25.38 -58.10 10.42
CA GLY G 154 25.17 -56.69 10.04
C GLY G 154 25.36 -55.73 11.20
N VAL G 155 24.79 -54.55 11.05
CA VAL G 155 24.86 -53.50 12.08
C VAL G 155 23.51 -52.86 12.26
N THR G 156 23.33 -52.26 13.42
CA THR G 156 22.10 -51.58 13.76
C THR G 156 22.43 -50.12 13.97
N CYS G 157 21.61 -49.26 13.37
CA CYS G 157 21.71 -47.82 13.61
CA CYS G 157 21.72 -47.82 13.60
C CYS G 157 20.36 -47.21 13.86
N ALA G 158 20.37 -46.04 14.50
CA ALA G 158 19.17 -45.40 14.95
C ALA G 158 19.27 -43.90 14.83
N VAL G 159 18.13 -43.28 14.51
CA VAL G 159 18.05 -41.83 14.50
C VAL G 159 16.65 -41.39 14.96
N LYS G 160 16.62 -40.40 15.85
CA LYS G 160 15.37 -39.86 16.37
C LYS G 160 14.87 -38.68 15.53
N PHE G 161 13.58 -38.69 15.23
CA PHE G 161 12.93 -37.57 14.57
C PHE G 161 11.91 -36.97 15.52
N GLY G 162 11.99 -35.66 15.76
CA GLY G 162 10.99 -34.96 16.54
C GLY G 162 11.05 -33.47 16.34
N SER G 163 10.12 -32.76 16.97
CA SER G 163 10.14 -31.32 16.96
C SER G 163 11.37 -30.83 17.68
N TRP G 164 12.00 -29.81 17.11
CA TRP G 164 13.15 -29.18 17.75
C TRP G 164 12.75 -28.23 18.88
N VAL G 165 11.65 -27.51 18.72
CA VAL G 165 11.30 -26.44 19.68
C VAL G 165 9.99 -26.59 20.43
N TYR G 166 9.14 -27.55 20.05
CA TYR G 166 7.89 -27.80 20.75
C TYR G 166 7.99 -29.06 21.59
N SER G 167 7.69 -28.94 22.87
CA SER G 167 7.63 -30.08 23.78
C SER G 167 6.37 -30.89 23.54
N GLY G 168 6.27 -32.00 24.27
CA GLY G 168 5.07 -32.84 24.30
C GLY G 168 3.76 -32.14 24.67
N PHE G 169 3.86 -31.02 25.39
CA PHE G 169 2.67 -30.21 25.71
C PHE G 169 2.06 -29.48 24.51
N GLU G 170 2.81 -29.28 23.43
CA GLU G 170 2.27 -28.65 22.20
C GLU G 170 2.21 -29.58 21.00
N ILE G 171 3.21 -30.46 20.85
CA ILE G 171 3.23 -31.42 19.75
C ILE G 171 3.49 -32.81 20.28
N ASP G 172 2.53 -33.70 20.05
CA ASP G 172 2.70 -35.12 20.29
C ASP G 172 2.88 -35.80 18.93
N LEU G 173 3.51 -36.96 18.91
CA LEU G 173 3.71 -37.73 17.69
C LEU G 173 3.11 -39.10 17.87
N LYS G 174 2.74 -39.72 16.75
CA LYS G 174 2.41 -41.12 16.75
C LYS G 174 2.74 -41.72 15.40
N THR G 175 2.73 -43.05 15.35
CA THR G 175 2.86 -43.79 14.10
C THR G 175 1.58 -44.61 13.92
N ASP G 176 1.25 -44.96 12.69
CA ASP G 176 0.17 -45.93 12.43
C ASP G 176 0.62 -47.38 12.54
N THR G 177 1.89 -47.61 12.27
CA THR G 177 2.50 -48.94 12.38
C THR G 177 3.92 -48.74 12.88
N ASP G 178 4.47 -49.77 13.51
CA ASP G 178 5.89 -49.77 13.87
C ASP G 178 6.81 -50.30 12.76
N GLN G 179 6.25 -50.80 11.65
CA GLN G 179 7.04 -51.28 10.52
C GLN G 179 7.27 -50.16 9.53
N VAL G 180 8.55 -49.89 9.24
CA VAL G 180 8.93 -48.99 8.18
C VAL G 180 8.54 -49.63 6.86
N ASP G 181 8.04 -48.82 5.94
CA ASP G 181 7.68 -49.33 4.61
C ASP G 181 8.95 -49.59 3.79
N LEU G 182 9.16 -50.85 3.43
CA LEU G 182 10.31 -51.27 2.62
C LEU G 182 9.95 -51.69 1.21
N SER G 183 8.72 -51.45 0.79
CA SER G 183 8.27 -51.98 -0.51
C SER G 183 8.78 -51.19 -1.71
N SER G 184 9.36 -50.00 -1.49
CA SER G 184 10.09 -49.29 -2.55
C SER G 184 11.62 -49.32 -2.35
N TYR G 185 12.14 -50.20 -1.49
CA TYR G 185 13.57 -50.19 -1.23
C TYR G 185 14.30 -50.63 -2.48
N TYR G 186 15.33 -49.88 -2.86
CA TYR G 186 16.07 -50.15 -4.10
C TYR G 186 16.70 -51.57 -4.06
N ALA G 187 16.26 -52.40 -5.00
CA ALA G 187 16.65 -53.82 -5.05
C ALA G 187 18.14 -54.05 -5.34
N SER G 188 18.83 -53.11 -5.99
CA SER G 188 20.26 -53.24 -6.20
C SER G 188 21.11 -52.32 -5.32
N SER G 189 20.59 -51.92 -4.17
CA SER G 189 21.41 -51.22 -3.20
C SER G 189 22.62 -52.08 -2.83
N LYS G 190 23.71 -51.41 -2.43
CA LYS G 190 24.82 -52.11 -1.81
C LYS G 190 24.44 -52.77 -0.50
N TYR G 191 23.40 -52.27 0.18
CA TYR G 191 23.02 -52.79 1.50
C TYR G 191 21.62 -53.37 1.45
N GLU G 192 21.42 -54.51 2.11
CA GLU G 192 20.08 -55.05 2.31
C GLU G 192 19.62 -54.78 3.74
N ILE G 193 18.31 -54.60 3.87
CA ILE G 193 17.70 -54.28 5.14
C ILE G 193 17.24 -55.58 5.77
N LEU G 194 17.66 -55.81 6.99
CA LEU G 194 17.21 -56.97 7.76
C LEU G 194 15.97 -56.63 8.55
N SER G 195 15.92 -55.43 9.12
CA SER G 195 14.70 -54.91 9.72
C SER G 195 14.74 -53.39 9.85
N ALA G 196 13.55 -52.82 9.98
CA ALA G 196 13.41 -51.38 10.06
C ALA G 196 12.13 -51.06 10.80
N THR G 197 12.27 -50.43 11.96
CA THR G 197 11.15 -50.07 12.80
C THR G 197 11.12 -48.56 13.09
N GLN G 198 9.93 -48.09 13.45
CA GLN G 198 9.67 -46.69 13.79
C GLN G 198 8.80 -46.66 15.04
N THR G 199 9.31 -46.10 16.13
CA THR G 199 8.69 -46.24 17.44
C THR G 199 8.68 -44.91 18.19
N ARG G 200 7.52 -44.56 18.74
CA ARG G 200 7.37 -43.39 19.59
C ARG G 200 8.18 -43.52 20.89
N GLN G 201 8.86 -42.46 21.30
CA GLN G 201 9.57 -42.40 22.59
C GLN G 201 9.38 -41.03 23.23
N VAL G 202 9.64 -40.98 24.53
CA VAL G 202 9.66 -39.74 25.30
C VAL G 202 11.08 -39.50 25.79
N GLN G 203 11.58 -38.27 25.67
CA GLN G 203 12.95 -37.92 26.09
C GLN G 203 12.92 -36.68 26.96
N HIS G 204 13.94 -36.53 27.80
CA HIS G 204 14.20 -35.30 28.55
C HIS G 204 15.59 -34.78 28.19
N TYR G 205 15.73 -33.47 28.08
CA TYR G 205 16.98 -32.83 27.68
C TYR G 205 17.39 -31.81 28.75
N SER G 206 18.67 -31.47 28.78
CA SER G 206 19.25 -30.56 29.79
C SER G 206 18.64 -29.17 29.83
N CYS G 207 18.33 -28.58 28.67
CA CYS G 207 17.79 -27.21 28.62
C CYS G 207 16.48 -26.95 29.34
N CYS G 208 15.66 -27.99 29.51
CA CYS G 208 14.20 -27.83 29.58
C CYS G 208 13.61 -28.93 30.44
N PRO G 209 12.70 -28.59 31.38
CA PRO G 209 12.07 -29.67 32.18
C PRO G 209 10.98 -30.49 31.46
N GLU G 210 10.46 -29.98 30.35
CA GLU G 210 9.29 -30.59 29.69
C GLU G 210 9.71 -31.80 28.84
N PRO G 211 8.87 -32.84 28.79
CA PRO G 211 9.17 -34.00 27.92
C PRO G 211 9.05 -33.65 26.42
N TYR G 212 9.94 -34.23 25.62
CA TYR G 212 9.92 -34.09 24.17
C TYR G 212 9.56 -35.46 23.60
N ILE G 213 8.82 -35.47 22.50
CA ILE G 213 8.42 -36.71 21.88
C ILE G 213 9.21 -36.88 20.59
N ASP G 214 9.66 -38.11 20.31
CA ASP G 214 10.25 -38.42 19.01
C ASP G 214 9.79 -39.76 18.49
N VAL G 215 10.04 -39.99 17.20
CA VAL G 215 9.91 -41.31 16.61
C VAL G 215 11.33 -41.79 16.30
N ASN G 216 11.67 -42.95 16.84
CA ASN G 216 13.00 -43.54 16.69
C ASN G 216 13.00 -44.51 15.53
N LEU G 217 13.78 -44.19 14.51
CA LEU G 217 13.92 -45.01 13.31
C LEU G 217 15.14 -45.92 13.55
N VAL G 218 14.92 -47.23 13.66
CA VAL G 218 15.97 -48.21 13.92
C VAL G 218 16.10 -49.09 12.69
N VAL G 219 17.27 -49.12 12.07
CA VAL G 219 17.51 -49.90 10.87
C VAL G 219 18.67 -50.87 11.08
N LYS G 220 18.43 -52.14 10.78
CA LYS G 220 19.44 -53.16 10.82
C LYS G 220 19.74 -53.58 9.39
N PHE G 221 21.01 -53.51 9.00
CA PHE G 221 21.39 -53.75 7.62
C PHE G 221 22.77 -54.39 7.48
N ARG G 222 23.05 -54.91 6.29
CA ARG G 222 24.34 -55.48 5.97
C ARG G 222 24.62 -55.39 4.50
N GLU G 223 25.87 -55.60 4.09
CA GLU G 223 26.22 -55.61 2.67
C GLU G 223 25.50 -56.70 1.92
N ARG G 224 24.99 -56.39 0.74
CA ARG G 224 24.35 -57.38 -0.14
C ARG G 224 25.44 -58.20 -0.84
N GLN H 20 -5.64 -19.81 19.43
CA GLN H 20 -5.07 -19.13 18.26
C GLN H 20 -5.28 -17.62 18.36
N ALA H 21 -6.53 -17.22 18.65
CA ALA H 21 -6.95 -15.80 18.59
C ALA H 21 -6.09 -14.90 19.48
N ASN H 22 -5.92 -15.31 20.73
CA ASN H 22 -5.12 -14.54 21.67
C ASN H 22 -3.64 -14.44 21.26
N LEU H 23 -3.08 -15.56 20.78
CA LEU H 23 -1.69 -15.57 20.31
C LEU H 23 -1.51 -14.70 19.05
N MET H 24 -2.42 -14.82 18.09
CA MET H 24 -2.39 -13.96 16.88
C MET H 24 -2.42 -12.48 17.24
N ARG H 25 -3.22 -12.15 18.23
CA ARG H 25 -3.36 -10.79 18.71
C ARG H 25 -2.08 -10.32 19.42
N LEU H 26 -1.53 -11.17 20.29
CA LEU H 26 -0.23 -10.89 20.92
C LEU H 26 0.89 -10.67 19.90
N LYS H 27 0.98 -11.54 18.91
CA LYS H 27 2.05 -11.42 17.92
C LYS H 27 1.88 -10.17 17.07
N SER H 28 0.65 -9.90 16.68
CA SER H 28 0.33 -8.66 15.99
C SER H 28 0.70 -7.41 16.82
N ASP H 29 0.39 -7.43 18.12
CA ASP H 29 0.80 -6.31 19.00
C ASP H 29 2.31 -6.16 19.16
N LEU H 30 3.05 -7.27 19.27
CA LEU H 30 4.51 -7.17 19.40
C LEU H 30 5.22 -6.79 18.12
N PHE H 31 4.77 -7.26 16.96
CA PHE H 31 5.57 -7.15 15.72
C PHE H 31 5.05 -6.20 14.63
N ASN H 32 3.74 -6.00 14.54
CA ASN H 32 3.17 -5.12 13.50
C ASN H 32 3.08 -3.67 13.92
N ARG H 33 3.13 -3.37 15.22
CA ARG H 33 2.87 -2.01 15.72
C ARG H 33 4.09 -1.11 15.90
N SER H 34 5.30 -1.66 15.84
CA SER H 34 6.52 -0.87 16.03
C SER H 34 7.52 -1.17 14.91
N PRO H 35 8.55 -0.30 14.73
CA PRO H 35 9.70 -0.74 13.92
C PRO H 35 10.48 -1.82 14.67
N MET H 36 11.21 -2.68 13.94
CA MET H 36 11.95 -3.77 14.58
C MET H 36 12.96 -3.20 15.59
N TYR H 37 13.20 -3.96 16.67
CA TYR H 37 14.25 -3.62 17.63
C TYR H 37 15.58 -3.45 16.86
N PRO H 38 16.28 -2.31 17.04
CA PRO H 38 17.49 -2.01 16.26
C PRO H 38 18.79 -2.60 16.86
N GLY H 39 18.67 -3.43 17.87
CA GLY H 39 19.82 -4.02 18.54
C GLY H 39 20.27 -3.18 19.71
N PRO H 40 21.20 -3.72 20.51
CA PRO H 40 21.65 -3.06 21.72
C PRO H 40 22.58 -1.89 21.43
N THR H 41 22.75 -1.03 22.42
CA THR H 41 23.58 0.19 22.32
C THR H 41 24.35 0.38 23.62
N LYS H 42 25.22 1.39 23.67
CA LYS H 42 25.93 1.75 24.91
C LYS H 42 24.98 2.12 26.05
N ASP H 43 23.84 2.73 25.73
CA ASP H 43 22.83 3.11 26.76
C ASP H 43 21.91 1.97 27.16
N ASP H 44 21.63 1.04 26.24
CA ASP H 44 20.82 -0.16 26.54
C ASP H 44 21.59 -1.43 26.19
N PRO H 45 22.65 -1.74 26.97
CA PRO H 45 23.43 -2.95 26.69
C PRO H 45 22.68 -4.22 27.02
N LEU H 46 23.26 -5.34 26.63
CA LEU H 46 22.60 -6.63 26.65
C LEU H 46 23.59 -7.69 27.05
N THR H 47 23.16 -8.62 27.88
CA THR H 47 23.96 -9.78 28.24
C THR H 47 23.37 -11.04 27.63
N VAL H 48 24.17 -11.75 26.83
CA VAL H 48 23.77 -13.01 26.23
C VAL H 48 24.41 -14.16 27.00
N THR H 49 23.61 -15.11 27.43
CA THR H 49 24.13 -16.29 28.08
C THR H 49 24.30 -17.39 27.04
N LEU H 50 25.50 -17.99 26.99
CA LEU H 50 25.83 -19.07 26.04
C LEU H 50 26.14 -20.35 26.76
N GLY H 51 25.72 -21.46 26.17
CA GLY H 51 26.11 -22.80 26.66
C GLY H 51 26.17 -23.78 25.50
N PHE H 52 27.17 -24.66 25.50
CA PHE H 52 27.35 -25.61 24.41
C PHE H 52 27.01 -27.01 24.84
N THR H 53 26.41 -27.76 23.92
CA THR H 53 26.17 -29.18 24.06
C THR H 53 26.86 -29.86 22.87
N LEU H 54 27.93 -30.59 23.14
CA LEU H 54 28.75 -31.17 22.09
C LEU H 54 28.21 -32.55 21.74
N GLN H 55 27.84 -32.75 20.47
CA GLN H 55 27.27 -34.03 20.02
CA GLN H 55 27.27 -34.02 20.02
C GLN H 55 28.30 -34.95 19.38
N ASP H 56 29.23 -34.40 18.59
CA ASP H 56 30.17 -35.24 17.87
C ASP H 56 31.35 -34.46 17.34
N ILE H 57 32.53 -35.06 17.44
CA ILE H 57 33.67 -34.64 16.63
C ILE H 57 33.61 -35.59 15.44
N VAL H 58 33.24 -35.06 14.28
CA VAL H 58 32.92 -35.89 13.13
C VAL H 58 34.17 -36.29 12.39
N LYS H 59 35.04 -35.33 12.10
CA LYS H 59 36.33 -35.63 11.53
C LYS H 59 37.41 -34.62 11.81
N VAL H 60 38.64 -35.10 11.61
CA VAL H 60 39.83 -34.26 11.65
C VAL H 60 40.49 -34.39 10.29
N ASP H 61 41.09 -33.30 9.81
CA ASP H 61 41.87 -33.35 8.58
C ASP H 61 43.29 -32.92 8.96
N SER H 62 44.19 -33.90 9.02
CA SER H 62 45.57 -33.62 9.43
C SER H 62 46.40 -33.00 8.30
N SER H 63 45.92 -33.00 7.07
CA SER H 63 46.65 -32.32 6.01
C SER H 63 46.32 -30.80 5.95
N THR H 64 45.19 -30.36 6.52
CA THR H 64 44.83 -28.93 6.54
C THR H 64 44.66 -28.32 7.93
N ASN H 65 44.77 -29.14 8.97
CA ASN H 65 44.52 -28.71 10.35
C ASN H 65 43.13 -28.07 10.55
N GLU H 66 42.11 -28.82 10.14
CA GLU H 66 40.72 -28.46 10.32
C GLU H 66 40.03 -29.59 11.08
N VAL H 67 39.21 -29.24 12.08
CA VAL H 67 38.36 -30.21 12.77
C VAL H 67 36.89 -29.82 12.64
N ASP H 68 36.02 -30.81 12.54
CA ASP H 68 34.57 -30.61 12.36
C ASP H 68 33.78 -31.06 13.59
N LEU H 69 33.04 -30.13 14.21
CA LEU H 69 32.17 -30.40 15.36
C LEU H 69 30.72 -30.25 15.00
N VAL H 70 29.89 -31.10 15.59
CA VAL H 70 28.47 -30.94 15.58
C VAL H 70 28.05 -30.67 17.02
N TYR H 71 27.32 -29.58 17.23
CA TYR H 71 26.93 -29.17 18.57
C TYR H 71 25.64 -28.37 18.50
N TYR H 72 25.04 -28.12 19.64
CA TYR H 72 24.10 -27.03 19.71
C TYR H 72 24.41 -26.04 20.80
N GLU H 73 24.02 -24.80 20.50
CA GLU H 73 24.45 -23.64 21.22
C GLU H 73 23.21 -22.96 21.80
N GLN H 74 23.03 -23.07 23.11
CA GLN H 74 21.95 -22.38 23.81
C GLN H 74 22.28 -20.89 23.95
N GLN H 75 21.42 -20.02 23.43
CA GLN H 75 21.55 -18.57 23.56
C GLN H 75 20.34 -18.00 24.31
N ARG H 76 20.59 -17.17 25.32
CA ARG H 76 19.54 -16.51 26.10
C ARG H 76 19.82 -15.04 26.26
N TRP H 77 18.80 -14.22 26.06
CA TRP H 77 18.86 -12.80 26.32
C TRP H 77 17.48 -12.26 26.66
N LYS H 78 17.39 -10.98 27.02
CA LYS H 78 16.14 -10.38 27.53
C LYS H 78 15.96 -8.95 27.05
N LEU H 79 14.83 -8.68 26.41
CA LEU H 79 14.49 -7.31 25.93
C LEU H 79 13.20 -6.80 26.59
N ASN H 80 13.21 -5.54 27.02
CA ASN H 80 11.97 -4.88 27.49
C ASN H 80 10.87 -4.82 26.43
N SER H 81 11.26 -4.58 25.18
CA SER H 81 10.29 -4.51 24.08
C SER H 81 9.57 -5.80 23.71
N LEU H 82 9.92 -6.93 24.32
CA LEU H 82 9.20 -8.18 24.12
C LEU H 82 8.36 -8.56 25.34
N MET H 83 8.24 -7.67 26.32
CA MET H 83 7.41 -7.92 27.50
C MET H 83 5.92 -7.78 27.17
N TRP H 84 5.11 -8.61 27.83
CA TRP H 84 3.67 -8.43 27.84
C TRP H 84 3.10 -8.94 29.15
N ASP H 85 1.88 -8.50 29.44
CA ASP H 85 1.11 -8.95 30.61
C ASP H 85 0.25 -10.12 30.15
N PRO H 86 0.48 -11.32 30.73
CA PRO H 86 -0.35 -12.48 30.33
C PRO H 86 -1.86 -12.33 30.47
N ASN H 87 -2.33 -11.58 31.47
CA ASN H 87 -3.79 -11.35 31.65
C ASN H 87 -4.51 -10.75 30.46
N GLU H 88 -3.81 -9.92 29.70
CA GLU H 88 -4.33 -9.22 28.55
C GLU H 88 -4.32 -10.05 27.29
N TYR H 89 -3.78 -11.27 27.37
CA TYR H 89 -3.66 -12.16 26.21
C TYR H 89 -3.93 -13.61 26.56
N GLY H 90 -5.00 -13.84 27.32
CA GLY H 90 -5.49 -15.20 27.58
C GLY H 90 -4.55 -16.06 28.41
N ASN H 91 -3.75 -15.43 29.27
CA ASN H 91 -2.70 -16.09 30.07
C ASN H 91 -1.59 -16.82 29.29
N ILE H 92 -1.28 -16.31 28.09
CA ILE H 92 -0.16 -16.84 27.33
C ILE H 92 1.14 -16.38 28.01
N THR H 93 1.97 -17.33 28.43
CA THR H 93 3.24 -17.05 29.12
C THR H 93 4.46 -17.07 28.19
N ASP H 94 4.34 -17.77 27.05
CA ASP H 94 5.39 -17.78 26.03
C ASP H 94 4.87 -18.20 24.67
N PHE H 95 5.69 -18.02 23.65
CA PHE H 95 5.36 -18.52 22.32
C PHE H 95 6.60 -18.77 21.47
N ARG H 96 6.41 -19.57 20.44
CA ARG H 96 7.42 -19.88 19.46
C ARG H 96 7.28 -18.94 18.31
N THR H 97 8.40 -18.43 17.82
CA THR H 97 8.38 -17.65 16.59
C THR H 97 9.67 -17.83 15.81
N SER H 98 9.55 -17.78 14.49
CA SER H 98 10.69 -17.77 13.59
C SER H 98 11.76 -16.76 14.04
N ALA H 99 13.01 -17.18 14.02
CA ALA H 99 14.14 -16.31 14.35
C ALA H 99 14.31 -15.11 13.39
N ALA H 100 13.76 -15.21 12.19
CA ALA H 100 13.68 -14.05 11.28
C ALA H 100 12.77 -12.89 11.80
N ASP H 101 11.79 -13.17 12.65
CA ASP H 101 10.87 -12.14 13.19
C ASP H 101 11.48 -11.28 14.30
N ILE H 102 12.58 -11.73 14.91
CA ILE H 102 13.18 -11.02 16.02
C ILE H 102 14.65 -10.75 15.74
N TRP H 103 15.23 -9.84 16.52
CA TRP H 103 16.66 -9.66 16.54
C TRP H 103 17.31 -10.87 17.23
N THR H 104 18.45 -11.30 16.70
CA THR H 104 19.27 -12.32 17.36
C THR H 104 20.71 -11.85 17.40
N PRO H 105 21.44 -12.26 18.43
CA PRO H 105 22.82 -11.82 18.52
C PRO H 105 23.70 -12.48 17.43
N ASP H 106 24.68 -11.73 16.95
CA ASP H 106 25.60 -12.13 15.86
C ASP H 106 26.83 -12.94 16.37
N ILE H 107 26.55 -14.01 17.10
CA ILE H 107 27.59 -14.81 17.73
C ILE H 107 28.30 -15.59 16.61
N THR H 108 29.61 -15.49 16.58
CA THR H 108 30.45 -15.97 15.48
C THR H 108 31.62 -16.75 16.03
N ALA H 109 31.97 -17.86 15.38
CA ALA H 109 33.20 -18.58 15.71
C ALA H 109 34.36 -17.79 15.12
N TYR H 110 35.41 -17.54 15.89
CA TYR H 110 36.51 -16.66 15.45
C TYR H 110 37.63 -17.38 14.65
N SER H 111 37.60 -18.70 14.56
CA SER H 111 38.62 -19.43 13.81
C SER H 111 38.00 -20.48 12.90
N SER H 112 36.81 -20.18 12.37
CA SER H 112 36.16 -21.06 11.43
C SER H 112 36.89 -21.03 10.09
N THR H 113 36.78 -22.12 9.32
CA THR H 113 37.37 -22.18 7.99
C THR H 113 36.33 -22.38 6.90
N ARG H 114 35.06 -22.53 7.28
CA ARG H 114 33.95 -22.67 6.34
C ARG H 114 32.74 -22.01 6.94
N PRO H 115 31.77 -21.63 6.12
CA PRO H 115 30.49 -21.19 6.73
C PRO H 115 29.89 -22.30 7.61
N VAL H 116 29.33 -21.89 8.73
CA VAL H 116 28.69 -22.82 9.65
C VAL H 116 27.44 -23.37 8.99
N GLN H 117 27.21 -24.67 9.10
CA GLN H 117 25.99 -25.28 8.56
C GLN H 117 24.93 -25.38 9.64
N VAL H 118 23.70 -25.03 9.26
CA VAL H 118 22.59 -25.00 10.19
C VAL H 118 21.89 -26.35 10.13
N LEU H 119 21.73 -27.00 11.26
CA LEU H 119 21.18 -28.35 11.31
C LEU H 119 19.83 -28.45 12.02
N SER H 120 19.23 -27.31 12.36
CA SER H 120 17.95 -27.30 13.04
C SER H 120 17.11 -26.12 12.53
N PRO H 121 15.79 -26.17 12.77
CA PRO H 121 14.92 -25.04 12.46
C PRO H 121 15.33 -23.81 13.25
N GLN H 122 15.17 -22.64 12.65
CA GLN H 122 15.57 -21.39 13.27
C GLN H 122 14.35 -20.75 13.89
N ILE H 123 14.01 -21.24 15.07
CA ILE H 123 12.82 -20.84 15.77
C ILE H 123 13.22 -20.63 17.22
N ALA H 124 12.84 -19.48 17.78
CA ALA H 124 13.10 -19.15 19.16
C ALA H 124 11.82 -19.18 19.99
N VAL H 125 12.00 -19.20 21.30
CA VAL H 125 10.90 -19.14 22.24
C VAL H 125 11.03 -17.85 23.05
N VAL H 126 9.96 -17.04 23.02
CA VAL H 126 9.90 -15.77 23.71
C VAL H 126 8.97 -15.92 24.90
N THR H 127 9.40 -15.43 26.05
CA THR H 127 8.66 -15.54 27.31
C THR H 127 8.19 -14.13 27.75
N HIS H 128 7.08 -14.09 28.51
CA HIS H 128 6.37 -12.82 28.85
C HIS H 128 7.19 -11.75 29.55
N ASP H 129 8.24 -12.17 30.27
CA ASP H 129 9.20 -11.22 30.84
C ASP H 129 10.19 -10.62 29.84
N GLY H 130 10.06 -10.94 28.55
CA GLY H 130 10.95 -10.41 27.53
C GLY H 130 12.18 -11.28 27.26
N SER H 131 12.26 -12.44 27.89
CA SER H 131 13.42 -13.30 27.71
C SER H 131 13.22 -14.20 26.49
N VAL H 132 14.33 -14.45 25.80
CA VAL H 132 14.34 -15.25 24.58
C VAL H 132 15.32 -16.42 24.74
N MET H 133 14.90 -17.61 24.34
CA MET H 133 15.79 -18.74 24.23
C MET H 133 15.85 -19.19 22.78
N PHE H 134 17.07 -19.42 22.29
CA PHE H 134 17.30 -19.84 20.91
C PHE H 134 18.45 -20.87 20.89
N ILE H 135 18.18 -22.06 20.36
CA ILE H 135 19.12 -23.18 20.46
C ILE H 135 19.37 -23.84 19.11
N PRO H 136 20.16 -23.16 18.26
CA PRO H 136 20.51 -23.74 16.96
C PRO H 136 21.56 -24.87 17.03
N ALA H 137 21.31 -25.92 16.26
CA ALA H 137 22.27 -26.97 16.00
C ALA H 137 23.16 -26.57 14.82
N GLN H 138 24.46 -26.82 14.94
CA GLN H 138 25.43 -26.37 13.97
C GLN H 138 26.50 -27.42 13.69
N ARG H 139 27.05 -27.35 12.48
CA ARG H 139 28.30 -28.01 12.16
C ARG H 139 29.33 -26.96 11.80
N LEU H 140 30.47 -27.02 12.48
CA LEU H 140 31.54 -26.04 12.34
C LEU H 140 32.87 -26.75 11.95
N SER H 141 33.53 -26.25 10.92
CA SER H 141 34.94 -26.56 10.65
C SER H 141 35.78 -25.42 11.20
N PHE H 142 36.78 -25.73 12.02
CA PHE H 142 37.65 -24.72 12.59
C PHE H 142 39.11 -25.17 12.68
N MET H 143 39.99 -24.21 12.97
CA MET H 143 41.43 -24.41 12.97
C MET H 143 41.88 -25.18 14.19
N CYS H 144 42.48 -26.33 13.94
CA CYS H 144 42.93 -27.22 15.00
C CYS H 144 43.92 -28.24 14.44
N ASP H 145 45.07 -28.38 15.11
CA ASP H 145 46.08 -29.37 14.73
C ASP H 145 45.79 -30.68 15.46
N PRO H 146 45.35 -31.71 14.73
CA PRO H 146 45.03 -33.00 15.34
C PRO H 146 46.23 -33.98 15.49
N THR H 147 47.46 -33.55 15.17
CA THR H 147 48.65 -34.38 15.38
C THR H 147 48.76 -34.86 16.84
N GLY H 148 48.85 -36.18 17.01
CA GLY H 148 48.88 -36.79 18.35
C GLY H 148 47.53 -37.26 18.86
N VAL H 149 46.49 -37.13 18.05
CA VAL H 149 45.15 -37.54 18.46
C VAL H 149 45.08 -39.04 18.72
N ASP H 150 45.93 -39.80 18.03
CA ASP H 150 46.02 -41.25 18.22
C ASP H 150 46.87 -41.73 19.41
N SER H 151 47.24 -40.85 20.33
CA SER H 151 47.97 -41.22 21.53
C SER H 151 47.07 -41.19 22.75
N GLU H 152 47.60 -41.59 23.91
CA GLU H 152 46.83 -41.62 25.16
C GLU H 152 46.55 -40.18 25.67
N GLU H 153 47.49 -39.25 25.45
CA GLU H 153 47.31 -37.89 25.91
C GLU H 153 46.31 -37.06 25.07
N GLY H 154 46.17 -37.44 23.80
CA GLY H 154 45.27 -36.74 22.89
C GLY H 154 45.76 -35.36 22.49
N VAL H 155 44.84 -34.52 22.05
CA VAL H 155 45.14 -33.15 21.63
C VAL H 155 44.11 -32.21 22.22
N THR H 156 44.51 -30.95 22.30
CA THR H 156 43.65 -29.91 22.81
C THR H 156 43.43 -28.92 21.70
N CYS H 157 42.18 -28.52 21.50
CA CYS H 157 41.85 -27.46 20.57
CA CYS H 157 41.85 -27.47 20.55
C CYS H 157 40.87 -26.49 21.18
N ALA H 158 40.81 -25.30 20.60
CA ALA H 158 40.04 -24.21 21.14
C ALA H 158 39.45 -23.34 20.04
N VAL H 159 38.25 -22.83 20.30
CA VAL H 159 37.63 -21.89 19.40
C VAL H 159 36.81 -20.86 20.21
N LYS H 160 36.98 -19.59 19.86
CA LYS H 160 36.27 -18.50 20.53
C LYS H 160 34.95 -18.17 19.83
N PHE H 161 33.90 -18.01 20.62
CA PHE H 161 32.60 -17.56 20.11
C PHE H 161 32.30 -16.20 20.72
N GLY H 162 32.00 -15.22 19.88
N GLY H 162 31.99 -15.22 19.88
CA GLY H 162 31.57 -13.91 20.34
CA GLY H 162 31.57 -13.91 20.34
C GLY H 162 30.90 -13.11 19.26
C GLY H 162 30.90 -13.11 19.26
N SER H 163 30.40 -11.94 19.63
CA SER H 163 29.86 -11.01 18.66
C SER H 163 30.95 -10.57 17.73
N TRP H 164 30.63 -10.49 16.44
CA TRP H 164 31.56 -9.98 15.45
C TRP H 164 31.66 -8.46 15.47
N VAL H 165 30.53 -7.77 15.68
CA VAL H 165 30.49 -6.31 15.52
C VAL H 165 30.16 -5.48 16.75
N TYR H 166 29.71 -6.12 17.83
CA TYR H 166 29.41 -5.41 19.07
C TYR H 166 30.49 -5.66 20.10
N SER H 167 31.06 -4.59 20.63
CA SER H 167 32.03 -4.67 21.72
C SER H 167 31.35 -4.98 23.04
N GLY H 168 32.17 -5.14 24.07
CA GLY H 168 31.70 -5.31 25.45
C GLY H 168 30.79 -4.20 25.99
N PHE H 169 30.87 -3.01 25.42
CA PHE H 169 29.96 -1.90 25.78
C PHE H 169 28.51 -2.10 25.33
N GLU H 170 28.26 -2.96 24.34
CA GLU H 170 26.88 -3.25 23.90
C GLU H 170 26.44 -4.69 24.18
N ILE H 171 27.35 -5.66 24.04
CA ILE H 171 27.04 -7.06 24.31
C ILE H 171 28.09 -7.66 25.22
N ASP H 172 27.65 -8.11 26.39
CA ASP H 172 28.44 -8.90 27.29
C ASP H 172 27.98 -10.36 27.18
N LEU H 173 28.85 -11.30 27.50
CA LEU H 173 28.50 -12.72 27.49
C LEU H 173 28.75 -13.32 28.83
N LYS H 174 28.04 -14.37 29.15
CA LYS H 174 28.35 -15.20 30.30
C LYS H 174 27.94 -16.63 30.05
N THR H 175 28.41 -17.53 30.91
CA THR H 175 27.98 -18.91 30.92
C THR H 175 27.34 -19.18 32.28
N ASP H 176 26.47 -20.19 32.35
CA ASP H 176 25.96 -20.66 33.64
C ASP H 176 26.90 -21.64 34.33
N THR H 177 27.67 -22.36 33.54
CA THR H 177 28.66 -23.31 34.04
C THR H 177 29.85 -23.26 33.10
N ASP H 178 31.01 -23.65 33.61
CA ASP H 178 32.17 -23.82 32.74
C ASP H 178 32.31 -25.21 32.11
N GLN H 179 31.42 -26.14 32.47
CA GLN H 179 31.41 -27.49 31.89
C GLN H 179 30.51 -27.53 30.68
N VAL H 180 31.07 -27.93 29.54
CA VAL H 180 30.30 -28.20 28.35
C VAL H 180 29.45 -29.43 28.62
N ASP H 181 28.21 -29.42 28.13
CA ASP H 181 27.34 -30.57 28.29
C ASP H 181 27.76 -31.70 27.34
N LEU H 182 28.17 -32.83 27.92
CA LEU H 182 28.58 -34.00 27.16
C LEU H 182 27.62 -35.17 27.27
N SER H 183 26.44 -34.95 27.83
CA SER H 183 25.52 -36.06 28.09
C SER H 183 24.80 -36.57 26.83
N SER H 184 24.85 -35.82 25.73
CA SER H 184 24.39 -36.32 24.42
C SER H 184 25.54 -36.66 23.46
N TYR H 185 26.77 -36.77 23.95
CA TYR H 185 27.90 -37.00 23.04
C TYR H 185 27.75 -38.40 22.44
N TYR H 186 27.90 -38.49 21.12
CA TYR H 186 27.73 -39.76 20.42
C TYR H 186 28.72 -40.83 20.94
N ALA H 187 28.15 -41.89 21.51
CA ALA H 187 28.94 -42.94 22.16
C ALA H 187 29.84 -43.75 21.21
N SER H 188 29.50 -43.82 19.92
CA SER H 188 30.37 -44.49 18.95
C SER H 188 31.12 -43.54 18.03
N SER H 189 31.35 -42.31 18.47
CA SER H 189 32.23 -41.42 17.73
C SER H 189 33.61 -42.06 17.57
N LYS H 190 34.31 -41.68 16.52
CA LYS H 190 35.72 -42.02 16.40
C LYS H 190 36.56 -41.41 17.50
N TYR H 191 36.12 -40.30 18.10
CA TYR H 191 36.89 -39.60 19.12
C TYR H 191 36.15 -39.58 20.44
N GLU H 192 36.88 -39.79 21.54
CA GLU H 192 36.33 -39.58 22.87
C GLU H 192 36.82 -38.26 23.44
N ILE H 193 35.97 -37.66 24.26
CA ILE H 193 36.24 -36.38 24.88
C ILE H 193 36.84 -36.66 26.24
N LEU H 194 38.00 -36.07 26.50
CA LEU H 194 38.64 -36.15 27.80
C LEU H 194 38.19 -35.01 28.68
N SER H 195 38.05 -33.81 28.11
CA SER H 195 37.42 -32.69 28.79
C SER H 195 36.93 -31.63 27.80
N ALA H 196 36.01 -30.82 28.28
CA ALA H 196 35.41 -29.78 27.46
C ALA H 196 34.89 -28.67 28.35
N THR H 197 35.49 -27.50 28.22
CA THR H 197 35.15 -26.34 29.01
C THR H 197 34.73 -25.15 28.12
N GLN H 198 33.98 -24.24 28.75
CA GLN H 198 33.48 -23.03 28.11
C GLN H 198 33.68 -21.87 29.07
N THR H 199 34.50 -20.89 28.69
CA THR H 199 34.96 -19.87 29.62
C THR H 199 34.91 -18.48 28.99
N ARG H 200 34.35 -17.52 29.73
CA ARG H 200 34.33 -16.12 29.32
C ARG H 200 35.75 -15.54 29.29
N GLN H 201 36.07 -14.78 28.23
CA GLN H 201 37.33 -14.03 28.12
C GLN H 201 37.10 -12.65 27.55
N VAL H 202 38.06 -11.77 27.77
CA VAL H 202 38.09 -10.43 27.19
C VAL H 202 39.26 -10.34 26.23
N GLN H 203 39.05 -9.78 25.04
CA GLN H 203 40.09 -9.66 24.00
C GLN H 203 40.15 -8.24 23.48
N HIS H 204 41.31 -7.86 22.97
CA HIS H 204 41.49 -6.60 22.22
C HIS H 204 41.99 -6.94 20.82
N TYR H 205 41.50 -6.21 19.82
CA TYR H 205 41.84 -6.44 18.42
C TYR H 205 42.38 -5.16 17.80
N SER H 206 43.12 -5.30 16.70
CA SER H 206 43.79 -4.19 16.02
C SER H 206 42.87 -3.07 15.54
N CYS H 207 41.69 -3.41 15.01
CA CYS H 207 40.77 -2.39 14.44
C CYS H 207 40.27 -1.32 15.42
N CYS H 208 40.23 -1.65 16.72
CA CYS H 208 39.25 -1.07 17.63
C CYS H 208 39.81 -1.00 19.04
N PRO H 209 39.68 0.15 19.73
CA PRO H 209 40.18 0.21 21.13
C PRO H 209 39.32 -0.52 22.17
N GLU H 210 38.06 -0.81 21.84
CA GLU H 210 37.09 -1.32 22.83
C GLU H 210 37.29 -2.83 23.07
N PRO H 211 37.11 -3.29 24.32
CA PRO H 211 37.20 -4.72 24.58
C PRO H 211 36.04 -5.53 23.96
N TYR H 212 36.36 -6.73 23.48
CA TYR H 212 35.37 -7.64 22.94
C TYR H 212 35.30 -8.84 23.89
N ILE H 213 34.09 -9.39 24.06
CA ILE H 213 33.92 -10.51 24.95
C ILE H 213 33.69 -11.77 24.11
N ASP H 214 34.28 -12.88 24.52
CA ASP H 214 33.97 -14.18 23.90
C ASP H 214 33.85 -15.28 24.94
N VAL H 215 33.30 -16.41 24.51
CA VAL H 215 33.34 -17.64 25.27
C VAL H 215 34.27 -18.59 24.53
N ASN H 216 35.30 -19.06 25.23
CA ASN H 216 36.32 -19.93 24.66
C ASN H 216 35.96 -21.38 24.94
N LEU H 217 35.70 -22.13 23.87
CA LEU H 217 35.38 -23.54 23.95
C LEU H 217 36.67 -24.33 23.79
N VAL H 218 37.10 -25.01 24.83
CA VAL H 218 38.35 -25.78 24.85
C VAL H 218 38.01 -27.26 24.96
N VAL H 219 38.40 -28.06 23.97
CA VAL H 219 38.09 -29.48 23.95
C VAL H 219 39.37 -30.31 23.85
N LYS H 220 39.50 -31.27 24.76
CA LYS H 220 40.60 -32.20 24.75
C LYS H 220 40.05 -33.56 24.36
N PHE H 221 40.61 -34.17 23.33
CA PHE H 221 40.08 -35.41 22.78
C PHE H 221 41.15 -36.32 22.21
N ARG H 222 40.79 -37.58 21.99
CA ARG H 222 41.67 -38.57 21.39
C ARG H 222 40.88 -39.64 20.69
N GLU H 223 41.55 -40.42 19.84
CA GLU H 223 40.88 -41.53 19.16
C GLU H 223 40.34 -42.56 20.14
N ARG H 224 39.11 -43.04 19.92
CA ARG H 224 38.53 -44.10 20.73
C ARG H 224 39.13 -45.44 20.33
N GLN I 20 16.51 2.67 22.62
CA GLN I 20 15.89 2.16 21.39
C GLN I 20 15.22 3.29 20.61
N ALA I 21 14.42 4.11 21.29
CA ALA I 21 13.56 5.12 20.64
C ALA I 21 14.34 6.07 19.75
N ASN I 22 15.41 6.64 20.30
CA ASN I 22 16.24 7.56 19.54
C ASN I 22 16.92 6.91 18.34
N LEU I 23 17.43 5.68 18.52
CA LEU I 23 18.06 4.95 17.43
C LEU I 23 17.04 4.56 16.34
N MET I 24 15.87 4.07 16.73
CA MET I 24 14.79 3.78 15.75
C MET I 24 14.43 5.00 14.92
N ARG I 25 14.39 6.14 15.58
CA ARG I 25 14.08 7.41 14.94
C ARG I 25 15.20 7.84 13.99
N LEU I 26 16.46 7.74 14.45
CA LEU I 26 17.61 7.99 13.58
C LEU I 26 17.64 7.09 12.34
N LYS I 27 17.40 5.81 12.52
CA LYS I 27 17.45 4.88 11.39
C LYS I 27 16.31 5.14 10.42
N SER I 28 15.14 5.41 10.95
CA SER I 28 14.01 5.83 10.13
C SER I 28 14.31 7.12 9.34
N ASP I 29 14.93 8.10 9.98
CA ASP I 29 15.32 9.33 9.27
C ASP I 29 16.39 9.11 8.18
N LEU I 30 17.38 8.25 8.43
CA LEU I 30 18.40 8.00 7.42
C LEU I 30 17.93 7.13 6.26
N PHE I 31 17.08 6.14 6.51
CA PHE I 31 16.79 5.11 5.48
C PHE I 31 15.39 5.10 4.87
N ASN I 32 14.37 5.56 5.61
CA ASN I 32 12.99 5.57 5.06
C ASN I 32 12.64 6.84 4.31
N ARG I 33 13.40 7.92 4.51
CA ARG I 33 13.01 9.23 3.95
C ARG I 33 13.60 9.60 2.60
N SER I 34 14.58 8.86 2.11
CA SER I 34 15.21 9.15 0.82
C SER I 34 15.31 7.86 0.01
N PRO I 35 15.58 7.97 -1.33
CA PRO I 35 16.04 6.76 -2.06
C PRO I 35 17.44 6.38 -1.60
N MET I 36 17.80 5.10 -1.74
CA MET I 36 19.14 4.64 -1.30
C MET I 36 20.23 5.43 -2.07
N TYR I 37 21.37 5.63 -1.40
CA TYR I 37 22.54 6.19 -2.06
C TYR I 37 22.85 5.36 -3.34
N PRO I 38 23.00 6.00 -4.51
CA PRO I 38 23.18 5.29 -5.76
C PRO I 38 24.65 4.94 -6.10
N GLY I 39 25.55 5.14 -5.15
CA GLY I 39 26.96 4.87 -5.34
C GLY I 39 27.70 6.09 -5.84
N PRO I 40 29.04 6.01 -5.87
CA PRO I 40 29.86 7.14 -6.27
C PRO I 40 29.82 7.40 -7.76
N THR I 41 30.25 8.60 -8.13
CA THR I 41 30.26 9.07 -9.53
C THR I 41 31.55 9.85 -9.79
N LYS I 42 31.77 10.27 -11.03
CA LYS I 42 32.89 11.15 -11.39
C LYS I 42 32.86 12.47 -10.62
N ASP I 43 31.66 13.00 -10.34
CA ASP I 43 31.51 14.26 -9.60
C ASP I 43 31.58 14.10 -8.08
N ASP I 44 31.16 12.95 -7.57
CA ASP I 44 31.27 12.62 -6.12
C ASP I 44 32.06 11.33 -5.91
N PRO I 45 33.37 11.35 -6.19
CA PRO I 45 34.17 10.14 -6.01
C PRO I 45 34.38 9.79 -4.55
N LEU I 46 34.92 8.62 -4.32
CA LEU I 46 34.99 8.02 -3.00
C LEU I 46 36.32 7.30 -2.86
N THR I 47 36.94 7.40 -1.69
CA THR I 47 38.13 6.66 -1.36
C THR I 47 37.82 5.61 -0.31
N VAL I 48 38.12 4.35 -0.64
CA VAL I 48 37.94 3.24 0.29
C VAL I 48 39.31 2.84 0.84
N THR I 49 39.42 2.78 2.16
CA THR I 49 40.65 2.31 2.77
C THR I 49 40.51 0.82 3.05
N LEU I 50 41.50 0.03 2.62
CA LEU I 50 41.51 -1.43 2.79
C LEU I 50 42.68 -1.86 3.66
N GLY I 51 42.45 -2.88 4.46
CA GLY I 51 43.54 -3.54 5.20
C GLY I 51 43.20 -4.99 5.45
N PHE I 52 44.20 -5.88 5.34
CA PHE I 52 43.98 -7.31 5.50
C PHE I 52 44.58 -7.81 6.80
N THR I 53 43.87 -8.75 7.42
CA THR I 53 44.35 -9.50 8.56
C THR I 53 44.29 -10.98 8.15
N LEU I 54 45.45 -11.60 8.00
CA LEU I 54 45.53 -12.95 7.49
C LEU I 54 45.48 -13.93 8.67
N GLN I 55 44.50 -14.82 8.66
CA GLN I 55 44.29 -15.78 9.76
CA GLN I 55 44.29 -15.78 9.76
C GLN I 55 44.92 -17.15 9.47
N ASP I 56 44.82 -17.64 8.23
CA ASP I 56 45.29 -18.97 7.93
C ASP I 56 45.43 -19.20 6.44
N ILE I 57 46.50 -19.88 6.05
CA ILE I 57 46.56 -20.54 4.76
C ILE I 57 46.13 -21.95 5.04
N VAL I 58 44.94 -22.32 4.59
CA VAL I 58 44.30 -23.55 5.01
C VAL I 58 44.82 -24.71 4.18
N LYS I 59 44.82 -24.56 2.86
CA LYS I 59 45.41 -25.56 1.99
C LYS I 59 45.90 -25.08 0.66
N VAL I 60 46.77 -25.90 0.07
CA VAL I 60 47.26 -25.69 -1.28
C VAL I 60 46.89 -26.92 -2.08
N ASP I 61 46.58 -26.74 -3.35
CA ASP I 61 46.29 -27.87 -4.24
C ASP I 61 47.30 -27.77 -5.37
N SER I 62 48.30 -28.65 -5.33
CA SER I 62 49.36 -28.61 -6.34
C SER I 62 48.94 -29.25 -7.67
N SER I 63 47.83 -29.97 -7.70
CA SER I 63 47.35 -30.48 -8.98
C SER I 63 46.51 -29.45 -9.78
N THR I 64 45.98 -28.41 -9.12
CA THR I 64 45.20 -27.36 -9.81
C THR I 64 45.76 -25.95 -9.68
N ASN I 65 46.82 -25.77 -8.88
CA ASN I 65 47.39 -24.46 -8.57
C ASN I 65 46.36 -23.48 -7.98
N GLU I 66 45.71 -23.94 -6.91
CA GLU I 66 44.77 -23.15 -6.12
C GLU I 66 45.26 -23.12 -4.68
N VAL I 67 45.22 -21.96 -4.04
CA VAL I 67 45.49 -21.84 -2.61
C VAL I 67 44.29 -21.22 -1.90
N ASP I 68 44.02 -21.66 -0.67
CA ASP I 68 42.87 -21.20 0.13
C ASP I 68 43.32 -20.39 1.35
N LEU I 69 42.87 -19.13 1.43
CA LEU I 69 43.14 -18.24 2.56
C LEU I 69 41.90 -17.93 3.35
N VAL I 70 42.06 -17.81 4.66
CA VAL I 70 41.05 -17.27 5.53
C VAL I 70 41.61 -15.96 6.07
N TYR I 71 40.85 -14.89 5.92
CA TYR I 71 41.29 -13.56 6.33
C TYR I 71 40.08 -12.70 6.65
N TYR I 72 40.33 -11.55 7.28
CA TYR I 72 39.33 -10.51 7.21
C TYR I 72 39.86 -9.21 6.67
N GLU I 73 38.95 -8.49 6.04
CA GLU I 73 39.24 -7.36 5.21
C GLU I 73 38.54 -6.13 5.79
N GLN I 74 39.31 -5.25 6.40
CA GLN I 74 38.79 -3.98 6.92
C GLN I 74 38.52 -3.01 5.76
N GLN I 75 37.28 -2.54 5.63
CA GLN I 75 36.91 -1.55 4.62
C GLN I 75 36.37 -0.28 5.33
N ARG I 76 36.86 0.89 4.92
CA ARG I 76 36.41 2.17 5.46
C ARG I 76 36.13 3.16 4.36
N TRP I 77 35.00 3.85 4.46
CA TRP I 77 34.67 4.94 3.56
C TRP I 77 33.76 5.94 4.29
N LYS I 78 33.42 7.04 3.63
CA LYS I 78 32.69 8.16 4.25
C LYS I 78 31.71 8.80 3.26
N LEU I 79 30.43 8.87 3.64
CA LEU I 79 29.39 9.52 2.82
C LEU I 79 28.74 10.68 3.57
N ASN I 80 28.52 11.80 2.88
CA ASN I 80 27.73 12.92 3.43
C ASN I 80 26.30 12.53 3.80
N SER I 81 25.68 11.69 2.98
CA SER I 81 24.29 11.26 3.22
C SER I 81 24.08 10.36 4.44
N LEU I 82 25.13 9.96 5.15
CA LEU I 82 24.98 9.22 6.41
C LEU I 82 25.34 10.08 7.61
N MET I 83 25.53 11.38 7.41
CA MET I 83 25.81 12.29 8.53
C MET I 83 24.54 12.58 9.36
N TRP I 84 24.72 12.74 10.65
CA TRP I 84 23.69 13.28 11.52
C TRP I 84 24.32 14.05 12.67
N ASP I 85 23.51 14.88 13.30
CA ASP I 85 23.90 15.65 14.49
C ASP I 85 23.49 14.83 15.71
N PRO I 86 24.46 14.39 16.53
CA PRO I 86 24.12 13.60 17.72
C PRO I 86 23.13 14.25 18.70
N ASN I 87 23.15 15.58 18.84
CA ASN I 87 22.21 16.28 19.75
C ASN I 87 20.74 16.05 19.46
N GLU I 88 20.41 15.84 18.18
CA GLU I 88 19.05 15.64 17.73
C GLU I 88 18.58 14.20 17.88
N TYR I 89 19.47 13.31 18.33
CA TYR I 89 19.16 11.89 18.46
C TYR I 89 19.77 11.27 19.72
N GLY I 90 19.60 11.97 20.83
CA GLY I 90 19.98 11.42 22.14
C GLY I 90 21.47 11.19 22.34
N ASN I 91 22.31 11.95 21.64
CA ASN I 91 23.78 11.79 21.63
C ASN I 91 24.30 10.45 21.09
N ILE I 92 23.55 9.83 20.18
CA ILE I 92 24.04 8.63 19.50
C ILE I 92 25.17 9.04 18.54
N THR I 93 26.36 8.47 18.75
CA THR I 93 27.53 8.76 17.92
C THR I 93 27.78 7.74 16.79
N ASP I 94 27.25 6.53 16.97
CA ASP I 94 27.32 5.49 15.94
C ASP I 94 26.27 4.41 16.13
N PHE I 95 26.11 3.57 15.13
CA PHE I 95 25.23 2.42 15.25
C PHE I 95 25.62 1.30 14.28
N ARG I 96 25.14 0.11 14.60
CA ARG I 96 25.32 -1.08 13.81
C ARG I 96 24.12 -1.23 12.91
N THR I 97 24.36 -1.55 11.65
CA THR I 97 23.26 -1.89 10.76
C THR I 97 23.69 -2.95 9.75
N SER I 98 22.75 -3.80 9.37
CA SER I 98 22.93 -4.75 8.30
C SER I 98 23.55 -4.09 7.04
N ALA I 99 24.54 -4.76 6.46
CA ALA I 99 25.17 -4.30 5.23
C ALA I 99 24.22 -4.24 4.03
N ALA I 100 23.13 -4.99 4.07
CA ALA I 100 22.05 -4.83 3.07
C ALA I 100 21.34 -3.45 3.09
N ASP I 101 21.33 -2.75 4.24
CA ASP I 101 20.66 -1.43 4.36
C ASP I 101 21.46 -0.27 3.75
N ILE I 102 22.75 -0.47 3.49
CA ILE I 102 23.60 0.60 2.98
C ILE I 102 24.30 0.16 1.72
N TRP I 103 24.84 1.11 0.99
CA TRP I 103 25.75 0.81 -0.11
C TRP I 103 27.08 0.31 0.47
N THR I 104 27.66 -0.69 -0.18
CA THR I 104 29.01 -1.16 0.14
C THR I 104 29.81 -1.25 -1.14
N PRO I 105 31.12 -1.02 -1.05
CA PRO I 105 31.93 -1.11 -2.26
C PRO I 105 32.05 -2.58 -2.76
N ASP I 106 32.09 -2.74 -4.07
CA ASP I 106 32.15 -4.04 -4.77
C ASP I 106 33.61 -4.57 -4.92
N ILE I 107 34.32 -4.66 -3.80
CA ILE I 107 35.71 -5.07 -3.79
C ILE I 107 35.75 -6.57 -4.10
N THR I 108 36.56 -6.95 -5.08
CA THR I 108 36.56 -8.28 -5.67
C THR I 108 37.99 -8.76 -5.81
N ALA I 109 38.22 -10.05 -5.52
CA ALA I 109 39.52 -10.66 -5.81
C ALA I 109 39.59 -10.91 -7.30
N TYR I 110 40.68 -10.54 -7.94
CA TYR I 110 40.80 -10.62 -9.42
C TYR I 110 41.26 -11.99 -9.96
N SER I 111 41.70 -12.90 -9.10
CA SER I 111 42.16 -14.20 -9.57
C SER I 111 41.58 -15.32 -8.72
N SER I 112 40.33 -15.14 -8.26
CA SER I 112 39.65 -16.18 -7.52
C SER I 112 39.26 -17.32 -8.47
N THR I 113 39.10 -18.52 -7.91
CA THR I 113 38.67 -19.68 -8.69
C THR I 113 37.36 -20.27 -8.19
N ARG I 114 36.82 -19.71 -7.10
CA ARG I 114 35.53 -20.14 -6.54
C ARG I 114 34.90 -18.90 -5.95
N PRO I 115 33.56 -18.92 -5.80
CA PRO I 115 32.95 -17.84 -5.03
C PRO I 115 33.53 -17.75 -3.61
N VAL I 116 33.73 -16.52 -3.15
CA VAL I 116 34.27 -16.26 -1.82
C VAL I 116 33.22 -16.71 -0.81
N GLN I 117 33.65 -17.37 0.25
CA GLN I 117 32.74 -17.79 1.31
C GLN I 117 32.75 -16.77 2.43
N VAL I 118 31.56 -16.43 2.92
CA VAL I 118 31.41 -15.41 3.94
C VAL I 118 31.43 -16.10 5.30
N LEU I 119 32.31 -15.66 6.20
CA LEU I 119 32.50 -16.33 7.48
C LEU I 119 32.09 -15.48 8.68
N SER I 120 31.48 -14.33 8.44
CA SER I 120 31.06 -13.45 9.50
C SER I 120 29.72 -12.79 9.14
N PRO I 121 29.01 -12.25 10.14
CA PRO I 121 27.79 -11.50 9.88
C PRO I 121 28.09 -10.29 9.03
N GLN I 122 27.15 -9.90 8.18
CA GLN I 122 27.36 -8.79 7.25
C GLN I 122 26.69 -7.57 7.87
N ILE I 123 27.40 -6.96 8.79
CA ILE I 123 26.92 -5.86 9.59
C ILE I 123 28.03 -4.83 9.62
N ALA I 124 27.70 -3.59 9.31
CA ALA I 124 28.65 -2.49 9.36
C ALA I 124 28.33 -1.55 10.52
N VAL I 125 29.30 -0.70 10.84
CA VAL I 125 29.13 0.33 11.85
C VAL I 125 29.24 1.69 11.18
N VAL I 126 28.20 2.50 11.36
CA VAL I 126 28.12 3.84 10.79
C VAL I 126 28.31 4.85 11.92
N THR I 127 29.15 5.84 11.68
CA THR I 127 29.47 6.88 12.66
C THR I 127 28.88 8.23 12.19
N HIS I 128 28.59 9.12 13.15
CA HIS I 128 27.84 10.39 12.91
C HIS I 128 28.43 11.33 11.87
N ASP I 129 29.74 11.27 11.68
CA ASP I 129 30.40 12.00 10.58
C ASP I 129 30.20 11.39 9.18
N GLY I 130 29.42 10.31 9.06
CA GLY I 130 29.18 9.67 7.79
C GLY I 130 30.18 8.56 7.44
N SER I 131 31.08 8.23 8.36
CA SER I 131 32.08 7.21 8.08
C SER I 131 31.52 5.82 8.40
N VAL I 132 31.93 4.84 7.60
CA VAL I 132 31.47 3.47 7.73
C VAL I 132 32.67 2.54 7.88
N MET I 133 32.59 1.61 8.82
CA MET I 133 33.54 0.53 8.90
C MET I 133 32.83 -0.80 8.68
N PHE I 134 33.42 -1.65 7.84
CA PHE I 134 32.85 -2.95 7.52
C PHE I 134 34.00 -3.98 7.40
N ILE I 135 33.94 -5.04 8.20
CA ILE I 135 35.06 -5.98 8.32
C ILE I 135 34.59 -7.43 8.15
N PRO I 136 34.32 -7.82 6.89
CA PRO I 136 33.93 -9.20 6.62
C PRO I 136 35.09 -10.21 6.68
N ALA I 137 34.82 -11.35 7.30
CA ALA I 137 35.71 -12.50 7.26
C ALA I 137 35.38 -13.34 6.03
N GLN I 138 36.41 -13.82 5.34
CA GLN I 138 36.26 -14.51 4.09
C GLN I 138 37.19 -15.71 3.96
N ARG I 139 36.75 -16.69 3.17
CA ARG I 139 37.62 -17.72 2.65
C ARG I 139 37.67 -17.62 1.14
N LEU I 140 38.88 -17.54 0.60
CA LEU I 140 39.12 -17.34 -0.81
C LEU I 140 40.01 -18.48 -1.36
N SER I 141 39.58 -19.08 -2.46
CA SER I 141 40.46 -19.90 -3.31
C SER I 141 40.93 -19.03 -4.47
N PHE I 142 42.24 -18.97 -4.70
CA PHE I 142 42.78 -18.19 -5.79
C PHE I 142 43.98 -18.87 -6.48
N MET I 143 44.37 -18.32 -7.61
CA MET I 143 45.38 -18.90 -8.48
C MET I 143 46.77 -18.69 -7.91
N CYS I 144 47.46 -19.80 -7.65
CA CYS I 144 48.76 -19.78 -7.03
C CYS I 144 49.46 -21.13 -7.21
N ASP I 145 50.69 -21.10 -7.69
CA ASP I 145 51.49 -22.32 -7.86
C ASP I 145 52.27 -22.59 -6.57
N PRO I 146 51.89 -23.64 -5.82
CA PRO I 146 52.56 -23.94 -4.56
C PRO I 146 53.80 -24.86 -4.69
N THR I 147 54.24 -25.19 -5.90
CA THR I 147 55.50 -25.94 -6.11
C THR I 147 56.68 -25.29 -5.40
N GLY I 148 57.35 -26.05 -4.53
CA GLY I 148 58.46 -25.54 -3.72
C GLY I 148 58.08 -25.07 -2.33
N VAL I 149 56.81 -25.21 -1.96
CA VAL I 149 56.34 -24.77 -0.66
C VAL I 149 57.03 -25.54 0.47
N ASP I 150 57.42 -26.78 0.18
CA ASP I 150 58.16 -27.62 1.15
C ASP I 150 59.67 -27.38 1.25
N SER I 151 60.18 -26.29 0.70
CA SER I 151 61.60 -25.93 0.80
C SER I 151 61.79 -24.77 1.77
N GLU I 152 63.04 -24.41 2.03
CA GLU I 152 63.36 -23.31 2.94
C GLU I 152 62.98 -21.94 2.35
N GLU I 153 63.09 -21.79 1.03
CA GLU I 153 62.77 -20.53 0.39
C GLU I 153 61.26 -20.27 0.27
N GLY I 154 60.47 -21.33 0.22
CA GLY I 154 59.02 -21.22 0.10
C GLY I 154 58.56 -20.75 -1.27
N VAL I 155 57.35 -20.22 -1.33
CA VAL I 155 56.76 -19.71 -2.56
C VAL I 155 56.10 -18.38 -2.31
N THR I 156 55.93 -17.63 -3.38
CA THR I 156 55.30 -16.32 -3.32
C THR I 156 54.07 -16.37 -4.17
N CYS I 157 52.97 -15.86 -3.63
CA CYS I 157 51.74 -15.71 -4.40
C CYS I 157 51.12 -14.35 -4.18
N ALA I 158 50.25 -13.98 -5.10
CA ALA I 158 49.69 -12.64 -5.13
C ALA I 158 48.26 -12.66 -5.64
N VAL I 159 47.45 -11.77 -5.08
CA VAL I 159 46.10 -11.59 -5.56
C VAL I 159 45.70 -10.11 -5.43
N LYS I 160 45.08 -9.57 -6.48
CA LYS I 160 44.64 -8.18 -6.49
C LYS I 160 43.19 -8.06 -6.01
N PHE I 161 42.95 -7.08 -5.16
CA PHE I 161 41.59 -6.74 -4.73
C PHE I 161 41.27 -5.34 -5.21
N GLY I 162 40.15 -5.20 -5.91
CA GLY I 162 39.66 -3.90 -6.32
C GLY I 162 38.22 -3.93 -6.72
N SER I 163 37.67 -2.76 -7.02
CA SER I 163 36.33 -2.67 -7.56
C SER I 163 36.28 -3.38 -8.90
N TRP I 164 35.21 -4.12 -9.13
CA TRP I 164 34.99 -4.77 -10.41
C TRP I 164 34.47 -3.80 -11.46
N VAL I 165 33.61 -2.87 -11.08
CA VAL I 165 32.92 -2.02 -12.06
C VAL I 165 33.16 -0.53 -12.00
N TYR I 166 33.81 -0.04 -10.94
CA TYR I 166 34.15 1.37 -10.82
C TYR I 166 35.62 1.60 -11.07
N SER I 167 35.91 2.50 -12.01
CA SER I 167 37.29 2.90 -12.29
C SER I 167 37.82 3.83 -11.20
N GLY I 168 39.08 4.20 -11.33
CA GLY I 168 39.73 5.20 -10.49
C GLY I 168 39.06 6.57 -10.43
N PHE I 169 38.28 6.92 -11.46
CA PHE I 169 37.50 8.16 -11.43
C PHE I 169 36.34 8.17 -10.44
N GLU I 170 35.85 7.00 -10.01
CA GLU I 170 34.77 6.92 -9.00
C GLU I 170 35.22 6.33 -7.67
N ILE I 171 36.10 5.33 -7.70
CA ILE I 171 36.60 4.70 -6.47
C ILE I 171 38.11 4.64 -6.52
N ASP I 172 38.74 5.31 -5.56
CA ASP I 172 40.15 5.18 -5.30
C ASP I 172 40.33 4.31 -4.05
N LEU I 173 41.47 3.64 -3.94
CA LEU I 173 41.78 2.82 -2.77
C LEU I 173 43.05 3.30 -2.13
N LYS I 174 43.18 3.07 -0.85
CA LYS I 174 44.45 3.24 -0.17
C LYS I 174 44.57 2.25 0.98
N THR I 175 45.79 2.13 1.49
CA THR I 175 46.05 1.38 2.70
C THR I 175 46.60 2.34 3.75
N ASP I 176 46.47 1.99 5.02
CA ASP I 176 47.15 2.73 6.10
C ASP I 176 48.59 2.29 6.30
N THR I 177 48.86 1.03 5.99
CA THR I 177 50.20 0.47 6.08
C THR I 177 50.35 -0.52 4.94
N ASP I 178 51.58 -0.78 4.54
CA ASP I 178 51.87 -1.84 3.58
C ASP I 178 52.09 -3.23 4.21
N GLN I 179 52.10 -3.31 5.55
CA GLN I 179 52.22 -4.58 6.25
C GLN I 179 50.85 -5.17 6.53
N VAL I 180 50.65 -6.40 6.06
CA VAL I 180 49.46 -7.18 6.40
C VAL I 180 49.55 -7.50 7.89
N ASP I 181 48.42 -7.45 8.58
CA ASP I 181 48.39 -7.80 9.99
C ASP I 181 48.48 -9.33 10.16
N LEU I 182 49.56 -9.78 10.81
CA LEU I 182 49.78 -11.19 11.06
C LEU I 182 49.65 -11.58 12.54
N SER I 183 49.14 -10.68 13.36
CA SER I 183 49.12 -10.93 14.80
C SER I 183 48.01 -11.90 15.24
N SER I 184 47.06 -12.21 14.37
CA SER I 184 46.09 -13.29 14.61
C SER I 184 46.36 -14.54 13.75
N TYR I 185 47.54 -14.66 13.14
CA TYR I 185 47.79 -15.79 12.25
C TYR I 185 47.82 -17.06 13.08
N TYR I 186 47.11 -18.09 12.64
CA TYR I 186 47.03 -19.35 13.37
C TYR I 186 48.43 -19.98 13.57
N ALA I 187 48.84 -20.09 14.83
CA ALA I 187 50.17 -20.55 15.21
C ALA I 187 50.46 -22.01 14.84
N SER I 188 49.45 -22.86 14.70
CA SER I 188 49.65 -24.23 14.24
C SER I 188 49.18 -24.51 12.83
N SER I 189 49.15 -23.47 11.99
CA SER I 189 48.91 -23.69 10.58
C SER I 189 49.95 -24.65 10.01
N LYS I 190 49.58 -25.37 8.95
CA LYS I 190 50.57 -26.10 8.16
C LYS I 190 51.59 -25.20 7.52
N TYR I 191 51.26 -23.93 7.27
CA TYR I 191 52.17 -23.01 6.58
C TYR I 191 52.54 -21.84 7.47
N GLU I 192 53.80 -21.45 7.45
CA GLU I 192 54.24 -20.23 8.11
C GLU I 192 54.44 -19.12 7.07
N ILE I 193 54.20 -17.89 7.52
CA ILE I 193 54.28 -16.73 6.68
C ILE I 193 55.66 -16.13 6.84
N LEU I 194 56.35 -15.94 5.73
CA LEU I 194 57.65 -15.29 5.73
C LEU I 194 57.48 -13.79 5.54
N SER I 195 56.55 -13.39 4.68
CA SER I 195 56.17 -12.00 4.58
C SER I 195 54.79 -11.83 3.93
N ALA I 196 54.19 -10.68 4.18
CA ALA I 196 52.86 -10.40 3.67
C ALA I 196 52.67 -8.90 3.57
N THR I 197 52.52 -8.43 2.33
CA THR I 197 52.36 -7.03 2.05
C THR I 197 51.07 -6.73 1.29
N GLN I 198 50.63 -5.48 1.39
CA GLN I 198 49.42 -4.99 0.74
C GLN I 198 49.74 -3.62 0.14
N THR I 199 49.67 -3.50 -1.19
CA THR I 199 50.17 -2.34 -1.89
C THR I 199 49.21 -1.86 -2.96
N ARG I 200 48.95 -0.55 -2.96
CA ARG I 200 48.13 0.09 -4.00
C ARG I 200 48.80 0.01 -5.37
N GLN I 201 48.05 -0.31 -6.41
CA GLN I 201 48.52 -0.30 -7.81
C GLN I 201 47.46 0.28 -8.72
N VAL I 202 47.90 0.70 -9.90
CA VAL I 202 47.02 1.17 -10.97
C VAL I 202 47.14 0.19 -12.14
N GLN I 203 46.01 -0.20 -12.72
CA GLN I 203 45.98 -1.16 -13.84
C GLN I 203 45.14 -0.62 -14.98
N HIS I 204 45.39 -1.10 -16.19
CA HIS I 204 44.54 -0.86 -17.35
C HIS I 204 44.10 -2.21 -17.90
N TYR I 205 42.85 -2.28 -18.34
CA TYR I 205 42.25 -3.51 -18.86
C TYR I 205 41.71 -3.25 -20.28
N SER I 206 41.56 -4.33 -21.05
CA SER I 206 41.19 -4.26 -22.47
C SER I 206 39.86 -3.58 -22.77
N CYS I 207 38.84 -3.82 -21.94
CA CYS I 207 37.50 -3.27 -22.20
C CYS I 207 37.40 -1.73 -22.24
N CYS I 208 38.30 -1.05 -21.55
CA CYS I 208 38.00 0.26 -20.96
C CYS I 208 39.27 1.12 -20.93
N PRO I 209 39.18 2.39 -21.35
CA PRO I 209 40.38 3.26 -21.28
C PRO I 209 40.76 3.76 -19.88
N GLU I 210 39.84 3.70 -18.93
CA GLU I 210 40.02 4.33 -17.61
C GLU I 210 40.89 3.47 -16.70
N PRO I 211 41.75 4.09 -15.88
CA PRO I 211 42.54 3.32 -14.92
C PRO I 211 41.70 2.71 -13.78
N TYR I 212 42.05 1.51 -13.36
CA TYR I 212 41.43 0.82 -12.24
C TYR I 212 42.44 0.75 -11.11
N ILE I 213 41.98 0.86 -9.88
CA ILE I 213 42.86 0.81 -8.73
C ILE I 213 42.65 -0.52 -8.02
N ASP I 214 43.74 -1.14 -7.57
CA ASP I 214 43.64 -2.31 -6.71
C ASP I 214 44.65 -2.27 -5.58
N VAL I 215 44.45 -3.13 -4.59
CA VAL I 215 45.44 -3.41 -3.58
C VAL I 215 45.94 -4.83 -3.83
N ASN I 216 47.25 -4.97 -4.00
CA ASN I 216 47.89 -6.25 -4.32
C ASN I 216 48.39 -6.88 -3.03
N LEU I 217 47.82 -8.03 -2.69
CA LEU I 217 48.18 -8.79 -1.51
C LEU I 217 49.24 -9.82 -1.94
N VAL I 218 50.46 -9.67 -1.45
CA VAL I 218 51.58 -10.56 -1.79
C VAL I 218 51.99 -11.32 -0.55
N VAL I 219 51.90 -12.66 -0.60
CA VAL I 219 52.22 -13.50 0.55
C VAL I 219 53.32 -14.50 0.19
N LYS I 220 54.36 -14.54 1.01
CA LYS I 220 55.42 -15.49 0.87
C LYS I 220 55.33 -16.47 2.03
N PHE I 221 55.27 -17.76 1.72
CA PHE I 221 55.05 -18.77 2.75
C PHE I 221 55.73 -20.09 2.43
N ARG I 222 55.83 -20.94 3.46
CA ARG I 222 56.38 -22.29 3.31
C ARG I 222 55.81 -23.21 4.34
N GLU I 223 55.98 -24.52 4.16
CA GLU I 223 55.55 -25.50 5.14
C GLU I 223 56.22 -25.30 6.50
N ARG I 224 55.46 -25.38 7.58
CA ARG I 224 56.00 -25.33 8.94
C ARG I 224 56.65 -26.67 9.28
N GLN J 20 24.82 13.01 -6.18
CA GLN J 20 23.84 11.98 -5.75
C GLN J 20 22.45 12.34 -6.24
N ALA J 21 22.03 13.58 -6.00
CA ALA J 21 20.64 14.02 -6.26
C ALA J 21 20.20 13.78 -7.69
N ASN J 22 21.02 14.20 -8.64
CA ASN J 22 20.71 14.02 -10.06
C ASN J 22 20.65 12.54 -10.47
N LEU J 23 21.59 11.73 -9.96
CA LEU J 23 21.59 10.30 -10.23
C LEU J 23 20.38 9.58 -9.61
N MET J 24 20.06 9.90 -8.36
CA MET J 24 18.85 9.36 -7.70
C MET J 24 17.58 9.66 -8.51
N ARG J 25 17.53 10.87 -9.03
CA ARG J 25 16.40 11.33 -9.84
C ARG J 25 16.35 10.59 -11.18
N LEU J 26 17.50 10.47 -11.85
CA LEU J 26 17.60 9.68 -13.08
C LEU J 26 17.18 8.22 -12.89
N LYS J 27 17.66 7.59 -11.83
CA LYS J 27 17.33 6.18 -11.59
C LYS J 27 15.87 6.01 -11.26
N SER J 28 15.33 6.92 -10.45
CA SER J 28 13.91 6.93 -10.18
C SER J 28 13.07 7.11 -11.47
N ASP J 29 13.50 8.02 -12.36
CA ASP J 29 12.79 8.17 -13.64
C ASP J 29 12.89 6.95 -14.56
N LEU J 30 14.04 6.27 -14.62
CA LEU J 30 14.16 5.08 -15.46
C LEU J 30 13.45 3.85 -14.91
N PHE J 31 13.44 3.65 -13.60
CA PHE J 31 13.02 2.36 -13.03
C PHE J 31 11.72 2.34 -12.22
N ASN J 32 11.34 3.45 -11.58
CA ASN J 32 10.11 3.48 -10.78
C ASN J 32 8.87 3.86 -11.58
N ARG J 33 9.04 4.45 -12.77
CA ARG J 33 7.91 5.02 -13.53
C ARG J 33 7.27 4.09 -14.56
N SER J 34 7.90 2.97 -14.89
CA SER J 34 7.39 2.06 -15.91
C SER J 34 7.45 0.62 -15.39
N PRO J 35 6.72 -0.33 -16.04
CA PRO J 35 7.03 -1.76 -15.80
C PRO J 35 8.40 -2.10 -16.40
N MET J 36 9.07 -3.11 -15.86
CA MET J 36 10.40 -3.51 -16.36
C MET J 36 10.31 -3.86 -17.87
N TYR J 37 11.40 -3.60 -18.59
CA TYR J 37 11.53 -4.05 -19.98
C TYR J 37 11.25 -5.58 -20.04
N PRO J 38 10.34 -6.02 -20.92
CA PRO J 38 9.94 -7.42 -20.97
C PRO J 38 10.83 -8.31 -21.87
N GLY J 39 11.94 -7.77 -22.34
CA GLY J 39 12.85 -8.50 -23.22
C GLY J 39 12.52 -8.28 -24.68
N PRO J 40 13.40 -8.74 -25.56
CA PRO J 40 13.24 -8.53 -26.98
C PRO J 40 12.16 -9.40 -27.58
N THR J 41 11.71 -9.02 -28.79
CA THR J 41 10.65 -9.71 -29.52
C THR J 41 11.00 -9.75 -31.01
N LYS J 42 10.19 -10.43 -31.81
CA LYS J 42 10.36 -10.42 -33.27
C LYS J 42 10.29 -9.02 -33.88
N ASP J 43 9.48 -8.13 -33.31
CA ASP J 43 9.35 -6.75 -33.78
C ASP J 43 10.42 -5.80 -33.26
N ASP J 44 10.94 -6.07 -32.05
CA ASP J 44 12.06 -5.30 -31.48
C ASP J 44 13.23 -6.22 -31.12
N PRO J 45 13.92 -6.77 -32.14
CA PRO J 45 15.04 -7.66 -31.87
C PRO J 45 16.26 -6.93 -31.31
N LEU J 46 17.23 -7.70 -30.89
CA LEU J 46 18.37 -7.19 -30.14
C LEU J 46 19.61 -7.94 -30.57
N THR J 47 20.71 -7.23 -30.72
CA THR J 47 22.01 -7.83 -30.97
C THR J 47 22.89 -7.68 -29.74
N VAL J 48 23.38 -8.80 -29.22
CA VAL J 48 24.30 -8.82 -28.09
C VAL J 48 25.71 -9.08 -28.61
N THR J 49 26.66 -8.23 -28.24
CA THR J 49 28.04 -8.45 -28.59
C THR J 49 28.72 -9.18 -27.42
N LEU J 50 29.41 -10.29 -27.74
CA LEU J 50 30.10 -11.11 -26.74
C LEU J 50 31.58 -11.13 -26.99
N GLY J 51 32.34 -11.18 -25.90
CA GLY J 51 33.79 -11.41 -25.97
C GLY J 51 34.26 -12.12 -24.71
N PHE J 52 35.20 -13.05 -24.86
CA PHE J 52 35.71 -13.80 -23.72
C PHE J 52 37.12 -13.39 -23.38
N THR J 53 37.41 -13.37 -22.08
CA THR J 53 38.74 -13.18 -21.53
C THR J 53 39.02 -14.42 -20.67
N LEU J 54 39.93 -15.27 -21.12
CA LEU J 54 40.20 -16.53 -20.45
C LEU J 54 41.29 -16.31 -19.40
N GLN J 55 40.98 -16.62 -18.14
CA GLN J 55 41.91 -16.42 -17.02
CA GLN J 55 41.91 -16.41 -17.03
C GLN J 55 42.68 -17.68 -16.65
N ASP J 56 42.01 -18.84 -16.66
CA ASP J 56 42.64 -20.06 -16.20
C ASP J 56 41.89 -21.29 -16.62
N ILE J 57 42.63 -22.32 -17.04
CA ILE J 57 42.11 -23.68 -17.09
C ILE J 57 42.56 -24.26 -15.77
N VAL J 58 41.62 -24.48 -14.86
CA VAL J 58 41.94 -24.82 -13.49
C VAL J 58 42.22 -26.30 -13.36
N LYS J 59 41.33 -27.13 -13.89
CA LYS J 59 41.58 -28.55 -13.96
C LYS J 59 40.88 -29.30 -15.07
N VAL J 60 41.38 -30.49 -15.33
CA VAL J 60 40.77 -31.44 -16.23
C VAL J 60 40.51 -32.70 -15.42
N ASP J 61 39.41 -33.38 -15.72
CA ASP J 61 39.13 -34.68 -15.11
C ASP J 61 39.04 -35.68 -16.25
N SER J 62 40.08 -36.50 -16.39
CA SER J 62 40.14 -37.48 -17.47
C SER J 62 39.27 -38.70 -17.20
N SER J 63 38.79 -38.90 -15.99
CA SER J 63 37.87 -40.02 -15.75
C SER J 63 36.40 -39.66 -16.08
N THR J 64 36.05 -38.36 -16.16
CA THR J 64 34.69 -37.93 -16.51
C THR J 64 34.59 -37.07 -17.77
N ASN J 65 35.73 -36.71 -18.35
CA ASN J 65 35.79 -35.78 -19.50
C ASN J 65 35.09 -34.44 -19.23
N GLU J 66 35.51 -33.81 -18.13
CA GLU J 66 35.05 -32.48 -17.72
C GLU J 66 36.29 -31.58 -17.58
N VAL J 67 36.21 -30.37 -18.10
CA VAL J 67 37.26 -29.36 -17.90
C VAL J 67 36.66 -28.11 -17.25
N ASP J 68 37.42 -27.47 -16.38
CA ASP J 68 37.00 -26.28 -15.62
C ASP J 68 37.74 -25.02 -16.06
N LEU J 69 37.01 -24.01 -16.53
CA LEU J 69 37.55 -22.71 -16.93
C LEU J 69 37.10 -21.61 -16.02
N VAL J 70 37.97 -20.65 -15.79
CA VAL J 70 37.65 -19.40 -15.18
C VAL J 70 37.86 -18.33 -16.23
N TYR J 71 36.84 -17.52 -16.47
CA TYR J 71 36.87 -16.50 -17.51
C TYR J 71 35.94 -15.36 -17.15
N TYR J 72 36.04 -14.26 -17.88
CA TYR J 72 34.94 -13.34 -17.90
C TYR J 72 34.45 -13.02 -19.28
N GLU J 73 33.16 -12.70 -19.32
CA GLU J 73 32.39 -12.63 -20.52
C GLU J 73 31.84 -11.21 -20.66
N GLN J 74 32.40 -10.44 -21.57
CA GLN J 74 31.91 -9.11 -21.90
C GLN J 74 30.62 -9.18 -22.71
N GLN J 75 29.54 -8.60 -22.20
CA GLN J 75 28.25 -8.54 -22.92
C GLN J 75 27.86 -7.08 -23.16
N ARG J 76 27.46 -6.74 -24.38
CA ARG J 76 27.00 -5.41 -24.74
C ARG J 76 25.71 -5.47 -25.55
N TRP J 77 24.76 -4.62 -25.18
CA TRP J 77 23.54 -4.45 -25.94
C TRP J 77 22.99 -3.03 -25.74
N LYS J 78 21.91 -2.68 -26.43
CA LYS J 78 21.39 -1.31 -26.48
C LYS J 78 19.85 -1.30 -26.52
N LEU J 79 19.23 -0.60 -25.58
CA LEU J 79 17.77 -0.44 -25.52
C LEU J 79 17.36 1.04 -25.60
N ASN J 80 16.33 1.34 -26.40
CA ASN J 80 15.73 2.69 -26.41
C ASN J 80 15.17 3.12 -25.06
N SER J 81 14.57 2.18 -24.32
CA SER J 81 13.99 2.50 -23.01
C SER J 81 14.99 2.85 -21.90
N LEU J 82 16.29 2.77 -22.14
CA LEU J 82 17.29 3.23 -21.18
C LEU J 82 17.96 4.51 -21.62
N MET J 83 17.45 5.16 -22.67
CA MET J 83 17.98 6.45 -23.11
C MET J 83 17.59 7.59 -22.17
N TRP J 84 18.47 8.56 -22.01
CA TRP J 84 18.15 9.82 -21.39
C TRP J 84 19.00 10.94 -21.98
N ASP J 85 18.55 12.18 -21.77
CA ASP J 85 19.27 13.38 -22.17
C ASP J 85 20.11 13.82 -20.99
N PRO J 86 21.45 13.82 -21.13
CA PRO J 86 22.32 14.25 -20.01
C PRO J 86 22.05 15.65 -19.44
N ASN J 87 21.64 16.60 -20.28
CA ASN J 87 21.33 17.98 -19.81
C ASN J 87 20.27 18.07 -18.72
N GLU J 88 19.31 17.15 -18.75
CA GLU J 88 18.21 17.10 -17.81
C GLU J 88 18.57 16.41 -16.50
N TYR J 89 19.79 15.89 -16.39
CA TYR J 89 20.24 15.15 -15.22
C TYR J 89 21.68 15.46 -14.86
N GLY J 90 22.03 16.73 -14.87
CA GLY J 90 23.35 17.18 -14.38
C GLY J 90 24.53 16.72 -15.20
N ASN J 91 24.32 16.47 -16.49
CA ASN J 91 25.34 15.90 -17.40
C ASN J 91 25.86 14.51 -17.04
N ILE J 92 25.02 13.69 -16.40
CA ILE J 92 25.36 12.29 -16.17
C ILE J 92 25.32 11.54 -17.51
N THR J 93 26.45 10.96 -17.91
CA THR J 93 26.56 10.22 -19.18
C THR J 93 26.40 8.71 -19.02
N ASP J 94 26.66 8.20 -17.81
CA ASP J 94 26.45 6.79 -17.49
C ASP J 94 26.33 6.55 -16.00
N PHE J 95 25.90 5.35 -15.63
CA PHE J 95 25.88 4.96 -14.23
C PHE J 95 25.94 3.45 -14.05
N ARG J 96 26.30 3.06 -12.84
CA ARG J 96 26.38 1.68 -12.43
C ARG J 96 25.09 1.31 -11.77
N THR J 97 24.55 0.15 -12.10
CA THR J 97 23.40 -0.36 -11.39
C THR J 97 23.44 -1.89 -11.31
N SER J 98 22.91 -2.41 -10.22
CA SER J 98 22.71 -3.83 -10.04
C SER J 98 22.04 -4.48 -11.27
N ALA J 99 22.58 -5.61 -11.71
CA ALA J 99 22.00 -6.36 -12.83
C ALA J 99 20.61 -6.91 -12.55
N ALA J 100 20.21 -7.02 -11.29
CA ALA J 100 18.80 -7.29 -10.95
C ALA J 100 17.80 -6.17 -11.35
N ASP J 101 18.25 -4.92 -11.47
CA ASP J 101 17.37 -3.78 -11.86
C ASP J 101 17.04 -3.74 -13.35
N ILE J 102 17.81 -4.44 -14.19
CA ILE J 102 17.61 -4.39 -15.64
C ILE J 102 17.46 -5.78 -16.20
N TRP J 103 16.97 -5.87 -17.42
CA TRP J 103 16.99 -7.11 -18.16
C TRP J 103 18.43 -7.43 -18.57
N THR J 104 18.81 -8.70 -18.53
CA THR J 104 20.08 -9.16 -19.08
C THR J 104 19.85 -10.36 -19.96
N PRO J 105 20.67 -10.53 -20.99
CA PRO J 105 20.47 -11.68 -21.87
C PRO J 105 20.81 -13.01 -21.16
N ASP J 106 20.05 -14.05 -21.50
CA ASP J 106 20.17 -15.41 -20.89
C ASP J 106 21.23 -16.30 -21.59
N ILE J 107 22.45 -15.78 -21.68
CA ILE J 107 23.52 -16.46 -22.42
C ILE J 107 23.97 -17.67 -21.58
N THR J 108 24.00 -18.83 -22.20
CA THR J 108 24.15 -20.12 -21.53
C THR J 108 25.17 -20.97 -22.25
N ALA J 109 26.02 -21.68 -21.51
CA ALA J 109 26.93 -22.66 -22.08
C ALA J 109 26.12 -23.89 -22.44
N TYR J 110 26.29 -24.40 -23.65
CA TYR J 110 25.46 -25.52 -24.14
C TYR J 110 25.96 -26.93 -23.77
N SER J 111 27.13 -27.06 -23.19
CA SER J 111 27.66 -28.37 -22.81
C SER J 111 28.24 -28.34 -21.41
N SER J 112 27.61 -27.55 -20.54
CA SER J 112 28.03 -27.50 -19.15
C SER J 112 27.62 -28.78 -18.44
N THR J 113 28.34 -29.13 -17.37
CA THR J 113 28.00 -30.30 -16.56
C THR J 113 27.69 -29.94 -15.12
N ARG J 114 27.81 -28.66 -14.77
CA ARG J 114 27.46 -28.15 -13.44
C ARG J 114 26.91 -26.76 -13.59
N PRO J 115 26.15 -26.28 -12.60
CA PRO J 115 25.80 -24.85 -12.66
C PRO J 115 27.08 -23.97 -12.71
N VAL J 116 27.00 -22.91 -13.49
CA VAL J 116 28.06 -21.93 -13.58
C VAL J 116 28.18 -21.21 -12.24
N GLN J 117 29.40 -21.01 -11.75
CA GLN J 117 29.61 -20.26 -10.52
C GLN J 117 29.93 -18.82 -10.85
N VAL J 118 29.31 -17.90 -10.11
CA VAL J 118 29.50 -16.48 -10.31
C VAL J 118 30.66 -16.00 -9.44
N LEU J 119 31.64 -15.35 -10.04
CA LEU J 119 32.85 -14.95 -9.33
C LEU J 119 33.03 -13.43 -9.22
N SER J 120 32.03 -12.66 -9.61
CA SER J 120 32.12 -11.22 -9.56
C SER J 120 30.77 -10.61 -9.18
N PRO J 121 30.75 -9.35 -8.74
CA PRO J 121 29.50 -8.64 -8.49
C PRO J 121 28.69 -8.54 -9.77
N GLN J 122 27.37 -8.58 -9.65
CA GLN J 122 26.49 -8.54 -10.80
C GLN J 122 25.98 -7.12 -10.94
N ILE J 123 26.83 -6.30 -11.55
CA ILE J 123 26.58 -4.88 -11.70
C ILE J 123 26.93 -4.52 -13.12
N ALA J 124 26.03 -3.82 -13.81
CA ALA J 124 26.25 -3.35 -15.16
C ALA J 124 26.42 -1.84 -15.21
N VAL J 125 26.92 -1.35 -16.33
CA VAL J 125 27.05 0.06 -16.59
C VAL J 125 26.15 0.42 -17.75
N VAL J 126 25.26 1.40 -17.51
CA VAL J 126 24.30 1.87 -18.49
C VAL J 126 24.74 3.26 -18.95
N THR J 127 24.73 3.48 -20.25
CA THR J 127 25.16 4.73 -20.86
C THR J 127 23.96 5.46 -21.48
N HIS J 128 24.04 6.79 -21.58
CA HIS J 128 22.89 7.67 -21.96
C HIS J 128 22.23 7.37 -23.29
N ASP J 129 22.98 6.79 -24.22
CA ASP J 129 22.42 6.29 -25.49
C ASP J 129 21.63 4.99 -25.36
N GLY J 130 21.48 4.44 -24.16
CA GLY J 130 20.75 3.20 -23.96
C GLY J 130 21.62 1.94 -24.03
N SER J 131 22.93 2.11 -24.16
CA SER J 131 23.82 0.96 -24.26
C SER J 131 24.21 0.45 -22.87
N VAL J 132 24.36 -0.86 -22.76
CA VAL J 132 24.68 -1.53 -21.51
C VAL J 132 25.94 -2.37 -21.69
N MET J 133 26.85 -2.29 -20.73
CA MET J 133 27.95 -3.22 -20.64
C MET J 133 27.87 -4.01 -19.34
N PHE J 134 28.07 -5.33 -19.45
CA PHE J 134 27.98 -6.23 -18.30
C PHE J 134 29.04 -7.33 -18.45
N ILE J 135 29.93 -7.45 -17.45
CA ILE J 135 31.10 -8.31 -17.57
C ILE J 135 31.24 -9.25 -16.37
N PRO J 136 30.40 -10.29 -16.32
CA PRO J 136 30.49 -11.26 -15.22
C PRO J 136 31.68 -12.25 -15.36
N ALA J 137 32.34 -12.49 -14.24
CA ALA J 137 33.34 -13.53 -14.10
C ALA J 137 32.66 -14.84 -13.71
N GLN J 138 33.09 -15.93 -14.32
CA GLN J 138 32.46 -17.23 -14.18
C GLN J 138 33.47 -18.37 -14.07
N ARG J 139 33.04 -19.43 -13.39
CA ARG J 139 33.71 -20.72 -13.48
C ARG J 139 32.74 -21.72 -14.06
N LEU J 140 33.18 -22.41 -15.10
CA LEU J 140 32.38 -23.36 -15.86
C LEU J 140 33.06 -24.74 -15.91
N SER J 141 32.33 -25.79 -15.58
CA SER J 141 32.69 -27.17 -15.93
C SER J 141 31.93 -27.56 -17.19
N PHE J 142 32.64 -28.04 -18.20
CA PHE J 142 32.01 -28.45 -19.46
C PHE J 142 32.65 -29.72 -20.05
N MET J 143 31.97 -30.28 -21.06
CA MET J 143 32.33 -31.54 -21.67
C MET J 143 33.53 -31.39 -22.58
N CYS J 144 34.59 -32.10 -22.25
CA CYS J 144 35.84 -32.04 -23.00
C CYS J 144 36.72 -33.24 -22.65
N ASP J 145 37.22 -33.92 -23.67
CA ASP J 145 38.13 -35.05 -23.50
C ASP J 145 39.58 -34.54 -23.46
N PRO J 146 40.23 -34.58 -22.29
CA PRO J 146 41.59 -34.08 -22.16
C PRO J 146 42.70 -35.10 -22.50
N THR J 147 42.35 -36.30 -22.98
CA THR J 147 43.35 -37.28 -23.45
C THR J 147 44.35 -36.69 -24.44
N GLY J 148 45.64 -36.78 -24.11
CA GLY J 148 46.71 -36.20 -24.94
C GLY J 148 47.16 -34.81 -24.52
N VAL J 149 46.59 -34.30 -23.43
CA VAL J 149 46.94 -32.97 -22.95
C VAL J 149 48.41 -32.90 -22.54
N ASP J 150 48.98 -34.02 -22.12
CA ASP J 150 50.39 -34.11 -21.75
C ASP J 150 51.40 -34.28 -22.92
N SER J 151 50.97 -34.08 -24.15
CA SER J 151 51.85 -34.15 -25.31
C SER J 151 52.15 -32.75 -25.85
N GLU J 152 53.01 -32.66 -26.86
CA GLU J 152 53.37 -31.38 -27.46
C GLU J 152 52.23 -30.76 -28.29
N GLU J 153 51.41 -31.60 -28.91
CA GLU J 153 50.29 -31.12 -29.72
C GLU J 153 49.11 -30.63 -28.88
N GLY J 154 48.96 -31.17 -27.66
CA GLY J 154 47.85 -30.81 -26.80
C GLY J 154 46.51 -31.33 -27.26
N VAL J 155 45.45 -30.71 -26.79
CA VAL J 155 44.08 -31.07 -27.12
C VAL J 155 43.28 -29.83 -27.44
N THR J 156 42.20 -30.05 -28.17
CA THR J 156 41.28 -29.01 -28.51
C THR J 156 39.94 -29.30 -27.88
N CYS J 157 39.36 -28.28 -27.27
CA CYS J 157 38.00 -28.37 -26.77
CA CYS J 157 38.02 -28.32 -26.66
C CYS J 157 37.18 -27.16 -27.15
N ALA J 158 35.86 -27.34 -27.14
CA ALA J 158 34.94 -26.35 -27.59
C ALA J 158 33.67 -26.31 -26.76
N VAL J 159 33.13 -25.11 -26.60
CA VAL J 159 31.83 -24.95 -25.94
C VAL J 159 31.07 -23.78 -26.58
N LYS J 160 29.79 -24.00 -26.85
CA LYS J 160 28.94 -22.98 -27.44
C LYS J 160 28.22 -22.15 -26.37
N PHE J 161 28.21 -20.84 -26.56
CA PHE J 161 27.46 -19.93 -25.71
C PHE J 161 26.38 -19.26 -26.54
N GLY J 162 25.13 -19.34 -26.09
CA GLY J 162 24.05 -18.59 -26.68
C GLY J 162 22.84 -18.50 -25.81
N SER J 163 21.81 -17.81 -26.29
CA SER J 163 20.56 -17.72 -25.55
C SER J 163 19.94 -19.10 -25.47
N TRP J 164 19.40 -19.44 -24.31
CA TRP J 164 18.69 -20.69 -24.14
C TRP J 164 17.28 -20.65 -24.73
N VAL J 165 16.59 -19.52 -24.61
CA VAL J 165 15.18 -19.46 -24.99
C VAL J 165 14.80 -18.51 -26.12
N TYR J 166 15.71 -17.65 -26.55
CA TYR J 166 15.44 -16.74 -27.66
C TYR J 166 16.16 -17.20 -28.91
N SER J 167 15.40 -17.36 -29.99
CA SER J 167 15.97 -17.71 -31.30
C SER J 167 16.64 -16.49 -31.93
N GLY J 168 17.23 -16.71 -33.09
CA GLY J 168 17.81 -15.65 -33.92
C GLY J 168 16.85 -14.53 -34.32
N PHE J 169 15.54 -14.79 -34.33
CA PHE J 169 14.55 -13.75 -34.58
C PHE J 169 14.40 -12.71 -33.47
N GLU J 170 14.83 -13.03 -32.24
CA GLU J 170 14.80 -12.05 -31.13
C GLU J 170 16.18 -11.62 -30.65
N ILE J 171 17.14 -12.54 -30.63
CA ILE J 171 18.51 -12.24 -30.19
C ILE J 171 19.50 -12.75 -31.21
N ASP J 172 20.27 -11.84 -31.78
CA ASP J 172 21.42 -12.15 -32.60
C ASP J 172 22.67 -11.89 -31.77
N LEU J 173 23.78 -12.56 -32.09
CA LEU J 173 25.04 -12.35 -31.41
C LEU J 173 26.10 -11.95 -32.42
N LYS J 174 27.10 -11.23 -31.94
CA LYS J 174 28.30 -11.01 -32.72
C LYS J 174 29.50 -10.89 -31.82
N THR J 175 30.69 -10.96 -32.41
CA THR J 175 31.93 -10.68 -31.73
C THR J 175 32.59 -9.50 -32.42
N ASP J 176 33.44 -8.78 -31.70
CA ASP J 176 34.29 -7.74 -32.32
C ASP J 176 35.56 -8.32 -32.95
N THR J 177 36.03 -9.43 -32.40
CA THR J 177 37.19 -10.12 -32.92
C THR J 177 36.96 -11.62 -32.73
N ASP J 178 37.63 -12.41 -33.53
CA ASP J 178 37.63 -13.86 -33.32
C ASP J 178 38.73 -14.36 -32.36
N GLN J 179 39.60 -13.48 -31.89
CA GLN J 179 40.65 -13.84 -30.93
C GLN J 179 40.14 -13.62 -29.51
N VAL J 180 40.18 -14.69 -28.71
CA VAL J 180 39.90 -14.61 -27.29
C VAL J 180 41.01 -13.81 -26.64
N ASP J 181 40.66 -12.97 -25.67
CA ASP J 181 41.67 -12.21 -24.94
C ASP J 181 42.43 -13.13 -23.96
N LEU J 182 43.72 -13.28 -24.19
CA LEU J 182 44.60 -14.09 -23.36
C LEU J 182 45.59 -13.28 -22.54
N SER J 183 45.44 -11.96 -22.52
CA SER J 183 46.44 -11.11 -21.86
C SER J 183 46.35 -11.13 -20.33
N SER J 184 45.27 -11.66 -19.77
CA SER J 184 45.18 -11.93 -18.32
C SER J 184 45.33 -13.42 -17.96
N TYR J 185 45.78 -14.26 -18.89
CA TYR J 185 45.83 -15.70 -18.62
C TYR J 185 46.88 -15.95 -17.54
N TYR J 186 46.52 -16.72 -16.53
CA TYR J 186 47.42 -17.01 -15.41
C TYR J 186 48.73 -17.68 -15.89
N ALA J 187 49.84 -16.99 -15.70
CA ALA J 187 51.15 -17.44 -16.21
C ALA J 187 51.67 -18.72 -15.55
N SER J 188 51.23 -19.05 -14.34
CA SER J 188 51.62 -20.34 -13.72
C SER J 188 50.51 -21.36 -13.66
N SER J 189 49.55 -21.27 -14.58
CA SER J 189 48.57 -22.35 -14.73
C SER J 189 49.27 -23.69 -14.97
N LYS J 190 48.62 -24.77 -14.60
CA LYS J 190 49.04 -26.10 -15.06
C LYS J 190 48.99 -26.25 -16.55
N TYR J 191 48.12 -25.50 -17.24
CA TYR J 191 47.96 -25.64 -18.68
C TYR J 191 48.35 -24.35 -19.39
N GLU J 192 49.03 -24.45 -20.52
CA GLU J 192 49.26 -23.31 -21.40
C GLU J 192 48.30 -23.35 -22.57
N ILE J 193 47.93 -22.16 -23.03
CA ILE J 193 47.03 -22.00 -24.14
C ILE J 193 47.86 -21.84 -25.39
N LEU J 194 47.57 -22.67 -26.39
CA LEU J 194 48.23 -22.56 -27.68
C LEU J 194 47.41 -21.62 -28.57
N SER J 195 46.08 -21.74 -28.53
CA SER J 195 45.22 -20.78 -29.20
C SER J 195 43.80 -20.81 -28.62
N ALA J 196 43.06 -19.76 -28.89
CA ALA J 196 41.72 -19.57 -28.38
C ALA J 196 40.95 -18.63 -29.27
N THR J 197 39.89 -19.14 -29.88
CA THR J 197 39.04 -18.39 -30.78
C THR J 197 37.58 -18.38 -30.32
N GLN J 198 36.85 -17.38 -30.80
CA GLN J 198 35.43 -17.17 -30.51
C GLN J 198 34.73 -16.81 -31.81
N THR J 199 33.80 -17.63 -32.26
CA THR J 199 33.22 -17.51 -33.59
C THR J 199 31.71 -17.68 -33.57
N ARG J 200 31.01 -16.77 -34.24
CA ARG J 200 29.57 -16.83 -34.41
C ARG J 200 29.17 -18.05 -35.27
N GLN J 201 28.13 -18.78 -34.86
CA GLN J 201 27.55 -19.88 -35.64
C GLN J 201 26.04 -19.84 -35.57
N VAL J 202 25.40 -20.52 -36.51
CA VAL J 202 23.95 -20.73 -36.53
C VAL J 202 23.67 -22.21 -36.34
N GLN J 203 22.72 -22.55 -35.47
CA GLN J 203 22.38 -23.96 -35.18
C GLN J 203 20.87 -24.16 -35.31
N HIS J 204 20.48 -25.41 -35.59
CA HIS J 204 19.08 -25.84 -35.52
C HIS J 204 18.97 -26.98 -34.52
N TYR J 205 17.90 -26.99 -33.75
CA TYR J 205 17.65 -27.99 -32.71
C TYR J 205 16.31 -28.69 -32.96
N SER J 206 16.16 -29.89 -32.41
CA SER J 206 14.97 -30.73 -32.63
C SER J 206 13.65 -30.11 -32.19
N CYS J 207 13.63 -29.40 -31.07
CA CYS J 207 12.38 -28.82 -30.52
C CYS J 207 11.66 -27.81 -31.42
N CYS J 208 12.41 -27.14 -32.30
CA CYS J 208 12.08 -25.78 -32.73
C CYS J 208 12.56 -25.54 -34.16
N PRO J 209 11.70 -24.99 -35.04
CA PRO J 209 12.17 -24.74 -36.43
C PRO J 209 13.12 -23.54 -36.60
N GLU J 210 13.15 -22.63 -35.62
CA GLU J 210 13.85 -21.35 -35.77
C GLU J 210 15.35 -21.51 -35.54
N PRO J 211 16.18 -20.78 -36.29
CA PRO J 211 17.63 -20.82 -36.03
C PRO J 211 18.02 -20.17 -34.69
N TYR J 212 19.01 -20.76 -34.03
CA TYR J 212 19.57 -20.23 -32.80
C TYR J 212 21.00 -19.78 -33.11
N ILE J 213 21.43 -18.70 -32.48
CA ILE J 213 22.78 -18.19 -32.72
C ILE J 213 23.62 -18.49 -31.49
N ASP J 214 24.87 -18.89 -31.70
CA ASP J 214 25.82 -19.01 -30.61
C ASP J 214 27.20 -18.48 -30.98
N VAL J 215 28.02 -18.28 -29.97
CA VAL J 215 29.44 -18.05 -30.14
C VAL J 215 30.18 -19.29 -29.65
N ASN J 216 30.98 -19.88 -30.53
CA ASN J 216 31.71 -21.11 -30.23
C ASN J 216 33.12 -20.76 -29.76
N LEU J 217 33.40 -21.11 -28.50
CA LEU J 217 34.69 -20.86 -27.88
C LEU J 217 35.54 -22.13 -28.07
N VAL J 218 36.60 -22.04 -28.87
CA VAL J 218 37.48 -23.16 -29.16
C VAL J 218 38.84 -22.90 -28.56
N VAL J 219 39.29 -23.76 -27.66
CA VAL J 219 40.57 -23.59 -26.95
C VAL J 219 41.48 -24.80 -27.18
N LYS J 220 42.71 -24.52 -27.57
CA LYS J 220 43.72 -25.53 -27.76
C LYS J 220 44.77 -25.34 -26.67
N PHE J 221 45.02 -26.39 -25.90
CA PHE J 221 45.90 -26.29 -24.74
C PHE J 221 46.68 -27.56 -24.45
N ARG J 222 47.70 -27.43 -23.61
CA ARG J 222 48.50 -28.59 -23.18
C ARG J 222 49.11 -28.32 -21.82
N GLU J 223 49.59 -29.37 -21.17
CA GLU J 223 50.28 -29.22 -19.88
C GLU J 223 51.50 -28.35 -19.98
N ARG J 224 51.70 -27.45 -19.03
CA ARG J 224 52.94 -26.65 -18.94
C ARG J 224 54.04 -27.50 -18.36
F JCW K . -3.01 32.77 -11.33
C10 JCW K . -3.92 33.63 -11.81
C6 JCW K . -3.59 34.34 -12.95
C2 JCW K . -2.33 34.30 -13.73
N JCW K . -2.45 34.45 -15.07
C1 JCW K . -1.33 34.53 -15.79
C3 JCW K . -1.08 34.21 -13.10
C4 JCW K . 0.07 34.29 -13.88
C5 JCW K . 1.43 34.17 -13.24
O JCW K . 1.51 34.03 -12.01
N1 JCW K . 2.49 34.19 -14.02
C JCW K . -0.06 34.46 -15.25
N2 JCW K . -5.03 33.68 -11.13
C9 JCW K . -5.95 34.53 -11.59
C8 JCW K . -5.76 35.38 -12.66
C7 JCW K . -4.57 35.23 -13.35
C11 JCW K . -6.62 36.59 -12.98
C16 JCW K . -8.09 36.39 -12.69
C15 JCW K . -8.77 37.76 -12.59
C14 JCW K . -8.80 38.20 -14.05
N3 JCW K . -8.58 35.88 -13.99
C13 JCW K . -8.14 37.05 -14.78
C12 JCW K . -6.65 37.05 -14.47
C1 EDO L . -29.70 36.40 -5.97
O1 EDO L . -30.78 35.61 -5.44
C2 EDO L . -28.39 35.83 -5.48
O2 EDO L . -27.96 36.45 -4.26
C1 EDO M . -17.03 37.19 -9.35
O1 EDO M . -17.80 38.23 -9.95
C2 EDO M . -16.29 36.39 -10.41
O2 EDO M . -17.26 35.53 -11.04
C1 EDO N . -27.41 30.92 -6.58
O1 EDO N . -28.60 31.37 -5.88
C2 EDO N . -27.69 30.72 -8.07
O2 EDO N . -28.82 31.50 -8.45
C1 EDO O . -5.64 22.32 -13.01
O1 EDO O . -5.96 23.32 -13.97
C2 EDO O . -4.12 22.18 -12.92
O2 EDO O . -3.78 20.80 -12.85
C1 EDO P . 1.07 33.19 -18.81
O1 EDO P . -0.10 32.58 -19.32
C2 EDO P . 2.11 32.20 -18.34
O2 EDO P . 2.27 32.28 -16.92
C1 EDO Q . -7.45 20.94 -30.04
O1 EDO Q . -6.67 21.84 -29.23
C2 EDO Q . -8.92 20.89 -29.58
O2 EDO Q . -9.07 20.78 -28.14
C1 NAG R . -14.39 -5.47 -33.95
C2 NAG R . -15.18 -6.78 -33.79
C3 NAG R . -14.47 -7.82 -34.66
C4 NAG R . -14.56 -7.37 -36.12
C5 NAG R . -13.92 -5.98 -36.34
C6 NAG R . -14.30 -5.41 -37.71
C7 NAG R . -16.39 -6.98 -31.59
C8 NAG R . -17.64 -6.29 -32.09
N2 NAG R . -15.31 -7.18 -32.37
O3 NAG R . -15.04 -9.13 -34.45
O4 NAG R . -13.93 -8.34 -36.97
O5 NAG R . -14.29 -5.02 -35.33
O6 NAG R . -13.28 -4.54 -38.20
O7 NAG R . -16.37 -7.36 -30.42
F JCW S . -3.77 30.15 17.66
C10 JCW S . -4.30 31.37 17.48
C6 JCW S . -3.59 32.48 17.98
C2 JCW S . -2.23 32.49 18.57
N JCW S . -1.44 33.53 18.22
C1 JCW S . -0.23 33.61 18.78
C3 JCW S . -1.81 31.51 19.47
C4 JCW S . -0.54 31.62 20.04
C5 JCW S . -0.01 30.54 20.96
O JCW S . -0.77 29.67 21.40
N1 JCW S . 1.28 30.55 21.23
C JCW S . 0.24 32.71 19.71
N2 JCW S . -5.47 31.36 16.91
C9 JCW S . -6.08 32.56 16.84
C8 JCW S . -5.56 33.75 17.33
C7 JCW S . -4.29 33.68 17.89
C11 JCW S . -6.27 35.08 17.48
C16 JCW S . -7.54 35.26 16.63
C15 JCW S . -8.37 36.37 17.25
C14 JCW S . -7.52 37.61 16.96
N3 JCW S . -7.03 35.92 15.41
C13 JCW S . -6.37 37.04 16.13
C12 JCW S . -5.42 36.29 17.03
C1 EDO T . -26.93 38.22 4.58
O1 EDO T . -26.59 39.28 3.71
C2 EDO T . -25.75 38.02 5.51
O2 EDO T . -26.18 37.46 6.77
C1 EDO U . -14.12 36.88 11.60
O1 EDO U . -14.75 37.07 10.34
C2 EDO U . -15.16 36.97 12.69
O2 EDO U . -16.17 37.93 12.38
C1 EDO V . -22.66 35.40 2.38
O1 EDO V . -23.99 35.28 1.84
C2 EDO V . -21.87 36.37 1.53
O2 EDO V . -22.73 37.36 0.91
C1 EDO W . -0.74 24.42 7.97
O1 EDO W . 0.63 24.36 8.34
C2 EDO W . -1.38 25.63 8.63
O2 EDO W . -0.78 26.82 8.09
C1 EDO X . 4.35 33.40 18.01
O1 EDO X . 3.30 34.16 17.43
C2 EDO X . 4.01 32.82 19.38
O2 EDO X . 4.05 31.38 19.33
C1 EDO Y . 8.01 36.46 -0.08
O1 EDO Y . 7.03 35.49 0.31
C2 EDO Y . 9.31 36.19 0.69
O2 EDO Y . 9.13 36.48 2.09
C1 NAG Z . 15.48 24.75 -23.82
C2 NAG Z . 15.22 23.70 -24.90
C3 NAG Z . 16.59 23.09 -25.23
C4 NAG Z . 17.51 24.18 -25.81
C5 NAG Z . 17.44 25.55 -25.08
C6 NAG Z . 17.75 26.69 -26.08
C7 NAG Z . 13.04 22.43 -25.08
C8 NAG Z . 12.48 23.32 -26.16
N2 NAG Z . 14.27 22.64 -24.56
O3 NAG Z . 16.45 22.02 -26.16
O4 NAG Z . 18.84 23.67 -25.82
O5 NAG Z . 16.19 25.85 -24.43
O6 NAG Z . 18.44 27.75 -25.43
O7 NAG Z . 12.38 21.50 -24.67
F JCW AA . -23.36 9.44 24.18
C10 JCW AA . -23.99 10.52 24.68
C6 JCW AA . -24.12 10.63 26.03
C2 JCW AA . -23.60 9.72 27.08
N JCW AA . -23.20 10.32 28.21
C1 JCW AA . -22.77 9.54 29.22
C3 JCW AA . -23.59 8.33 26.92
C4 JCW AA . -23.14 7.53 27.98
C5 JCW AA . -23.14 6.04 27.89
O JCW AA . -23.66 5.48 26.91
N1 JCW AA . -22.59 5.37 28.89
C JCW AA . -22.74 8.16 29.15
N2 JCW AA . -24.46 11.33 23.76
C9 JCW AA . -25.14 12.38 24.22
C8 JCW AA . -25.41 12.64 25.56
C7 JCW AA . -24.85 11.73 26.44
C11 JCW AA . -26.34 13.68 26.13
C16 JCW AA . -26.58 14.91 25.28
C15 JCW AA . -27.91 15.54 25.71
C14 JCW AA . -27.57 16.05 27.12
N3 JCW AA . -25.63 15.89 25.83
C13 JCW AA . -26.09 15.78 27.23
C12 JCW AA . -25.87 14.30 27.48
C1 EDO BA . -32.08 32.52 12.37
O1 EDO BA . -32.46 33.35 11.26
C2 EDO BA . -31.81 31.12 11.84
O2 EDO BA . -33.03 30.38 11.73
C1 EDO CA . -28.41 21.78 20.56
O1 EDO CA . -27.69 22.99 20.28
C2 EDO CA . -29.82 21.87 19.99
O2 EDO CA . -30.57 22.95 20.59
C1 EDO DA . -26.23 31.09 12.02
O1 EDO DA . -26.93 32.31 12.37
C2 EDO DA . -26.99 30.31 10.93
O2 EDO DA . -27.99 31.11 10.25
C1 EDO EA . -13.97 11.72 20.48
O1 EDO EA . -14.07 12.96 19.78
C2 EDO EA . -13.74 10.55 19.54
O2 EDO EA . -12.38 10.10 19.67
C1 EDO FA . -19.01 7.99 31.68
O1 EDO FA . -19.56 9.27 31.37
C2 EDO FA . -20.07 6.90 31.65
O2 EDO FA . -19.78 5.90 30.64
C1 EDO GA . -4.99 19.84 30.64
O1 EDO GA . -6.06 20.15 29.72
C2 EDO GA . -5.42 19.57 32.09
O2 EDO GA . -5.94 18.24 32.31
C1 EDO HA . -14.87 23.60 18.11
O1 EDO HA . -15.15 24.34 16.93
C2 EDO HA . -16.11 23.42 19.01
O2 EDO HA . -16.88 24.64 19.16
C1 NAG IA . 19.27 25.91 20.23
C2 NAG IA . 20.30 26.28 19.16
C3 NAG IA . 21.06 27.55 19.57
C4 NAG IA . 20.14 28.59 20.21
C5 NAG IA . 19.43 28.08 21.47
C6 NAG IA . 18.05 28.76 21.62
C7 NAG IA . 20.88 24.13 18.00
C8 NAG IA . 21.88 23.00 17.91
N2 NAG IA . 21.15 25.10 18.89
O3 NAG IA . 21.69 28.12 18.41
O4 NAG IA . 20.85 29.78 20.59
O5 NAG IA . 19.41 26.63 21.48
O6 NAG IA . 17.57 28.76 22.96
O7 NAG IA . 19.88 24.13 17.29
F JCW JA . -34.61 -0.43 -0.71
C10 JCW JA . -35.70 0.11 -0.15
C6 JCW JA . -36.75 -0.73 0.34
C2 JCW JA . -36.82 -2.21 0.33
N JCW JA . -37.38 -2.79 1.44
C1 JCW JA . -37.57 -4.11 1.41
C3 JCW JA . -36.42 -2.96 -0.78
C4 JCW JA . -36.59 -4.34 -0.76
C5 JCW JA . -36.00 -5.19 -1.85
O JCW JA . -35.41 -4.64 -2.82
N1 JCW JA . -36.12 -6.51 -1.75
C JCW JA . -37.21 -4.92 0.34
N2 JCW JA . -35.70 1.42 -0.17
C9 JCW JA . -36.79 2.01 0.31
C8 JCW JA . -37.93 1.34 0.76
C7 JCW JA . -37.86 -0.04 0.81
C11 JCW JA . -39.29 1.96 0.99
C16 JCW JA . -39.32 3.45 1.23
C15 JCW JA . -40.75 3.93 1.00
C14 JCW JA . -41.49 3.40 2.24
N3 JCW JA . -39.22 3.50 2.71
C13 JCW JA . -40.41 2.66 2.98
C12 JCW JA . -40.05 1.41 2.22
C1 EDO KA . -38.33 24.86 5.33
O1 EDO KA . -38.88 24.92 4.02
C2 EDO KA . -39.31 25.51 6.29
O2 EDO KA . -38.84 26.83 6.57
C1 EDO LA . -39.24 11.55 3.75
O1 EDO LA . -38.96 12.56 4.73
C2 EDO LA . -39.68 12.20 2.45
O2 EDO LA . -40.67 13.21 2.71
C1 EDO MA . -34.22 23.13 7.30
O1 EDO MA . -34.60 24.51 7.14
C2 EDO MA . -34.70 22.47 8.60
O2 EDO MA . -35.50 23.36 9.42
C1 EDO NA . -25.07 -0.37 5.20
O1 EDO NA . -24.80 -1.76 5.45
C2 EDO NA . -26.57 -0.16 5.25
O2 EDO NA . -27.00 0.14 6.59
C1 EDO OA . -36.41 -8.30 1.96
O1 EDO OA . -35.03 -8.21 1.58
C2 EDO OA . -36.60 -8.37 3.48
O2 EDO OA . -36.88 -7.13 4.11
C1 EDO PA . -30.41 -6.55 19.77
O1 EDO PA . -31.66 -7.16 19.37
C2 EDO PA . -30.65 -5.21 20.50
O2 EDO PA . -30.20 -4.07 19.74
C1 NAG QA . -8.22 -3.62 36.76
C2 NAG QA . -6.90 -3.62 35.93
C3 NAG QA . -5.62 -3.19 36.68
C4 NAG QA . -5.71 -3.16 38.22
C5 NAG QA . -7.06 -2.73 38.83
C6 NAG QA . -6.95 -1.31 39.42
C7 NAG QA . -5.90 -5.12 34.13
C8 NAG QA . -4.94 -4.08 33.59
N2 NAG QA . -6.73 -4.88 35.18
O3 NAG QA . -5.25 -1.89 36.21
O4 NAG QA . -5.35 -4.46 38.73
O5 NAG QA . -8.18 -2.75 37.92
O6 NAG QA . -8.09 -1.01 40.22
O7 NAG QA . -5.89 -6.22 33.61
F JCW RA . -22.05 13.82 -22.57
C10 JCW RA . -23.32 14.26 -22.67
C6 JCW RA . -24.08 13.89 -23.80
C2 JCW RA . -23.70 12.97 -24.90
N JCW RA . -24.69 12.21 -25.38
C1 JCW RA . -24.44 11.47 -26.47
C3 JCW RA . -22.42 12.98 -25.47
C4 JCW RA . -22.17 12.18 -26.59
C5 JCW RA . -20.79 12.04 -27.18
O JCW RA . -19.93 12.89 -26.92
N1 JCW RA . -20.55 10.97 -27.93
C JCW RA . -23.23 11.44 -27.11
N2 JCW RA . -23.70 15.05 -21.70
C9 JCW RA . -24.92 15.58 -21.81
C8 JCW RA . -25.78 15.37 -22.87
C7 JCW RA . -25.33 14.49 -23.85
C11 JCW RA . -27.07 16.12 -23.16
C16 JCW RA . -27.71 16.83 -21.95
C15 JCW RA . -28.63 17.95 -22.49
C14 JCW RA . -29.78 17.15 -23.11
N3 JCW RA . -28.70 15.85 -21.49
C13 JCW RA . -29.39 15.71 -22.79
C12 JCW RA . -28.24 15.28 -23.70
C1 EDO SA . -37.87 28.27 -4.65
O1 EDO SA . -38.62 29.30 -5.37
C2 EDO SA . -36.78 27.65 -5.51
O2 EDO SA . -35.71 28.60 -5.71
C1 EDO TA . -31.82 21.82 -16.15
O1 EDO TA . -32.81 22.64 -15.47
C2 EDO TA . -31.68 20.45 -15.54
O2 EDO TA . -32.75 20.29 -14.61
C1 EDO UA . -34.59 23.25 -3.29
O1 EDO UA . -35.02 24.47 -2.64
C2 EDO UA . -35.74 22.29 -3.57
O2 EDO UA . -37.05 22.90 -3.45
C1 EDO VA . -19.60 6.39 -14.53
O1 EDO VA . -19.44 5.12 -15.15
C2 EDO VA . -20.79 7.11 -15.16
O2 EDO VA . -21.99 6.41 -14.87
C1 EDO WA . -24.05 6.85 -27.98
O1 EDO WA . -24.75 7.57 -26.96
C2 EDO WA . -23.04 7.74 -28.67
O2 EDO WA . -21.77 7.66 -28.04
C1 EDO XA . -32.95 -4.60 -16.48
O1 EDO XA . -31.87 -3.71 -16.12
C2 EDO XA . -32.62 -5.49 -17.69
O2 EDO XA . -32.24 -4.68 -18.83
C1 NAG YA . -29.51 -23.26 3.54
C2 NAG YA . -29.35 -23.41 5.07
C3 NAG YA . -29.54 -24.86 5.58
C4 NAG YA . -29.84 -25.95 4.52
C5 NAG YA . -30.38 -25.49 3.15
C6 NAG YA . -31.65 -26.26 2.80
C7 NAG YA . -27.89 -21.82 6.36
C8 NAG YA . -26.47 -21.46 6.71
N2 NAG YA . -28.05 -22.88 5.54
O3 NAG YA . -30.58 -24.90 6.58
O4 NAG YA . -28.64 -26.71 4.32
O5 NAG YA . -30.62 -24.07 3.09
O6 NAG YA . -32.11 -25.85 1.51
O7 NAG YA . -28.81 -21.16 6.80
F JCW ZA . 0.46 -35.13 -0.97
C10 JCW ZA . 1.11 -36.19 -1.47
C6 JCW ZA . 0.35 -37.23 -1.96
C2 JCW ZA . -1.13 -37.31 -2.05
N JCW ZA . -1.62 -37.84 -3.19
C1 JCW ZA . -2.95 -38.08 -3.25
C3 JCW ZA . -1.97 -36.94 -0.99
C4 JCW ZA . -3.33 -37.15 -1.09
C5 JCW ZA . -4.30 -36.70 -0.01
O JCW ZA . -3.86 -36.25 1.07
N1 JCW ZA . -5.59 -36.79 -0.25
C JCW ZA . -3.83 -37.76 -2.23
N2 JCW ZA . 2.41 -36.09 -1.41
C9 JCW ZA . 3.10 -37.15 -1.86
C8 JCW ZA . 2.51 -38.30 -2.36
C7 JCW ZA . 1.12 -38.31 -2.42
C11 JCW ZA . 3.25 -39.55 -2.78
C16 JCW ZA . 4.76 -39.42 -3.08
C15 JCW ZA . 5.41 -40.79 -2.85
C14 JCW ZA . 4.79 -41.60 -3.98
N3 JCW ZA . 4.82 -39.33 -4.55
C13 JCW ZA . 4.03 -40.55 -4.80
C12 JCW ZA . 2.72 -40.21 -4.09
C1 EDO AB . 26.22 -38.03 -6.05
O1 EDO AB . 26.18 -38.24 -4.64
C2 EDO AB . 27.59 -38.41 -6.58
O2 EDO AB . 27.40 -39.20 -7.76
C1 EDO BB . 14.07 -39.74 -3.78
O1 EDO BB . 14.65 -40.89 -4.45
C2 EDO BB . 12.97 -39.20 -4.65
O2 EDO BB . 13.54 -38.99 -5.96
C1 EDO CB . 24.22 -33.57 -7.98
O1 EDO CB . 25.52 -33.98 -7.51
C2 EDO CB . 23.92 -33.92 -9.43
O2 EDO CB . 24.91 -34.83 -9.95
C1 EDO DB . 0.75 -24.94 -6.56
O1 EDO DB . -0.58 -24.46 -6.31
C2 EDO DB . 0.76 -26.45 -6.44
O2 EDO DB . 1.55 -27.00 -7.51
C1 EDO EB . -7.04 -37.38 -4.16
O1 EDO EB . -7.13 -36.24 -3.30
C2 EDO EB . -6.86 -36.93 -5.61
O2 EDO EB . -5.59 -37.34 -6.13
C1 NAG FB . -1.62 -6.67 -36.93
C2 NAG FB . -0.69 -5.50 -37.30
C3 NAG FB . -1.43 -4.61 -38.29
C4 NAG FB . -1.45 -5.36 -39.62
C5 NAG FB . -1.77 -6.88 -39.49
C6 NAG FB . -0.64 -7.70 -40.13
C7 NAG FB . 1.11 -4.65 -35.79
C8 NAG FB . 2.20 -5.38 -36.54
N2 NAG FB . -0.19 -4.75 -36.16
O3 NAG FB . -0.78 -3.35 -38.46
O4 NAG FB . -2.39 -4.72 -40.50
O5 NAG FB . -2.02 -7.37 -38.14
O6 NAG FB . -0.97 -9.08 -40.17
O7 NAG FB . 1.39 -3.99 -34.82
F JCW GB . 13.40 -23.18 22.10
C10 JCW GB . 13.95 -24.39 22.20
C6 JCW GB . 13.57 -25.19 23.28
C2 JCW GB . 12.56 -24.91 24.33
N JCW GB . 11.80 -25.96 24.70
C1 JCW GB . 11.02 -25.81 25.77
C3 JCW GB . 12.49 -23.67 24.98
C4 JCW GB . 11.65 -23.53 26.08
C5 JCW GB . 11.45 -22.20 26.79
O JCW GB . 12.24 -21.29 26.60
N1 JCW GB . 10.40 -22.07 27.57
C JCW GB . 10.92 -24.63 26.50
N2 JCW GB . 14.81 -24.67 21.25
C9 JCW GB . 15.40 -25.86 21.35
C8 JCW GB . 15.18 -26.77 22.38
C7 JCW GB . 14.25 -26.41 23.33
C11 JCW GB . 15.90 -28.08 22.60
C16 JCW GB . 16.76 -28.62 21.44
C15 JCW GB . 17.81 -29.57 22.02
C14 JCW GB . 16.94 -30.73 22.52
N3 JCW GB . 15.86 -29.60 20.79
C13 JCW GB . 15.55 -30.36 22.01
C12 JCW GB . 14.95 -29.27 22.89
C1 EDO HB . 28.27 -36.60 5.02
O1 EDO HB . 29.27 -35.59 5.26
C2 EDO HB . 28.71 -37.57 3.94
O2 EDO HB . 29.71 -38.48 4.42
C1 EDO IB . 20.55 -32.29 14.90
O1 EDO IB . 20.60 -33.15 13.76
C2 EDO IB . 21.92 -32.26 15.55
O2 EDO IB . 22.78 -33.34 15.11
C1 EDO JB . 24.06 -34.51 2.77
O1 EDO JB . 25.34 -34.78 2.18
C2 EDO JB . 23.12 -35.72 2.74
O2 EDO JB . 23.75 -36.97 2.36
C1 EDO KB . 6.25 -20.26 13.40
O1 EDO KB . 5.36 -20.24 14.53
C2 EDO KB . 6.67 -21.70 13.10
O2 EDO KB . 6.61 -22.53 14.29
C1 EDO LB . 6.88 -24.15 27.11
O1 EDO LB . 6.88 -23.53 28.41
C2 EDO LB . 7.28 -25.61 27.25
O2 EDO LB . 6.88 -26.35 26.11
C1 EDO MB . -4.56 -33.01 15.62
O1 EDO MB . -3.47 -33.19 14.69
C2 EDO MB . -4.93 -34.32 16.32
O2 EDO MB . -4.64 -34.34 17.74
C1 NAG NB . -22.33 -29.97 -5.49
C2 NAG NB . -22.83 -29.38 -6.81
C3 NAG NB . -24.14 -28.66 -6.47
C4 NAG NB . -25.15 -29.66 -5.88
C5 NAG NB . -24.58 -30.67 -4.86
C6 NAG NB . -25.44 -31.94 -4.93
C7 NAG NB . -20.99 -28.85 -8.44
C8 NAG NB . -20.92 -30.26 -8.95
N2 NAG NB . -21.87 -28.49 -7.47
O3 NAG NB . -24.66 -28.01 -7.65
O4 NAG NB . -26.21 -28.94 -5.23
O5 NAG NB . -23.20 -31.04 -5.07
O6 NAG NB . -25.16 -32.82 -3.84
O7 NAG NB . -20.24 -28.00 -8.91
F JCW OB . 32.32 -3.08 12.52
C10 JCW OB . 33.11 -3.99 13.09
C6 JCW OB . 33.81 -3.65 14.28
C2 JCW OB . 33.70 -2.43 15.13
N JCW OB . 33.78 -2.63 16.46
C1 JCW OB . 33.86 -1.55 17.24
C3 JCW OB . 33.64 -1.16 14.56
C4 JCW OB . 33.69 -0.04 15.40
C5 JCW OB . 33.60 1.35 14.82
O JCW OB . 33.34 1.50 13.63
N1 JCW OB . 33.80 2.37 15.64
C JCW OB . 33.83 -0.25 16.77
N2 JCW OB . 33.22 -5.09 12.41
C9 JCW OB . 34.13 -5.96 12.85
C8 JCW OB . 34.94 -5.77 13.97
C7 JCW OB . 34.74 -4.60 14.67
C11 JCW OB . 36.07 -6.66 14.43
C16 JCW OB . 36.10 -8.10 13.89
C15 JCW OB . 37.54 -8.61 13.94
C14 JCW OB . 37.79 -8.67 15.45
N3 JCW OB . 35.49 -8.87 15.00
C13 JCW OB . 36.41 -8.37 16.05
C12 JCW OB . 36.13 -6.88 15.96
C1 EDO PB . 36.72 -29.31 6.61
O1 EDO PB . 37.15 -30.39 5.79
C2 EDO PB . 36.11 -28.18 5.76
O2 EDO PB . 36.99 -27.78 4.70
C1 EDO QB . 36.35 -15.89 11.25
O1 EDO QB . 35.70 -16.92 11.99
C2 EDO QB . 37.20 -16.58 10.21
O2 EDO QB . 38.15 -17.47 10.82
C1 EDO RB . 31.10 -27.82 8.00
O1 EDO RB . 32.01 -28.84 8.45
C2 EDO RB . 31.40 -27.37 6.56
O2 EDO RB . 31.86 -28.45 5.70
C1 EDO SB . 21.77 -4.37 14.34
O1 EDO SB . 20.75 -4.19 13.35
C2 EDO SB . 22.53 -5.64 14.00
O2 EDO SB . 21.64 -6.75 14.11
C1 EDO TB . 31.83 1.67 19.06
O1 EDO TB . 30.56 2.11 19.54
C2 EDO TB . 32.39 0.69 20.09
O2 EDO TB . 31.46 -0.29 20.51
C1 EDO UB . 19.91 -7.99 29.85
O1 EDO UB . 21.22 -7.40 29.94
C2 EDO UB . 19.99 -9.53 29.85
O2 EDO UB . 19.85 -10.09 28.52
C1 NAG VB . -6.53 -16.66 33.07
C2 NAG VB . -7.73 -17.59 32.90
C3 NAG VB . -8.92 -16.91 33.57
C4 NAG VB . -8.60 -16.63 35.05
C5 NAG VB . -7.24 -15.95 35.27
C6 NAG VB . -6.86 -15.88 36.75
C7 NAG VB . -8.20 -17.31 30.44
C8 NAG VB . -8.38 -18.05 29.12
N2 NAG VB . -7.94 -18.07 31.53
O3 NAG VB . -10.08 -17.73 33.48
O4 NAG VB . -9.61 -15.77 35.62
O5 NAG VB . -6.23 -16.61 34.49
O6 NAG VB . -6.80 -17.18 37.35
O7 NAG VB . -8.27 -16.10 30.50
F JCW WB . 31.00 -2.46 -16.43
C10 JCW WB . 32.23 -2.96 -16.23
C6 JCW WB . 33.33 -2.13 -16.53
C2 JCW WB . 33.36 -0.73 -17.03
N JCW WB . 34.39 0.02 -16.60
C1 JCW WB . 34.51 1.26 -17.12
C3 JCW WB . 32.43 -0.26 -17.95
C4 JCW WB . 32.56 1.02 -18.47
C5 JCW WB . 31.56 1.59 -19.43
O JCW WB . 30.65 0.86 -19.89
N1 JCW WB . 31.67 2.87 -19.76
C JCW WB . 33.65 1.79 -18.06
N2 JCW WB . 32.25 -4.19 -15.82
C9 JCW WB . 33.47 -4.73 -15.67
C8 JCW WB . 34.66 -4.09 -15.96
C7 JCW WB . 34.56 -2.78 -16.39
C11 JCW WB . 36.03 -4.72 -16.04
C16 JCW WB . 36.27 -5.91 -15.14
C15 JCW WB . 37.41 -6.74 -15.72
C14 JCW WB . 38.61 -5.83 -15.50
N3 JCW WB . 36.92 -5.29 -13.97
C13 JCW WB . 38.01 -4.66 -14.72
C12 JCW WB . 37.22 -3.79 -15.68
C1 EDO XB . 39.44 -25.83 -3.55
O1 EDO XB . 40.43 -26.80 -3.94
C2 EDO XB . 39.18 -24.81 -4.66
O2 EDO XB . 38.60 -25.41 -5.83
C1 EDO YB . 38.10 -14.68 -11.57
O1 EDO YB . 39.51 -15.00 -11.51
C2 EDO YB . 37.86 -13.24 -11.19
O2 EDO YB . 38.00 -13.24 -9.77
C1 EDO ZB . 36.83 -21.24 -0.78
O1 EDO ZB . 37.94 -22.10 -0.41
C2 EDO ZB . 35.88 -22.01 -1.69
O2 EDO ZB . 35.91 -23.41 -1.34
C1 EDO AC . 25.47 0.91 -7.50
O1 EDO AC . 24.07 1.15 -7.26
C2 EDO AC . 25.80 -0.54 -7.20
O2 EDO AC . 27.07 -0.59 -6.56
C1 EDO BC . 33.01 6.02 -16.80
O1 EDO BC . 32.09 5.22 -17.53
C2 EDO BC . 34.34 5.33 -16.57
O2 EDO BC . 34.60 4.94 -15.22
C1 EDO CC . 35.88 9.21 2.00
O1 EDO CC . 35.64 7.89 1.50
C2 EDO CC . 36.99 9.97 1.27
O2 EDO CC . 36.69 10.03 -0.12
C1 NAG DC . 23.31 14.92 25.27
C2 NAG DC . 22.55 14.94 26.59
C3 NAG DC . 22.92 16.22 27.38
C4 NAG DC . 24.44 16.32 27.61
C5 NAG DC . 25.27 15.91 26.39
C6 NAG DC . 25.99 14.56 26.60
C7 NAG DC . 20.45 13.64 26.28
C8 NAG DC . 18.98 13.72 25.98
N2 NAG DC . 21.11 14.81 26.32
O3 NAG DC . 22.28 16.24 28.66
O4 NAG DC . 24.77 17.67 27.99
O5 NAG DC . 24.40 15.87 25.23
O6 NAG DC . 27.14 14.69 27.43
O7 NAG DC . 20.97 12.55 26.49
F JCW EC . 11.32 -22.23 -24.59
C10 JCW EC . 12.45 -22.74 -25.07
C6 JCW EC . 12.58 -22.82 -26.46
C2 JCW EC . 11.70 -22.24 -27.50
N JCW EC . 12.34 -21.70 -28.58
C1 JCW EC . 11.57 -21.27 -29.59
C3 JCW EC . 10.30 -22.31 -27.44
C4 JCW EC . 9.54 -21.84 -28.50
C5 JCW EC . 8.03 -21.83 -28.44
O JCW EC . 7.46 -22.26 -27.44
N1 JCW EC . 7.37 -21.33 -29.47
C JCW EC . 10.19 -21.33 -29.61
N2 JCW EC . 13.26 -23.20 -24.16
C9 JCW EC . 14.32 -23.89 -24.62
C8 JCW EC . 14.59 -24.11 -25.96
C7 JCW EC . 13.70 -23.55 -26.86
C11 JCW EC . 15.69 -25.00 -26.50
C16 JCW EC . 16.90 -25.19 -25.57
C15 JCW EC . 17.62 -26.47 -25.97
C14 JCW EC . 18.25 -26.06 -27.32
N3 JCW EC . 17.83 -24.14 -26.04
C13 JCW EC . 17.84 -24.60 -27.44
C12 JCW EC . 16.37 -24.53 -27.81
C1 EDO FC . 34.25 -31.41 -11.59
O1 EDO FC . 35.00 -32.35 -12.41
C2 EDO FC . 32.94 -30.97 -12.24
O2 EDO FC . 31.88 -31.85 -11.82
C1 EDO GC . 23.87 -28.82 -20.29
O1 EDO GC . 24.98 -29.38 -21.04
C2 EDO GC . 23.44 -27.53 -20.97
O2 EDO GC . 24.39 -26.58 -20.49
C1 EDO HC . 32.62 -25.05 -11.71
O1 EDO HC . 33.83 -25.79 -11.98
C2 EDO HC . 31.57 -25.97 -11.12
O2 EDO HC . 32.16 -26.66 -10.00
C1 EDO IC . 13.57 -12.94 -19.56
O1 EDO IC . 13.98 -12.99 -20.94
C2 EDO IC . 12.04 -12.84 -19.53
O2 EDO IC . 11.67 -11.47 -19.57
C1 EDO JC . 9.02 -18.45 -31.98
O1 EDO JC . 8.35 -17.94 -30.82
C2 EDO JC . 10.19 -17.53 -32.32
O2 EDO JC . 11.38 -17.86 -31.61
C1 EDO KC . 21.26 -2.99 -31.01
O1 EDO KC . 20.44 -4.11 -31.35
C2 EDO KC . 22.36 -3.41 -30.03
O2 EDO KC . 21.81 -4.09 -28.88
C1 NAG LC . 26.36 20.64 -17.90
C2 NAG LC . 26.62 21.66 -16.78
C3 NAG LC . 25.83 22.91 -17.19
C4 NAG LC . 26.42 23.45 -18.49
C5 NAG LC . 26.56 22.38 -19.60
C6 NAG LC . 27.53 22.85 -20.70
C7 NAG LC . 27.19 20.51 -14.61
C8 NAG LC . 28.63 20.30 -15.01
N2 NAG LC . 26.32 21.14 -15.44
O3 NAG LC . 25.84 23.93 -16.18
O4 NAG LC . 25.58 24.54 -18.94
O5 NAG LC . 27.03 21.11 -19.10
O6 NAG LC . 27.66 21.86 -21.72
O7 NAG LC . 26.80 20.12 -13.51
#